data_3RR3
#
_entry.id   3RR3
#
_cell.length_a   180.615
_cell.length_b   134.549
_cell.length_c   122.775
_cell.angle_alpha   90.00
_cell.angle_beta   90.00
_cell.angle_gamma   90.00
#
_symmetry.space_group_name_H-M   'P 21 21 2'
#
loop_
_entity.id
_entity.type
_entity.pdbx_description
1 polymer 'Prostaglandin G/H synthase 2'
2 non-polymer 2-acetamido-2-deoxy-beta-D-glucopyranose
3 non-polymer 'PROTOPORPHYRIN IX CONTAINING FE'
4 non-polymer '(2R)-2-(3-fluoro-4-phenyl-phenyl)propanoic acid'
5 non-polymer 'octyl beta-D-glucopyranoside'
6 water water
#
_entity_poly.entity_id   1
_entity_poly.type   'polypeptide(L)'
_entity_poly.pdbx_seq_one_letter_code
;ANPCCSNPCQNRGECMSTGFDQYKCDCTRTGFYGENCTTPEFLTRIKLLLKPTPNTVHYILTHFKGVWNIVNNIPFLRSL
IMKYVLTSRSYLIDSPPTYNVHYGYKSWEAFSNLSYYTRALPPVADDCPTPMGVKGNKELPDSKEVLEKVLLRREFIPDP
QGSNMMFAFFAQHFTHQFFKTDHKRGPGFTRGLGHGVDLNHIYGETLDRQHKLRLFKDGKLKYQVIGGEVYPPTVKDTQV
EMIYPPHIPENLQFAVGQEVFGLVPGLMMYATIWLREHNRVCDILKQEHPEWGDEQLFQTSRLILIGETIKIVIEDYVQH
LSGYHFKLKFDPELLFNQQFQYQNRIASEFNTLYHWHPLLPDTFNIEDQEYSFKQFLYNNSILLEHGLTQFVESFTRQIA
GRVAGGRNVPIAVQAVAKASIDQSREMKYQSLNEYRKRFSLKPYTSFEELTGEKEMAAELKALYSDIDVMELYPALLVEK
PRPDAIFGETMVELGAPFSLKGLMGNPICSPQYWKPSTFGGEVGFKIINTASIQSLICNNVKGCPFTSFNVQDPQPTKTA
;
_entity_poly.pdbx_strand_id   A,B,C,D
#
# COMPACT_ATOMS: atom_id res chain seq x y z
N ALA A 1 13.10 1.60 28.66
CA ALA A 1 12.64 0.45 27.88
C ALA A 1 11.87 0.93 26.64
N ASN A 2 10.66 1.45 26.86
CA ASN A 2 9.85 2.01 25.78
C ASN A 2 10.67 2.95 24.91
N PRO A 3 10.97 2.52 23.68
CA PRO A 3 11.88 3.22 22.78
C PRO A 3 11.39 4.62 22.41
N CYS A 4 10.17 4.95 22.83
CA CYS A 4 9.56 6.24 22.50
C CYS A 4 9.81 7.28 23.59
N CYS A 5 10.40 6.83 24.70
CA CYS A 5 10.62 7.67 25.86
C CYS A 5 11.34 8.98 25.57
N SER A 6 12.29 8.96 24.65
CA SER A 6 13.11 10.14 24.37
C SER A 6 12.36 11.21 23.58
N ASN A 7 11.08 10.96 23.29
CA ASN A 7 10.28 11.89 22.51
C ASN A 7 11.01 12.32 21.23
N PRO A 8 11.50 11.33 20.46
CA PRO A 8 12.34 11.58 19.28
C PRO A 8 11.64 12.26 18.13
N CYS A 9 10.35 12.00 17.97
CA CYS A 9 9.60 12.55 16.84
C CYS A 9 9.36 14.05 16.99
N GLN A 10 9.65 14.81 15.95
CA GLN A 10 9.57 16.26 16.00
C GLN A 10 8.41 16.81 15.17
N ASN A 11 8.19 18.12 15.28
CA ASN A 11 7.17 18.81 14.50
C ASN A 11 5.77 18.21 14.46
N ARG A 12 5.38 17.56 15.56
CA ARG A 12 4.02 17.06 15.74
C ARG A 12 3.79 15.70 15.09
N GLY A 13 4.85 15.09 14.55
CA GLY A 13 4.78 13.71 14.12
C GLY A 13 4.56 12.79 15.32
N GLU A 14 4.03 11.60 15.09
CA GLU A 14 3.70 10.71 16.19
C GLU A 14 4.66 9.52 16.26
N CYS A 15 5.12 9.21 17.47
CA CYS A 15 6.06 8.12 17.65
C CYS A 15 5.38 6.83 18.04
N MET A 16 5.77 5.74 17.38
CA MET A 16 5.20 4.43 17.65
C MET A 16 6.30 3.38 17.77
N SER A 17 6.19 2.51 18.77
CA SER A 17 7.20 1.48 18.97
C SER A 17 7.07 0.34 17.98
N THR A 18 8.17 -0.05 17.35
CA THR A 18 8.15 -1.13 16.35
C THR A 18 9.05 -2.30 16.74
N GLY A 19 8.83 -2.84 17.94
CA GLY A 19 9.72 -3.86 18.47
C GLY A 19 10.26 -3.27 19.76
N PHE A 20 10.80 -4.12 20.62
CA PHE A 20 11.19 -3.67 21.96
C PHE A 20 12.16 -2.49 21.98
N ASP A 21 13.02 -2.39 20.96
CA ASP A 21 14.13 -1.42 21.01
C ASP A 21 14.23 -0.47 19.81
N GLN A 22 13.20 -0.43 18.97
CA GLN A 22 13.20 0.49 17.83
C GLN A 22 11.87 1.25 17.74
N TYR A 23 11.87 2.36 17.02
CA TYR A 23 10.66 3.18 16.88
C TYR A 23 10.45 3.64 15.45
N LYS A 24 9.29 4.22 15.18
CA LYS A 24 9.01 4.82 13.87
C LYS A 24 8.18 6.08 14.04
N CYS A 25 8.40 7.04 13.14
CA CYS A 25 7.66 8.29 13.20
C CYS A 25 6.67 8.40 12.07
N ASP A 26 5.46 8.81 12.42
CA ASP A 26 4.43 9.00 11.42
C ASP A 26 4.42 10.48 11.06
N CYS A 27 5.03 10.80 9.94
CA CYS A 27 5.24 12.20 9.61
C CYS A 27 4.07 12.79 8.84
N THR A 28 2.98 12.03 8.80
CA THR A 28 1.82 12.42 8.00
C THR A 28 1.35 13.84 8.30
N ARG A 29 1.17 14.60 7.22
CA ARG A 29 0.63 15.96 7.26
C ARG A 29 1.43 17.00 8.08
N THR A 30 2.65 16.66 8.48
CA THR A 30 3.44 17.59 9.28
C THR A 30 4.17 18.64 8.46
N GLY A 31 4.45 18.33 7.20
CA GLY A 31 5.24 19.22 6.37
C GLY A 31 6.71 18.86 6.44
N PHE A 32 7.01 17.79 7.17
CA PHE A 32 8.36 17.28 7.30
C PHE A 32 8.41 15.81 6.90
N TYR A 33 9.62 15.27 6.81
CA TYR A 33 9.83 13.83 6.64
C TYR A 33 11.17 13.45 7.24
N GLY A 34 11.56 12.19 7.11
CA GLY A 34 12.82 11.75 7.69
C GLY A 34 12.61 10.97 8.95
N GLU A 35 13.67 10.37 9.48
CA GLU A 35 13.53 9.45 10.60
C GLU A 35 12.78 10.09 11.77
N ASN A 36 12.92 11.40 11.94
CA ASN A 36 12.33 12.11 13.07
C ASN A 36 11.37 13.23 12.68
N CYS A 37 11.12 13.38 11.39
CA CYS A 37 10.26 14.46 10.92
C CYS A 37 10.96 15.78 11.13
N THR A 38 12.29 15.75 11.00
CA THR A 38 13.12 16.93 11.16
C THR A 38 13.42 17.67 9.86
N THR A 39 13.41 16.96 8.73
CA THR A 39 13.74 17.59 7.46
C THR A 39 12.50 18.05 6.70
N PRO A 40 12.43 19.35 6.41
CA PRO A 40 11.27 20.05 5.86
C PRO A 40 11.02 19.77 4.38
N GLU A 41 9.75 19.70 4.01
CA GLU A 41 9.37 19.71 2.61
C GLU A 41 9.68 21.10 2.06
N PHE A 42 9.49 21.29 0.77
CA PHE A 42 9.88 22.56 0.18
C PHE A 42 9.05 23.73 0.73
N LEU A 43 7.76 23.69 0.48
CA LEU A 43 6.86 24.77 0.92
C LEU A 43 7.07 25.07 2.41
N THR A 44 7.51 24.08 3.17
CA THR A 44 7.74 24.25 4.59
C THR A 44 8.92 25.20 4.82
N ARG A 45 10.01 24.99 4.09
CA ARG A 45 11.16 25.89 4.18
C ARG A 45 10.76 27.34 3.97
N ILE A 46 9.85 27.58 3.03
CA ILE A 46 9.36 28.93 2.77
C ILE A 46 8.50 29.47 3.92
N LYS A 47 7.49 28.70 4.32
CA LYS A 47 6.65 29.07 5.46
C LYS A 47 7.51 29.44 6.67
N LEU A 48 8.58 28.68 6.91
CA LEU A 48 9.49 28.94 8.03
C LEU A 48 10.26 30.27 7.90
N LEU A 49 10.74 30.57 6.70
CA LEU A 49 11.47 31.81 6.48
C LEU A 49 10.54 33.03 6.53
N LEU A 50 9.25 32.78 6.60
CA LEU A 50 8.27 33.87 6.60
C LEU A 50 7.47 33.97 7.90
N LYS A 51 7.70 33.04 8.83
CA LYS A 51 6.96 33.03 10.08
C LYS A 51 7.67 33.94 11.08
N PRO A 52 7.07 35.11 11.33
CA PRO A 52 7.62 36.01 12.36
C PRO A 52 7.50 35.29 13.68
N THR A 53 8.45 35.48 14.60
CA THR A 53 8.34 34.82 15.90
C THR A 53 7.23 35.41 16.75
N PRO A 54 6.75 34.64 17.74
CA PRO A 54 5.77 35.14 18.68
C PRO A 54 6.13 36.52 19.21
N ASN A 55 7.38 36.69 19.64
CA ASN A 55 7.76 37.98 20.21
C ASN A 55 7.71 39.12 19.20
N THR A 56 8.10 38.83 17.96
CA THR A 56 8.04 39.83 16.90
C THR A 56 6.60 40.30 16.73
N VAL A 57 5.72 39.33 16.45
CA VAL A 57 4.30 39.59 16.32
C VAL A 57 3.76 40.33 17.55
N HIS A 58 4.26 39.96 18.72
CA HIS A 58 3.80 40.59 19.95
C HIS A 58 4.22 42.05 20.03
N TYR A 59 5.41 42.36 19.54
CA TYR A 59 5.86 43.74 19.53
C TYR A 59 4.91 44.55 18.63
N ILE A 60 4.77 44.10 17.40
CA ILE A 60 3.94 44.80 16.42
C ILE A 60 2.55 45.07 16.97
N LEU A 61 2.03 44.15 17.76
CA LEU A 61 0.66 44.23 18.25
C LEU A 61 0.49 45.22 19.42
N THR A 62 1.60 45.53 20.09
CA THR A 62 1.56 46.38 21.28
C THR A 62 2.19 47.75 21.07
N HIS A 63 2.64 48.00 19.84
CA HIS A 63 3.17 49.31 19.45
C HIS A 63 2.36 49.86 18.29
N PHE A 64 2.78 51.01 17.74
CA PHE A 64 2.12 51.60 16.59
C PHE A 64 0.65 51.91 16.88
N LYS A 65 0.39 52.33 18.12
CA LYS A 65 -0.98 52.62 18.56
C LYS A 65 -1.75 53.48 17.56
N GLY A 66 -1.04 54.38 16.89
CA GLY A 66 -1.64 55.23 15.88
C GLY A 66 -2.17 54.44 14.69
N VAL A 67 -1.41 53.46 14.23
CA VAL A 67 -1.80 52.65 13.08
C VAL A 67 -2.98 51.75 13.42
N TRP A 68 -2.86 51.04 14.53
CA TRP A 68 -3.95 50.18 14.96
C TRP A 68 -5.22 50.97 15.10
N ASN A 69 -5.12 52.16 15.67
CA ASN A 69 -6.29 53.02 15.82
C ASN A 69 -7.02 53.24 14.50
N ILE A 70 -6.27 53.26 13.41
CA ILE A 70 -6.84 53.41 12.07
C ILE A 70 -7.44 52.10 11.59
N VAL A 71 -6.68 51.02 11.76
CA VAL A 71 -7.14 49.69 11.36
C VAL A 71 -8.44 49.35 12.08
N ASN A 72 -8.51 49.66 13.36
CA ASN A 72 -9.66 49.31 14.17
C ASN A 72 -10.95 49.95 13.65
N ASN A 73 -10.82 50.90 12.75
CA ASN A 73 -12.00 51.59 12.19
C ASN A 73 -12.23 51.29 10.72
N ILE A 74 -11.52 50.29 10.22
CA ILE A 74 -11.76 49.70 8.90
C ILE A 74 -12.27 48.26 9.08
N PRO A 75 -13.60 48.09 9.11
CA PRO A 75 -14.22 46.77 9.30
C PRO A 75 -13.57 45.66 8.47
N PHE A 76 -13.43 45.91 7.17
CA PHE A 76 -12.84 44.95 6.24
C PHE A 76 -11.51 44.40 6.72
N LEU A 77 -10.82 45.19 7.54
CA LEU A 77 -9.47 44.87 7.98
C LEU A 77 -9.47 44.25 9.37
N ARG A 78 -10.23 44.85 10.27
CA ARG A 78 -10.40 44.33 11.62
C ARG A 78 -10.86 42.88 11.51
N SER A 79 -11.91 42.68 10.72
CA SER A 79 -12.44 41.35 10.50
C SER A 79 -11.37 40.45 9.92
N LEU A 80 -10.65 40.95 8.92
CA LEU A 80 -9.64 40.14 8.25
C LEU A 80 -8.57 39.69 9.22
N ILE A 81 -8.24 40.56 10.18
CA ILE A 81 -7.21 40.25 11.17
C ILE A 81 -7.73 39.25 12.20
N MET A 82 -8.90 39.54 12.75
CA MET A 82 -9.51 38.67 13.76
C MET A 82 -9.68 37.27 13.20
N LYS A 83 -10.16 37.17 11.98
CA LYS A 83 -10.29 35.90 11.30
C LYS A 83 -8.95 35.17 11.34
N TYR A 84 -7.89 35.85 10.95
CA TYR A 84 -6.58 35.20 10.97
C TYR A 84 -6.21 34.72 12.39
N VAL A 85 -6.34 35.58 13.40
CA VAL A 85 -5.97 35.15 14.75
C VAL A 85 -6.74 33.89 15.15
N LEU A 86 -8.04 33.88 14.89
CA LEU A 86 -8.88 32.75 15.20
C LEU A 86 -8.40 31.45 14.53
N THR A 87 -8.18 31.48 13.22
CA THR A 87 -7.88 30.24 12.50
C THR A 87 -6.48 29.72 12.77
N SER A 88 -5.54 30.65 12.88
CA SER A 88 -4.14 30.31 13.06
C SER A 88 -3.87 29.78 14.46
N ARG A 89 -4.64 30.24 15.44
CA ARG A 89 -4.48 29.74 16.81
C ARG A 89 -5.06 28.35 16.88
N SER A 90 -6.24 28.20 16.30
CA SER A 90 -7.00 26.97 16.39
C SER A 90 -6.32 25.76 15.78
N TYR A 91 -5.64 25.94 14.64
CA TYR A 91 -5.04 24.77 14.00
C TYR A 91 -3.98 24.15 14.92
N LEU A 92 -3.76 24.78 16.07
CA LEU A 92 -2.79 24.32 17.07
C LEU A 92 -3.38 23.28 18.01
N ILE A 93 -4.70 23.15 18.02
CA ILE A 93 -5.36 22.20 18.91
C ILE A 93 -5.90 20.98 18.14
N ASP A 94 -5.76 19.80 18.74
CA ASP A 94 -6.32 18.60 18.13
C ASP A 94 -7.82 18.56 18.36
N SER A 95 -8.61 18.64 17.29
CA SER A 95 -10.05 18.54 17.42
C SER A 95 -10.66 17.74 16.30
N PRO A 96 -11.25 16.57 16.61
CA PRO A 96 -11.49 15.97 17.93
C PRO A 96 -10.23 15.62 18.67
N PRO A 97 -10.35 15.50 19.99
CA PRO A 97 -9.24 15.26 20.92
C PRO A 97 -8.61 13.89 20.79
N THR A 98 -7.46 13.76 21.45
CA THR A 98 -6.63 12.58 21.43
C THR A 98 -6.01 12.58 22.81
N TYR A 99 -5.36 11.49 23.21
CA TYR A 99 -4.51 11.49 24.44
C TYR A 99 -5.14 12.01 25.73
N ASN A 100 -4.97 11.25 26.80
CA ASN A 100 -5.30 11.75 28.12
C ASN A 100 -4.35 11.12 29.11
N VAL A 101 -4.54 11.40 30.41
CA VAL A 101 -3.62 10.90 31.44
C VAL A 101 -3.19 9.46 31.23
N HIS A 102 -4.12 8.63 30.77
CA HIS A 102 -3.91 7.18 30.74
C HIS A 102 -3.55 6.66 29.36
N TYR A 103 -3.71 7.50 28.34
CA TYR A 103 -3.52 7.05 26.96
C TYR A 103 -2.56 7.97 26.20
N GLY A 104 -1.38 7.43 25.88
CA GLY A 104 -0.37 8.12 25.10
C GLY A 104 -0.40 7.68 23.65
N TYR A 105 -1.27 6.72 23.35
CA TYR A 105 -1.57 6.36 21.97
C TYR A 105 -3.04 6.72 21.77
N LYS A 106 -3.51 6.71 20.53
CA LYS A 106 -4.76 7.40 20.17
C LYS A 106 -6.08 6.84 20.70
N SER A 107 -6.29 5.52 20.71
CA SER A 107 -7.45 4.88 21.41
C SER A 107 -8.90 5.50 21.50
N TRP A 108 -9.92 4.64 21.42
CA TRP A 108 -11.32 5.07 21.54
C TRP A 108 -11.75 5.47 22.95
N GLU A 109 -11.16 4.84 23.96
CA GLU A 109 -11.54 5.14 25.33
C GLU A 109 -11.21 6.58 25.58
N ALA A 110 -10.06 6.98 25.06
CA ALA A 110 -9.59 8.34 25.22
C ALA A 110 -10.55 9.33 24.59
N PHE A 111 -10.98 9.03 23.37
CA PHE A 111 -11.92 9.90 22.69
C PHE A 111 -13.30 9.94 23.36
N SER A 112 -13.83 8.79 23.75
CA SER A 112 -15.24 8.72 24.12
C SER A 112 -15.50 9.21 25.54
N ASN A 113 -14.51 9.02 26.41
CA ASN A 113 -14.68 9.22 27.84
C ASN A 113 -14.58 10.70 28.23
N LEU A 114 -15.73 11.30 28.48
CA LEU A 114 -15.78 12.73 28.73
C LEU A 114 -15.28 13.08 30.11
N SER A 115 -15.00 12.08 30.92
CA SER A 115 -14.58 12.33 32.30
C SER A 115 -13.11 12.77 32.42
N TYR A 116 -12.32 12.51 31.40
CA TYR A 116 -10.93 12.93 31.41
C TYR A 116 -10.80 14.35 30.88
N TYR A 117 -9.87 15.13 31.42
CA TYR A 117 -9.37 16.30 30.71
C TYR A 117 -8.56 15.72 29.58
N THR A 118 -8.58 16.34 28.42
CA THR A 118 -7.75 15.83 27.32
C THR A 118 -6.35 16.35 27.50
N ARG A 119 -5.46 16.00 26.60
CA ARG A 119 -4.06 16.30 26.83
C ARG A 119 -3.32 16.69 25.55
N ALA A 120 -2.80 17.92 25.52
CA ALA A 120 -2.12 18.48 24.35
C ALA A 120 -0.84 17.70 23.95
N LEU A 121 -0.12 17.20 24.93
CA LEU A 121 0.93 16.22 24.65
C LEU A 121 0.69 14.98 25.48
N PRO A 122 0.96 13.82 24.89
CA PRO A 122 0.76 12.56 25.60
C PRO A 122 1.58 12.53 26.87
N PRO A 123 1.17 11.74 27.85
CA PRO A 123 1.97 11.56 29.05
C PRO A 123 3.23 10.76 28.75
N VAL A 124 4.15 10.78 29.69
CA VAL A 124 5.40 10.06 29.60
C VAL A 124 5.13 8.66 30.06
N ALA A 125 5.53 7.68 29.25
CA ALA A 125 5.20 6.28 29.53
C ALA A 125 5.62 5.87 30.94
N ASP A 126 4.82 5.02 31.56
CA ASP A 126 5.04 4.69 32.96
C ASP A 126 6.38 4.00 33.18
N ASP A 127 6.95 3.46 32.10
CA ASP A 127 8.17 2.68 32.21
C ASP A 127 9.38 3.39 31.58
N CYS A 128 9.33 4.71 31.48
CA CYS A 128 10.48 5.47 31.08
C CYS A 128 11.43 5.55 32.26
N PRO A 129 12.75 5.64 32.01
CA PRO A 129 13.74 5.62 33.09
C PRO A 129 13.70 6.89 33.95
N THR A 130 13.53 8.05 33.33
CA THR A 130 13.42 9.30 34.06
C THR A 130 12.02 9.88 33.87
N PRO A 131 11.59 10.73 34.82
CA PRO A 131 10.28 11.39 34.83
C PRO A 131 9.96 12.16 33.55
N MET A 132 10.97 12.76 32.94
CA MET A 132 10.77 13.47 31.69
C MET A 132 11.17 12.61 30.49
N GLY A 133 11.23 11.30 30.72
CA GLY A 133 11.58 10.38 29.68
C GLY A 133 12.99 9.84 29.85
N VAL A 134 13.97 10.58 29.32
CA VAL A 134 15.33 10.09 29.32
C VAL A 134 16.32 11.07 29.98
N LYS A 135 16.09 12.36 29.81
CA LYS A 135 16.97 13.38 30.38
C LYS A 135 16.71 13.60 31.87
N GLY A 136 17.76 14.01 32.58
CA GLY A 136 17.63 14.36 33.99
C GLY A 136 17.90 13.22 34.96
N ASN A 137 17.77 13.51 36.25
CA ASN A 137 18.08 12.53 37.28
C ASN A 137 16.90 11.63 37.52
N LYS A 138 17.12 10.54 38.25
CA LYS A 138 16.06 9.58 38.58
C LYS A 138 14.81 10.27 39.15
N GLU A 139 15.00 11.42 39.78
CA GLU A 139 13.93 12.11 40.49
C GLU A 139 13.93 13.61 40.23
N LEU A 140 12.75 14.17 40.07
CA LEU A 140 12.62 15.62 39.95
C LEU A 140 12.95 16.33 41.27
N PRO A 141 13.42 17.58 41.19
CA PRO A 141 13.74 18.37 42.38
C PRO A 141 12.61 18.38 43.38
N ASP A 142 12.93 18.52 44.67
CA ASP A 142 11.90 18.55 45.72
C ASP A 142 10.91 19.69 45.47
N SER A 143 9.64 19.35 45.35
CA SER A 143 8.64 20.36 45.08
C SER A 143 8.65 21.49 46.12
N LYS A 144 8.72 21.14 47.40
CA LYS A 144 8.84 22.14 48.48
C LYS A 144 9.98 23.11 48.17
N GLU A 145 11.11 22.57 47.72
CA GLU A 145 12.27 23.37 47.39
C GLU A 145 12.00 24.33 46.24
N VAL A 146 11.41 23.85 45.15
CA VAL A 146 11.13 24.73 44.01
C VAL A 146 10.15 25.83 44.43
N LEU A 147 9.10 25.42 45.12
CA LEU A 147 8.09 26.32 45.65
C LEU A 147 8.75 27.50 46.37
N GLU A 148 9.51 27.17 47.41
CA GLU A 148 10.11 28.14 48.30
C GLU A 148 11.20 28.99 47.65
N LYS A 149 12.05 28.38 46.83
CA LYS A 149 13.15 29.10 46.20
C LYS A 149 12.74 30.08 45.10
N VAL A 150 11.82 29.69 44.20
CA VAL A 150 11.45 30.58 43.09
C VAL A 150 9.97 31.02 42.99
N LEU A 151 9.07 30.34 43.70
CA LEU A 151 7.65 30.63 43.54
C LEU A 151 7.07 31.58 44.58
N LEU A 152 7.21 31.22 45.86
CA LEU A 152 6.60 32.00 46.95
C LEU A 152 6.90 33.49 46.89
N ARG A 153 6.02 34.28 47.47
CA ARG A 153 6.13 35.71 47.40
C ARG A 153 6.85 36.28 48.62
N ARG A 154 7.85 37.13 48.39
CA ARG A 154 8.44 37.88 49.48
C ARG A 154 7.65 39.16 49.60
N GLU A 155 7.93 40.05 48.66
CA GLU A 155 7.27 41.34 48.57
C GLU A 155 6.25 41.27 47.43
N PHE A 156 5.05 41.77 47.67
CA PHE A 156 4.00 41.75 46.65
C PHE A 156 4.45 42.52 45.42
N ILE A 157 4.29 41.88 44.26
CA ILE A 157 4.67 42.47 42.99
C ILE A 157 3.46 42.76 42.13
N PRO A 158 3.06 44.03 42.05
CA PRO A 158 1.87 44.38 41.28
C PRO A 158 2.07 44.10 39.80
N ASP A 159 0.97 43.82 39.10
CA ASP A 159 0.99 43.67 37.65
C ASP A 159 1.20 45.03 36.97
N PRO A 160 2.26 45.15 36.16
CA PRO A 160 2.48 46.38 35.40
C PRO A 160 1.34 46.72 34.42
N GLN A 161 0.45 45.78 34.15
CA GLN A 161 -0.61 46.01 33.17
C GLN A 161 -1.89 46.58 33.76
N GLY A 162 -1.95 46.66 35.09
CA GLY A 162 -3.07 47.27 35.75
C GLY A 162 -4.24 46.34 36.04
N SER A 163 -4.06 45.04 35.79
CA SER A 163 -5.10 44.07 36.15
C SER A 163 -5.53 44.32 37.58
N ASN A 164 -6.83 44.46 37.78
CA ASN A 164 -7.36 44.68 39.12
C ASN A 164 -8.00 43.43 39.69
N MET A 165 -8.81 43.58 40.73
CA MET A 165 -9.46 42.42 41.32
C MET A 165 -10.73 42.04 40.60
N MET A 166 -11.31 42.98 39.85
CA MET A 166 -12.45 42.61 39.00
C MET A 166 -11.93 41.59 38.01
N PHE A 167 -10.74 41.84 37.49
CA PHE A 167 -10.17 40.94 36.50
C PHE A 167 -9.85 39.59 37.15
N ALA A 168 -9.24 39.61 38.31
CA ALA A 168 -8.82 38.35 38.92
C ALA A 168 -10.01 37.50 39.29
N PHE A 169 -11.05 38.10 39.85
CA PHE A 169 -12.21 37.29 40.22
C PHE A 169 -13.05 36.86 39.03
N PHE A 170 -13.06 37.64 37.97
CA PHE A 170 -13.78 37.24 36.77
C PHE A 170 -13.07 36.03 36.20
N ALA A 171 -11.74 36.09 36.15
CA ALA A 171 -10.94 34.96 35.69
C ALA A 171 -11.28 33.72 36.50
N GLN A 172 -11.29 33.86 37.82
CA GLN A 172 -11.60 32.71 38.66
C GLN A 172 -13.04 32.21 38.50
N HIS A 173 -14.00 33.11 38.51
CA HIS A 173 -15.40 32.74 38.29
C HIS A 173 -15.61 32.08 36.92
N PHE A 174 -15.13 32.71 35.87
CA PHE A 174 -15.32 32.20 34.50
C PHE A 174 -14.70 30.83 34.27
N THR A 175 -13.42 30.67 34.60
CA THR A 175 -12.74 29.41 34.35
C THR A 175 -13.28 28.26 35.19
N HIS A 176 -13.89 28.57 36.34
CA HIS A 176 -14.40 27.50 37.21
C HIS A 176 -15.72 26.81 36.74
N GLN A 177 -16.11 27.04 35.49
CA GLN A 177 -17.21 26.29 34.93
C GLN A 177 -16.64 25.16 34.11
N PHE A 178 -15.40 25.29 33.69
CA PHE A 178 -14.79 24.22 32.91
C PHE A 178 -13.50 23.62 33.48
N PHE A 179 -12.97 24.23 34.54
CA PHE A 179 -11.96 23.57 35.37
C PHE A 179 -12.67 23.11 36.61
N LYS A 180 -12.97 21.83 36.70
CA LYS A 180 -13.68 21.29 37.85
C LYS A 180 -13.18 19.90 38.14
N THR A 181 -11.96 19.83 38.62
CA THR A 181 -11.33 18.54 38.85
C THR A 181 -12.15 17.67 39.80
N ASP A 182 -12.23 16.40 39.44
CA ASP A 182 -12.97 15.38 40.17
C ASP A 182 -11.98 14.65 41.03
N HIS A 183 -11.90 15.00 42.29
CA HIS A 183 -10.82 14.46 43.11
C HIS A 183 -11.07 13.01 43.55
N LYS A 184 -12.32 12.58 43.47
CA LYS A 184 -12.66 11.19 43.71
C LYS A 184 -11.90 10.32 42.70
N ARG A 185 -11.62 10.88 41.52
CA ARG A 185 -11.00 10.15 40.41
C ARG A 185 -9.49 10.34 40.33
N GLY A 186 -9.05 11.59 40.47
CA GLY A 186 -7.65 11.92 40.27
C GLY A 186 -7.52 13.24 39.53
N PRO A 187 -6.33 13.83 39.57
CA PRO A 187 -6.19 14.99 38.69
C PRO A 187 -6.24 14.41 37.30
N GLY A 188 -6.61 15.21 36.32
CA GLY A 188 -6.76 14.62 35.00
C GLY A 188 -8.17 14.16 34.71
N PHE A 189 -9.03 14.13 35.72
CA PHE A 189 -10.46 13.88 35.56
C PHE A 189 -11.29 15.11 35.87
N THR A 190 -12.25 15.42 35.01
CA THR A 190 -13.08 16.59 35.19
C THR A 190 -14.53 16.24 35.54
N ARG A 191 -15.22 17.18 36.17
CA ARG A 191 -16.62 17.01 36.53
C ARG A 191 -17.51 17.85 35.61
N GLY A 192 -16.88 18.74 34.84
CA GLY A 192 -17.59 19.56 33.87
C GLY A 192 -17.63 18.91 32.50
N LEU A 193 -18.66 18.10 32.28
CA LEU A 193 -18.73 17.29 31.08
C LEU A 193 -19.17 18.10 29.88
N GLY A 194 -19.45 19.37 30.11
CA GLY A 194 -19.74 20.28 29.02
C GLY A 194 -18.47 20.65 28.25
N HIS A 195 -17.33 20.48 28.90
CA HIS A 195 -16.05 20.81 28.30
C HIS A 195 -16.09 22.14 27.55
N GLY A 196 -16.47 23.21 28.26
CA GLY A 196 -16.53 24.52 27.65
C GLY A 196 -17.46 25.46 28.35
N VAL A 197 -17.80 26.55 27.66
CA VAL A 197 -18.60 27.61 28.23
C VAL A 197 -20.08 27.32 28.12
N ASP A 198 -20.58 26.51 29.03
CA ASP A 198 -22.00 26.21 29.06
C ASP A 198 -22.75 26.84 30.23
N LEU A 199 -22.08 27.73 30.95
CA LEU A 199 -22.63 28.37 32.15
C LEU A 199 -23.18 27.40 33.21
N ASN A 200 -22.56 26.23 33.34
CA ASN A 200 -22.96 25.33 34.40
C ASN A 200 -22.72 25.91 35.79
N HIS A 201 -21.87 26.92 35.89
CA HIS A 201 -21.53 27.48 37.19
C HIS A 201 -22.65 28.40 37.69
N ILE A 202 -23.52 28.80 36.78
CA ILE A 202 -24.70 29.57 37.12
C ILE A 202 -25.88 28.60 37.26
N TYR A 203 -26.01 27.73 36.26
CA TYR A 203 -27.22 26.92 36.13
C TYR A 203 -27.14 25.51 36.75
N GLY A 204 -25.94 25.00 36.95
CA GLY A 204 -25.79 23.67 37.52
C GLY A 204 -25.41 22.66 36.46
N GLU A 205 -24.60 21.68 36.84
CA GLU A 205 -24.10 20.68 35.89
C GLU A 205 -25.20 19.69 35.49
N THR A 206 -26.04 19.32 36.45
CA THR A 206 -27.10 18.35 36.20
C THR A 206 -28.46 18.98 36.07
N LEU A 207 -29.41 18.24 35.51
CA LEU A 207 -30.78 18.71 35.36
C LEU A 207 -31.42 18.82 36.74
N ASP A 208 -31.14 17.83 37.57
CA ASP A 208 -31.72 17.79 38.89
C ASP A 208 -31.36 19.04 39.68
N ARG A 209 -30.13 19.51 39.54
CA ARG A 209 -29.65 20.66 40.29
C ARG A 209 -30.23 21.95 39.72
N GLN A 210 -30.27 22.04 38.40
CA GLN A 210 -30.80 23.23 37.77
C GLN A 210 -32.23 23.46 38.24
N HIS A 211 -33.03 22.42 38.28
CA HIS A 211 -34.42 22.55 38.69
C HIS A 211 -34.54 23.11 40.11
N LYS A 212 -33.61 22.75 40.98
CA LYS A 212 -33.65 23.23 42.35
C LYS A 212 -33.33 24.73 42.43
N LEU A 213 -32.54 25.24 41.49
CA LEU A 213 -32.17 26.66 41.47
C LEU A 213 -33.20 27.49 40.72
N ARG A 214 -34.16 26.83 40.10
CA ARG A 214 -35.10 27.48 39.20
C ARG A 214 -36.39 27.89 39.93
N LEU A 215 -37.03 28.92 39.41
CA LEU A 215 -38.23 29.48 40.03
C LEU A 215 -39.48 28.93 39.35
N PHE A 216 -39.31 28.55 38.09
CA PHE A 216 -40.42 28.06 37.27
C PHE A 216 -41.53 29.08 37.08
N LYS A 217 -41.10 30.33 36.91
CA LYS A 217 -41.99 31.44 36.67
C LYS A 217 -41.18 32.41 35.85
N ASP A 218 -41.65 32.71 34.65
CA ASP A 218 -40.98 33.69 33.81
C ASP A 218 -39.55 33.32 33.46
N GLY A 219 -39.21 32.05 33.61
CA GLY A 219 -37.90 31.54 33.25
C GLY A 219 -36.80 31.86 34.23
N LYS A 220 -37.17 32.37 35.41
CA LYS A 220 -36.20 32.97 36.35
C LYS A 220 -35.48 32.01 37.30
N LEU A 221 -34.32 32.44 37.78
CA LEU A 221 -33.64 31.72 38.84
C LEU A 221 -34.20 32.17 40.19
N LYS A 222 -34.32 31.23 41.13
CA LYS A 222 -34.73 31.56 42.47
C LYS A 222 -33.77 32.59 43.05
N TYR A 223 -34.28 33.48 43.89
CA TYR A 223 -33.44 34.48 44.56
C TYR A 223 -34.10 34.95 45.85
N GLN A 224 -33.35 35.64 46.70
CA GLN A 224 -33.91 36.30 47.90
C GLN A 224 -33.62 37.79 47.92
N VAL A 225 -34.39 38.53 48.72
CA VAL A 225 -34.08 39.94 48.92
C VAL A 225 -33.61 40.22 50.35
N ILE A 226 -32.44 40.82 50.45
CA ILE A 226 -31.82 41.19 51.70
C ILE A 226 -31.42 42.66 51.59
N GLY A 227 -31.83 43.48 52.54
CA GLY A 227 -31.81 44.92 52.32
C GLY A 227 -32.86 45.15 51.27
N GLY A 228 -32.52 45.86 50.21
CA GLY A 228 -33.43 45.94 49.08
C GLY A 228 -32.80 45.23 47.89
N GLU A 229 -31.91 44.30 48.18
CA GLU A 229 -30.99 43.80 47.16
C GLU A 229 -31.20 42.32 46.84
N VAL A 230 -30.90 41.95 45.59
CA VAL A 230 -31.07 40.56 45.15
C VAL A 230 -29.78 39.76 45.33
N TYR A 231 -29.90 38.65 46.04
CA TYR A 231 -28.81 37.72 46.22
C TYR A 231 -29.36 36.33 45.93
N PRO A 232 -28.48 35.35 45.73
CA PRO A 232 -28.95 33.99 45.49
C PRO A 232 -29.73 33.44 46.68
N PRO A 233 -30.53 32.41 46.47
CA PRO A 233 -31.32 31.80 47.54
C PRO A 233 -30.45 30.95 48.49
N THR A 234 -31.05 30.47 49.57
CA THR A 234 -30.29 29.70 50.56
C THR A 234 -30.22 28.23 50.21
N VAL A 235 -29.23 27.55 50.75
CA VAL A 235 -29.15 26.11 50.65
C VAL A 235 -30.37 25.54 51.33
N LYS A 236 -30.81 26.18 52.40
CA LYS A 236 -32.01 25.73 53.10
C LYS A 236 -33.27 25.77 52.24
N ASP A 237 -33.41 26.84 51.46
CA ASP A 237 -34.60 27.00 50.62
C ASP A 237 -34.62 26.05 49.43
N THR A 238 -33.44 25.72 48.91
CA THR A 238 -33.34 25.00 47.64
C THR A 238 -32.86 23.58 47.78
N GLN A 239 -32.18 23.29 48.89
CA GLN A 239 -31.59 21.98 49.10
C GLN A 239 -30.51 21.64 48.09
N VAL A 240 -29.93 22.64 47.44
CA VAL A 240 -28.85 22.32 46.54
C VAL A 240 -27.54 22.18 47.32
N GLU A 241 -26.82 21.10 47.06
CA GLU A 241 -25.60 20.83 47.79
C GLU A 241 -24.56 21.92 47.52
N MET A 242 -24.04 22.51 48.58
CA MET A 242 -22.98 23.53 48.47
C MET A 242 -21.92 23.16 49.46
N ILE A 243 -20.69 23.62 49.20
CA ILE A 243 -19.59 23.38 50.11
C ILE A 243 -19.38 24.58 51.05
N TYR A 244 -19.68 24.37 52.32
CA TYR A 244 -19.49 25.37 53.33
C TYR A 244 -18.93 24.73 54.59
N PRO A 245 -18.02 25.42 55.28
CA PRO A 245 -17.56 24.94 56.58
C PRO A 245 -18.75 24.83 57.52
N PRO A 246 -18.70 23.90 58.48
CA PRO A 246 -19.87 23.62 59.34
C PRO A 246 -20.28 24.80 60.21
N HIS A 247 -19.41 25.77 60.37
CA HIS A 247 -19.74 26.89 61.25
C HIS A 247 -20.56 28.01 60.58
N ILE A 248 -20.90 27.84 59.31
CA ILE A 248 -21.57 28.91 58.57
C ILE A 248 -23.07 28.99 58.83
N PRO A 249 -23.54 30.15 59.30
CA PRO A 249 -24.96 30.32 59.63
C PRO A 249 -25.87 30.01 58.44
N GLU A 250 -27.00 29.39 58.72
CA GLU A 250 -27.87 28.90 57.67
C GLU A 250 -28.28 29.95 56.63
N ASN A 251 -28.51 31.18 57.07
CA ASN A 251 -28.94 32.23 56.14
C ASN A 251 -27.83 32.80 55.27
N LEU A 252 -26.63 32.27 55.43
CA LEU A 252 -25.48 32.76 54.67
C LEU A 252 -24.96 31.68 53.71
N GLN A 253 -25.58 30.52 53.75
CA GLN A 253 -25.27 29.47 52.80
C GLN A 253 -25.99 29.71 51.49
N PHE A 254 -25.30 30.35 50.55
CA PHE A 254 -25.87 30.69 49.25
C PHE A 254 -25.76 29.54 48.25
N ALA A 255 -26.66 29.49 47.27
CA ALA A 255 -26.78 28.36 46.35
C ALA A 255 -26.05 28.46 44.98
N VAL A 256 -26.50 29.36 44.11
CA VAL A 256 -25.72 29.69 42.88
C VAL A 256 -25.40 28.59 41.86
N GLY A 257 -25.00 27.39 42.29
CA GLY A 257 -24.92 26.31 41.33
C GLY A 257 -23.57 25.87 40.79
N GLN A 258 -22.51 26.52 41.21
CA GLN A 258 -21.20 25.89 41.23
C GLN A 258 -20.91 25.69 42.73
N GLU A 259 -20.86 24.44 43.20
CA GLU A 259 -20.83 24.16 44.63
C GLU A 259 -19.69 24.83 45.41
N VAL A 260 -18.64 25.21 44.70
CA VAL A 260 -17.47 25.74 45.36
C VAL A 260 -17.51 27.25 45.59
N PHE A 261 -18.46 27.94 44.96
CA PHE A 261 -18.46 29.41 44.90
C PHE A 261 -18.81 30.14 46.18
N GLY A 262 -19.10 29.39 47.25
CA GLY A 262 -19.39 30.00 48.53
C GLY A 262 -18.13 30.36 49.30
N LEU A 263 -16.99 29.87 48.83
CA LEU A 263 -15.77 29.99 49.59
C LEU A 263 -14.98 31.28 49.32
N VAL A 264 -15.56 32.20 48.56
CA VAL A 264 -14.89 33.46 48.30
C VAL A 264 -15.90 34.51 47.89
N PRO A 265 -15.98 35.60 48.64
CA PRO A 265 -16.95 36.66 48.33
C PRO A 265 -16.81 37.20 46.90
N GLY A 266 -15.59 37.22 46.38
CA GLY A 266 -15.36 37.69 45.02
C GLY A 266 -16.06 36.82 43.98
N LEU A 267 -16.09 35.52 44.24
CA LEU A 267 -16.84 34.57 43.43
C LEU A 267 -18.32 34.80 43.63
N MET A 268 -18.74 34.77 44.88
CA MET A 268 -20.14 35.03 45.20
C MET A 268 -20.65 36.35 44.66
N MET A 269 -19.74 37.30 44.42
CA MET A 269 -20.13 38.56 43.81
C MET A 269 -20.58 38.37 42.36
N TYR A 270 -19.70 37.87 41.52
CA TYR A 270 -20.09 37.52 40.15
C TYR A 270 -21.31 36.59 40.07
N ALA A 271 -21.34 35.54 40.89
CA ALA A 271 -22.48 34.66 40.91
C ALA A 271 -23.77 35.46 41.00
N THR A 272 -23.73 36.49 41.85
CA THR A 272 -24.91 37.32 42.08
C THR A 272 -25.21 38.18 40.85
N ILE A 273 -24.21 38.91 40.40
CA ILE A 273 -24.32 39.69 39.17
C ILE A 273 -24.98 38.85 38.04
N TRP A 274 -24.43 37.68 37.77
CA TRP A 274 -24.95 36.86 36.68
C TRP A 274 -26.38 36.38 36.93
N LEU A 275 -26.66 35.97 38.15
CA LEU A 275 -28.01 35.60 38.52
C LEU A 275 -28.95 36.78 38.25
N ARG A 276 -28.57 37.97 38.70
CA ARG A 276 -29.35 39.16 38.39
C ARG A 276 -29.53 39.39 36.88
N GLU A 277 -28.47 39.16 36.13
CA GLU A 277 -28.49 39.33 34.67
C GLU A 277 -29.48 38.38 33.98
N HIS A 278 -29.52 37.14 34.46
CA HIS A 278 -30.41 36.16 33.89
C HIS A 278 -31.86 36.64 34.07
N ASN A 279 -32.22 36.95 35.29
CA ASN A 279 -33.59 37.36 35.57
C ASN A 279 -33.92 38.64 34.83
N ARG A 280 -32.90 39.47 34.60
CA ARG A 280 -33.06 40.68 33.80
C ARG A 280 -33.42 40.34 32.35
N VAL A 281 -32.68 39.39 31.77
CA VAL A 281 -32.92 39.00 30.40
C VAL A 281 -34.31 38.36 30.28
N CYS A 282 -34.73 37.64 31.33
CA CYS A 282 -36.06 37.03 31.37
C CYS A 282 -37.18 38.07 31.28
N ASP A 283 -37.05 39.14 32.05
CA ASP A 283 -38.06 40.19 32.03
C ASP A 283 -38.15 40.80 30.64
N ILE A 284 -37.01 40.85 29.94
CA ILE A 284 -36.95 41.37 28.58
C ILE A 284 -37.63 40.43 27.60
N LEU A 285 -37.25 39.16 27.65
CA LEU A 285 -37.84 38.16 26.79
C LEU A 285 -39.34 38.04 27.03
N LYS A 286 -39.78 38.09 28.27
CA LYS A 286 -41.21 38.04 28.59
C LYS A 286 -41.98 39.21 27.97
N GLN A 287 -41.32 40.35 27.80
CA GLN A 287 -42.00 41.48 27.20
C GLN A 287 -42.16 41.29 25.70
N GLU A 288 -41.12 40.82 25.03
CA GLU A 288 -41.17 40.52 23.59
C GLU A 288 -41.98 39.26 23.25
N HIS A 289 -42.28 38.45 24.27
CA HIS A 289 -42.93 37.18 24.07
C HIS A 289 -43.89 36.85 25.20
N PRO A 290 -45.01 37.57 25.25
CA PRO A 290 -46.06 37.27 26.24
C PRO A 290 -46.59 35.84 26.09
N GLU A 291 -46.50 35.25 24.89
CA GLU A 291 -46.99 33.88 24.68
C GLU A 291 -46.05 32.78 25.15
N TRP A 292 -44.80 33.13 25.46
CA TRP A 292 -43.82 32.14 25.89
C TRP A 292 -44.05 31.70 27.33
N GLY A 293 -43.88 30.41 27.55
CA GLY A 293 -44.00 29.85 28.89
C GLY A 293 -42.68 29.89 29.63
N ASP A 294 -42.69 29.33 30.84
CA ASP A 294 -41.53 29.32 31.69
C ASP A 294 -40.29 28.66 31.07
N GLU A 295 -40.42 27.45 30.52
CA GLU A 295 -39.23 26.74 29.99
C GLU A 295 -38.48 27.49 28.90
N GLN A 296 -39.21 28.00 27.91
CA GLN A 296 -38.54 28.65 26.80
C GLN A 296 -37.91 29.98 27.22
N LEU A 297 -38.56 30.70 28.11
CA LEU A 297 -37.95 31.89 28.68
C LEU A 297 -36.62 31.53 29.31
N PHE A 298 -36.63 30.55 30.21
CA PHE A 298 -35.39 30.10 30.82
C PHE A 298 -34.36 29.65 29.79
N GLN A 299 -34.74 28.75 28.89
CA GLN A 299 -33.77 28.21 27.93
C GLN A 299 -33.19 29.30 27.04
N THR A 300 -34.03 30.16 26.49
CA THR A 300 -33.53 31.27 25.69
C THR A 300 -32.60 32.18 26.49
N SER A 301 -32.96 32.51 27.72
CA SER A 301 -32.08 33.34 28.53
C SER A 301 -30.68 32.72 28.70
N ARG A 302 -30.63 31.44 29.06
CA ARG A 302 -29.34 30.77 29.17
C ARG A 302 -28.54 30.86 27.88
N LEU A 303 -29.21 30.77 26.75
CA LEU A 303 -28.49 30.90 25.48
C LEU A 303 -27.93 32.30 25.30
N ILE A 304 -28.69 33.30 25.73
CA ILE A 304 -28.23 34.68 25.66
C ILE A 304 -27.05 34.93 26.59
N LEU A 305 -27.18 34.56 27.87
CA LEU A 305 -26.05 34.70 28.80
C LEU A 305 -24.78 34.01 28.32
N ILE A 306 -24.91 32.86 27.65
CA ILE A 306 -23.74 32.20 27.06
C ILE A 306 -23.11 33.13 26.03
N GLY A 307 -23.95 33.72 25.19
CA GLY A 307 -23.48 34.70 24.22
C GLY A 307 -22.73 35.82 24.92
N GLU A 308 -23.41 36.46 25.88
CA GLU A 308 -22.83 37.56 26.63
C GLU A 308 -21.48 37.18 27.20
N THR A 309 -21.37 35.97 27.70
CA THR A 309 -20.14 35.56 28.34
C THR A 309 -19.01 35.55 27.33
N ILE A 310 -19.23 34.90 26.20
CA ILE A 310 -18.19 34.83 25.18
C ILE A 310 -17.86 36.21 24.63
N LYS A 311 -18.89 37.00 24.34
CA LYS A 311 -18.68 38.37 23.90
C LYS A 311 -17.72 39.13 24.83
N ILE A 312 -18.02 39.10 26.12
CA ILE A 312 -17.25 39.78 27.16
C ILE A 312 -15.87 39.14 27.31
N VAL A 313 -15.82 37.82 27.33
CA VAL A 313 -14.54 37.14 27.51
C VAL A 313 -13.54 37.51 26.42
N ILE A 314 -14.02 37.72 25.19
CA ILE A 314 -13.11 38.06 24.09
C ILE A 314 -12.81 39.54 24.00
N GLU A 315 -13.86 40.36 23.98
CA GLU A 315 -13.68 41.79 23.76
C GLU A 315 -13.26 42.64 24.99
N ASP A 316 -13.34 42.11 26.20
CA ASP A 316 -12.88 42.83 27.38
C ASP A 316 -11.77 42.13 28.17
N TYR A 317 -12.03 40.89 28.55
CA TYR A 317 -11.11 40.10 29.36
C TYR A 317 -9.85 39.80 28.57
N VAL A 318 -9.97 39.00 27.52
CA VAL A 318 -8.83 38.71 26.65
C VAL A 318 -8.21 40.01 26.12
N GLN A 319 -9.04 40.92 25.64
CA GLN A 319 -8.55 42.21 25.17
C GLN A 319 -7.58 42.77 26.15
N HIS A 320 -7.99 42.91 27.40
CA HIS A 320 -7.12 43.45 28.43
C HIS A 320 -5.86 42.64 28.68
N LEU A 321 -5.97 41.33 28.86
CA LEU A 321 -4.78 40.59 29.25
C LEU A 321 -3.80 40.46 28.10
N SER A 322 -4.28 40.70 26.88
CA SER A 322 -3.41 40.58 25.71
C SER A 322 -2.43 41.76 25.63
N GLY A 323 -2.94 42.96 25.91
CA GLY A 323 -2.18 44.18 25.81
C GLY A 323 -2.20 44.77 24.41
N TYR A 324 -2.91 44.11 23.50
CA TYR A 324 -2.92 44.52 22.10
C TYR A 324 -3.60 45.86 21.92
N HIS A 325 -3.15 46.62 20.94
CA HIS A 325 -3.84 47.85 20.55
C HIS A 325 -4.95 47.53 19.54
N PHE A 326 -4.82 46.36 18.91
CA PHE A 326 -5.81 45.88 17.95
C PHE A 326 -7.04 45.53 18.74
N LYS A 327 -8.20 45.93 18.24
CA LYS A 327 -9.47 45.65 18.92
C LYS A 327 -10.07 44.29 18.50
N LEU A 328 -9.85 43.27 19.32
CA LEU A 328 -10.39 41.92 19.09
C LEU A 328 -11.90 41.93 18.85
N LYS A 329 -12.39 40.89 18.18
CA LYS A 329 -13.81 40.86 17.81
C LYS A 329 -14.44 39.49 18.09
N PHE A 330 -15.63 39.52 18.69
CA PHE A 330 -16.44 38.31 18.78
C PHE A 330 -17.45 38.31 17.63
N ASP A 331 -17.16 37.53 16.59
CA ASP A 331 -18.04 37.47 15.43
C ASP A 331 -17.99 36.09 14.81
N PRO A 332 -18.93 35.21 15.18
CA PRO A 332 -18.96 33.84 14.67
C PRO A 332 -18.88 33.75 13.15
N GLU A 333 -19.35 34.78 12.42
CA GLU A 333 -19.40 34.77 10.96
C GLU A 333 -18.01 34.76 10.33
N LEU A 334 -17.01 35.16 11.09
CA LEU A 334 -15.66 35.19 10.61
C LEU A 334 -15.20 33.79 10.29
N LEU A 335 -15.88 32.81 10.87
CA LEU A 335 -15.47 31.42 10.72
C LEU A 335 -16.32 30.63 9.72
N PHE A 336 -17.41 31.23 9.24
CA PHE A 336 -18.38 30.52 8.41
C PHE A 336 -17.85 30.07 7.05
N ASN A 337 -16.74 30.67 6.61
CA ASN A 337 -16.12 30.28 5.34
C ASN A 337 -14.77 29.61 5.55
N GLN A 338 -14.50 29.18 6.79
CA GLN A 338 -13.24 28.54 7.15
C GLN A 338 -13.45 27.10 7.65
N GLN A 339 -12.38 26.31 7.64
CA GLN A 339 -12.42 25.01 8.30
C GLN A 339 -12.23 25.19 9.79
N PHE A 340 -13.24 24.78 10.57
CA PHE A 340 -13.21 24.95 12.01
C PHE A 340 -14.17 23.96 12.64
N GLN A 341 -13.77 23.34 13.75
CA GLN A 341 -14.63 22.36 14.41
C GLN A 341 -15.44 22.95 15.57
N TYR A 342 -16.76 22.98 15.43
CA TYR A 342 -17.60 23.48 16.50
C TYR A 342 -17.76 22.44 17.62
N GLN A 343 -16.64 22.02 18.17
CA GLN A 343 -16.60 21.18 19.37
C GLN A 343 -15.35 21.54 20.17
N ASN A 344 -15.25 21.03 21.39
CA ASN A 344 -14.11 21.32 22.24
C ASN A 344 -13.97 20.37 23.41
N ARG A 345 -12.73 20.21 23.91
CA ARG A 345 -12.46 19.37 25.06
C ARG A 345 -11.37 20.01 25.91
N ILE A 346 -11.65 20.30 27.18
CA ILE A 346 -10.65 21.06 27.94
C ILE A 346 -9.44 20.22 28.31
N ALA A 347 -8.27 20.78 28.02
CA ALA A 347 -7.02 20.06 28.18
C ALA A 347 -6.51 20.22 29.58
N SER A 348 -5.91 19.16 30.12
CA SER A 348 -5.25 19.25 31.42
C SER A 348 -4.28 20.42 31.46
N GLU A 349 -3.44 20.56 30.43
CA GLU A 349 -2.46 21.64 30.40
C GLU A 349 -3.09 23.03 30.43
N PHE A 350 -4.29 23.18 29.90
CA PHE A 350 -4.96 24.47 29.98
C PHE A 350 -5.26 24.76 31.44
N ASN A 351 -5.81 23.77 32.12
CA ASN A 351 -6.07 23.86 33.56
C ASN A 351 -4.79 24.28 34.26
N THR A 352 -3.74 23.49 34.11
CA THR A 352 -2.45 23.78 34.73
C THR A 352 -1.95 25.22 34.51
N LEU A 353 -1.85 25.65 33.27
CA LEU A 353 -1.35 26.99 32.98
C LEU A 353 -2.22 28.11 33.58
N TYR A 354 -3.50 27.82 33.79
CA TYR A 354 -4.45 28.84 34.26
C TYR A 354 -4.47 29.01 35.78
N HIS A 355 -3.56 28.37 36.50
CA HIS A 355 -3.43 28.61 37.93
C HIS A 355 -2.73 29.91 38.26
N TRP A 356 -3.48 31.00 38.09
CA TRP A 356 -2.97 32.36 38.23
C TRP A 356 -3.05 32.96 39.64
N HIS A 357 -2.62 32.20 40.65
CA HIS A 357 -2.70 32.66 42.03
C HIS A 357 -1.85 33.89 42.36
N PRO A 358 -0.73 34.08 41.63
CA PRO A 358 -0.01 35.35 41.78
C PRO A 358 -0.92 36.59 41.67
N LEU A 359 -2.07 36.47 41.02
CA LEU A 359 -2.97 37.61 40.91
C LEU A 359 -3.42 38.10 42.29
N LEU A 360 -3.52 37.19 43.24
CA LEU A 360 -4.08 37.51 44.56
C LEU A 360 -3.21 38.46 45.36
N PRO A 361 -3.84 39.39 46.07
CA PRO A 361 -3.15 40.35 46.94
C PRO A 361 -2.85 39.75 48.32
N ASP A 362 -2.25 40.54 49.21
CA ASP A 362 -1.94 40.04 50.54
C ASP A 362 -3.12 40.25 51.45
N THR A 363 -3.87 41.31 51.15
CA THR A 363 -5.14 41.57 51.81
C THR A 363 -6.21 42.01 50.79
N PHE A 364 -7.46 41.77 51.10
CA PHE A 364 -8.52 42.18 50.20
C PHE A 364 -9.11 43.49 50.67
N ASN A 365 -8.91 44.54 49.88
CA ASN A 365 -9.33 45.88 50.29
C ASN A 365 -10.69 46.24 49.75
N ILE A 366 -11.72 46.04 50.56
CA ILE A 366 -13.08 46.39 50.19
C ILE A 366 -13.39 47.79 50.72
N GLU A 367 -12.81 48.74 49.99
CA GLU A 367 -12.62 50.14 50.38
C GLU A 367 -13.21 50.47 51.73
N ASP A 368 -12.31 50.86 52.64
CA ASP A 368 -12.58 51.09 54.06
C ASP A 368 -11.72 50.12 54.84
N GLN A 369 -12.00 48.83 54.65
CA GLN A 369 -11.36 47.77 55.41
C GLN A 369 -10.35 46.95 54.60
N GLU A 370 -9.56 46.15 55.30
CA GLU A 370 -8.54 45.33 54.68
C GLU A 370 -8.62 43.96 55.31
N TYR A 371 -8.95 42.95 54.52
CA TYR A 371 -9.18 41.62 55.06
C TYR A 371 -8.07 40.68 54.68
N SER A 372 -7.70 39.81 55.60
CA SER A 372 -6.75 38.74 55.33
C SER A 372 -7.51 37.58 54.70
N PHE A 373 -6.76 36.61 54.21
CA PHE A 373 -7.36 35.41 53.69
C PHE A 373 -8.31 34.76 54.68
N LYS A 374 -7.87 34.62 55.93
CA LYS A 374 -8.67 33.94 56.92
C LYS A 374 -10.00 34.65 57.09
N GLN A 375 -9.97 35.98 57.05
CA GLN A 375 -11.18 36.79 57.19
C GLN A 375 -12.08 36.67 55.95
N PHE A 376 -11.46 36.66 54.78
CA PHE A 376 -12.18 36.66 53.51
C PHE A 376 -12.86 35.34 53.17
N LEU A 377 -12.14 34.22 53.32
CA LEU A 377 -12.64 32.91 52.95
C LEU A 377 -14.00 32.54 53.54
N TYR A 378 -14.83 31.88 52.72
CA TYR A 378 -16.17 31.46 53.10
C TYR A 378 -16.93 32.46 53.98
N ASN A 379 -16.71 33.75 53.73
CA ASN A 379 -17.31 34.77 54.56
C ASN A 379 -18.20 35.72 53.78
N ASN A 380 -19.40 35.25 53.44
CA ASN A 380 -20.34 36.03 52.65
C ASN A 380 -20.90 37.26 53.38
N SER A 381 -20.82 37.25 54.70
CA SER A 381 -21.37 38.38 55.45
C SER A 381 -20.67 39.66 55.04
N ILE A 382 -19.42 39.54 54.63
CA ILE A 382 -18.68 40.68 54.06
C ILE A 382 -19.42 41.21 52.83
N LEU A 383 -19.83 40.31 51.93
CA LEU A 383 -20.60 40.72 50.76
C LEU A 383 -21.87 41.44 51.18
N LEU A 384 -22.60 40.88 52.13
CA LEU A 384 -23.82 41.53 52.63
C LEU A 384 -23.58 42.89 53.29
N GLU A 385 -22.52 43.00 54.09
CA GLU A 385 -22.21 44.25 54.80
C GLU A 385 -22.01 45.40 53.83
N HIS A 386 -21.12 45.20 52.86
CA HIS A 386 -20.75 46.26 51.93
C HIS A 386 -21.71 46.44 50.73
N GLY A 387 -22.32 45.36 50.26
CA GLY A 387 -23.18 45.44 49.10
C GLY A 387 -22.40 45.29 47.83
N LEU A 388 -23.08 45.13 46.70
CA LEU A 388 -22.37 44.88 45.45
C LEU A 388 -21.64 46.13 44.98
N THR A 389 -22.28 47.28 45.15
CA THR A 389 -21.72 48.52 44.63
C THR A 389 -20.33 48.79 45.19
N GLN A 390 -20.22 49.03 46.49
CA GLN A 390 -18.92 48.95 47.15
C GLN A 390 -18.54 47.50 46.94
N PHE A 391 -17.38 47.22 46.38
CA PHE A 391 -17.02 45.86 45.96
C PHE A 391 -16.63 45.98 44.52
N VAL A 392 -17.61 46.25 43.67
CA VAL A 392 -17.27 46.68 42.32
C VAL A 392 -16.32 47.89 42.43
N GLU A 393 -16.76 48.91 43.14
CA GLU A 393 -15.95 50.12 43.25
C GLU A 393 -14.58 49.75 43.83
N SER A 394 -14.59 49.02 44.93
CA SER A 394 -13.34 48.65 45.61
C SER A 394 -12.44 47.74 44.77
N PHE A 395 -13.04 46.75 44.10
CA PHE A 395 -12.26 45.77 43.35
C PHE A 395 -11.74 46.32 42.03
N THR A 396 -12.40 47.34 41.51
CA THR A 396 -11.93 48.01 40.31
C THR A 396 -10.69 48.82 40.66
N ARG A 397 -10.62 49.26 41.91
CA ARG A 397 -9.55 50.13 42.39
C ARG A 397 -8.26 49.38 42.75
N GLN A 398 -8.38 48.11 43.15
CA GLN A 398 -7.24 47.37 43.68
C GLN A 398 -6.48 46.57 42.64
N ILE A 399 -5.17 46.82 42.51
CA ILE A 399 -4.31 46.07 41.58
C ILE A 399 -4.11 44.64 42.03
N ALA A 400 -4.11 43.74 41.06
CA ALA A 400 -3.75 42.35 41.26
C ALA A 400 -2.26 42.17 41.00
N GLY A 401 -1.73 41.01 41.38
CA GLY A 401 -0.31 40.76 41.30
C GLY A 401 0.14 40.25 39.95
N ARG A 402 1.39 40.53 39.58
CA ARG A 402 1.97 40.05 38.35
C ARG A 402 2.12 38.52 38.39
N VAL A 403 1.88 37.85 37.27
CA VAL A 403 1.85 36.39 37.30
C VAL A 403 3.17 35.73 36.96
N ALA A 404 3.72 36.08 35.80
CA ALA A 404 5.07 35.70 35.45
C ALA A 404 6.12 36.55 36.22
N GLY A 405 7.40 36.25 36.05
CA GLY A 405 8.43 37.04 36.70
C GLY A 405 8.97 36.47 38.01
N GLY A 406 8.30 35.43 38.50
CA GLY A 406 8.78 34.65 39.62
C GLY A 406 8.37 35.22 40.94
N ARG A 407 8.40 34.37 41.98
CA ARG A 407 8.28 34.78 43.36
C ARG A 407 7.13 35.72 43.62
N ASN A 408 5.92 35.31 43.26
CA ASN A 408 4.76 36.12 43.62
C ASN A 408 3.55 35.33 44.10
N VAL A 409 3.77 34.06 44.43
CA VAL A 409 2.69 33.22 44.91
C VAL A 409 2.45 33.47 46.39
N PRO A 410 1.25 33.94 46.72
CA PRO A 410 0.90 34.24 48.11
C PRO A 410 1.12 33.03 49.00
N ILE A 411 1.75 33.22 50.15
CA ILE A 411 1.99 32.15 51.09
C ILE A 411 0.68 31.48 51.51
N ALA A 412 -0.40 32.24 51.49
CA ALA A 412 -1.71 31.73 51.91
C ALA A 412 -2.15 30.53 51.08
N VAL A 413 -1.72 30.46 49.83
CA VAL A 413 -2.11 29.36 48.96
C VAL A 413 -0.93 28.52 48.51
N GLN A 414 0.07 28.38 49.38
CA GLN A 414 1.27 27.65 48.99
C GLN A 414 0.96 26.17 48.78
N ALA A 415 0.02 25.66 49.54
CA ALA A 415 -0.36 24.26 49.41
C ALA A 415 -0.84 23.98 47.99
N VAL A 416 -1.63 24.91 47.47
CA VAL A 416 -2.15 24.82 46.12
C VAL A 416 -1.01 24.75 45.10
N ALA A 417 -0.15 25.76 45.11
CA ALA A 417 0.96 25.79 44.16
C ALA A 417 1.82 24.53 44.24
N LYS A 418 2.02 23.98 45.45
CA LYS A 418 2.82 22.76 45.55
C LYS A 418 2.07 21.63 44.88
N ALA A 419 0.81 21.47 45.27
CA ALA A 419 -0.10 20.55 44.59
C ALA A 419 0.04 20.63 43.07
N SER A 420 0.09 21.84 42.54
CA SER A 420 0.22 22.01 41.10
C SER A 420 1.48 21.33 40.58
N ILE A 421 2.59 21.52 41.27
CA ILE A 421 3.81 20.86 40.88
C ILE A 421 3.64 19.36 41.00
N ASP A 422 3.18 18.90 42.16
CA ASP A 422 3.02 17.47 42.44
C ASP A 422 2.09 16.74 41.48
N GLN A 423 0.95 17.36 41.18
CA GLN A 423 -0.03 16.72 40.30
C GLN A 423 0.43 16.79 38.84
N SER A 424 1.14 17.84 38.48
CA SER A 424 1.76 17.86 37.16
C SER A 424 2.56 16.59 36.95
N ARG A 425 3.33 16.22 37.97
CA ARG A 425 4.22 15.07 37.89
C ARG A 425 3.47 13.77 38.01
N GLU A 426 2.45 13.78 38.85
CA GLU A 426 1.61 12.62 39.03
C GLU A 426 0.99 12.28 37.68
N MET A 427 0.55 13.30 36.95
CA MET A 427 -0.04 13.12 35.63
C MET A 427 0.99 12.93 34.52
N LYS A 428 2.27 12.87 34.89
CA LYS A 428 3.36 12.62 33.92
C LYS A 428 3.49 13.64 32.78
N TYR A 429 3.37 14.93 33.07
CA TYR A 429 3.61 15.96 32.05
C TYR A 429 4.99 15.84 31.47
N GLN A 430 5.13 16.23 30.21
CA GLN A 430 6.45 16.36 29.57
C GLN A 430 7.12 17.67 29.98
N SER A 431 8.35 17.88 29.53
CA SER A 431 9.13 19.04 29.92
C SER A 431 8.62 20.36 29.32
N LEU A 432 9.06 21.48 29.90
CA LEU A 432 8.67 22.81 29.43
C LEU A 432 9.05 22.97 27.97
N ASN A 433 10.24 22.48 27.64
CA ASN A 433 10.73 22.61 26.28
C ASN A 433 9.95 21.76 25.30
N GLU A 434 9.45 20.62 25.75
CA GLU A 434 8.66 19.79 24.87
C GLU A 434 7.34 20.48 24.53
N TYR A 435 6.74 21.16 25.52
CA TYR A 435 5.51 21.91 25.26
C TYR A 435 5.75 23.12 24.40
N ARG A 436 6.90 23.75 24.56
CA ARG A 436 7.22 24.90 23.73
C ARG A 436 7.32 24.43 22.29
N LYS A 437 8.03 23.33 22.07
CA LYS A 437 8.18 22.80 20.72
C LYS A 437 6.80 22.48 20.14
N ARG A 438 5.97 21.86 20.96
CA ARG A 438 4.62 21.51 20.60
C ARG A 438 3.81 22.72 20.12
N PHE A 439 4.09 23.90 20.68
CA PHE A 439 3.33 25.09 20.27
C PHE A 439 4.11 26.05 19.37
N SER A 440 5.12 25.54 18.68
CA SER A 440 5.84 26.32 17.68
C SER A 440 6.72 27.39 18.33
N LEU A 441 7.09 27.21 19.58
CA LEU A 441 8.08 28.07 20.20
C LEU A 441 9.47 27.44 20.05
N LYS A 442 10.50 28.27 20.13
CA LYS A 442 11.86 27.77 20.15
C LYS A 442 12.22 27.42 21.59
N PRO A 443 12.79 26.21 21.81
CA PRO A 443 13.05 25.82 23.21
C PRO A 443 14.08 26.69 23.87
N TYR A 444 13.99 26.78 25.20
CA TYR A 444 14.94 27.53 26.00
C TYR A 444 16.28 26.78 26.11
N THR A 445 17.37 27.54 26.01
CA THR A 445 18.72 26.96 26.03
C THR A 445 19.43 27.10 27.39
N SER A 446 18.80 27.80 28.32
CA SER A 446 19.40 28.06 29.64
C SER A 446 18.36 28.65 30.60
N PHE A 447 18.50 28.36 31.89
CA PHE A 447 17.53 28.86 32.87
C PHE A 447 17.55 30.35 32.86
N GLU A 448 18.66 30.88 32.40
CA GLU A 448 18.89 32.31 32.38
C GLU A 448 18.12 32.94 31.22
N GLU A 449 17.94 32.20 30.12
CA GLU A 449 17.15 32.71 29.00
C GLU A 449 15.68 32.66 29.33
N LEU A 450 15.31 31.67 30.15
CA LEU A 450 13.95 31.50 30.61
C LEU A 450 13.48 32.64 31.53
N THR A 451 14.29 32.98 32.54
CA THR A 451 13.90 33.99 33.53
C THR A 451 14.26 35.42 33.13
N GLY A 452 15.32 35.58 32.35
CA GLY A 452 15.78 36.90 31.95
C GLY A 452 16.50 37.64 33.06
N GLU A 453 16.94 36.88 34.06
CA GLU A 453 17.67 37.43 35.19
C GLU A 453 18.68 36.41 35.67
N LYS A 454 19.41 36.71 36.73
CA LYS A 454 20.53 35.86 37.11
C LYS A 454 20.28 35.00 38.35
N GLU A 455 19.58 35.55 39.34
CA GLU A 455 19.43 34.89 40.64
C GLU A 455 18.54 33.63 40.65
N MET A 456 17.29 33.78 40.21
CA MET A 456 16.37 32.64 40.16
C MET A 456 16.88 31.58 39.20
N ALA A 457 17.49 32.02 38.10
CA ALA A 457 18.06 31.12 37.12
C ALA A 457 19.14 30.21 37.74
N ALA A 458 20.04 30.79 38.52
CA ALA A 458 21.07 29.98 39.14
C ALA A 458 20.43 29.00 40.13
N GLU A 459 19.39 29.48 40.80
CA GLU A 459 18.74 28.67 41.82
C GLU A 459 18.11 27.45 41.16
N LEU A 460 17.48 27.66 39.99
CA LEU A 460 16.82 26.60 39.24
C LEU A 460 17.82 25.60 38.67
N LYS A 461 18.93 26.14 38.16
CA LYS A 461 19.95 25.30 37.53
C LYS A 461 20.57 24.35 38.53
N ALA A 462 20.47 24.71 39.81
CA ALA A 462 21.03 23.88 40.87
C ALA A 462 20.10 22.72 41.22
N LEU A 463 18.81 22.89 40.94
CA LEU A 463 17.82 21.89 41.25
C LEU A 463 17.54 20.96 40.05
N TYR A 464 17.32 21.57 38.88
CA TYR A 464 16.95 20.78 37.71
C TYR A 464 18.17 20.32 36.94
N SER A 465 19.20 21.16 36.93
CA SER A 465 20.50 20.81 36.37
C SER A 465 20.55 20.96 34.85
N ASP A 466 19.46 20.64 34.18
CA ASP A 466 19.40 20.71 32.71
C ASP A 466 18.13 21.37 32.25
N ILE A 467 18.26 22.50 31.54
CA ILE A 467 17.09 23.23 31.05
C ILE A 467 16.03 22.33 30.42
N ASP A 468 16.46 21.27 29.72
CA ASP A 468 15.55 20.39 29.00
C ASP A 468 14.69 19.55 29.94
N VAL A 469 14.85 19.76 31.23
CA VAL A 469 14.11 18.98 32.23
C VAL A 469 13.29 19.92 33.11
N MET A 470 13.34 21.21 32.79
CA MET A 470 12.53 22.20 33.47
C MET A 470 11.04 21.88 33.27
N GLU A 471 10.29 21.85 34.36
CA GLU A 471 8.86 21.55 34.36
C GLU A 471 8.00 22.71 33.83
N LEU A 472 6.86 22.39 33.23
CA LEU A 472 6.00 23.41 32.61
C LEU A 472 5.39 24.39 33.61
N TYR A 473 4.78 23.86 34.67
CA TYR A 473 4.10 24.74 35.62
C TYR A 473 5.03 25.83 36.19
N PRO A 474 6.12 25.43 36.87
CA PRO A 474 6.99 26.45 37.46
C PRO A 474 7.47 27.46 36.43
N ALA A 475 7.98 26.97 35.30
CA ALA A 475 8.48 27.87 34.26
C ALA A 475 7.50 28.97 33.92
N LEU A 476 6.22 28.65 33.89
CA LEU A 476 5.20 29.64 33.53
C LEU A 476 5.21 30.82 34.51
N LEU A 477 5.24 30.52 35.80
CA LEU A 477 5.20 31.57 36.83
C LEU A 477 6.52 32.30 37.00
N VAL A 478 7.59 31.73 36.44
CA VAL A 478 8.95 32.19 36.69
C VAL A 478 9.52 32.85 35.45
N GLU A 479 8.86 32.60 34.34
CA GLU A 479 9.29 33.04 33.01
C GLU A 479 9.40 34.55 32.91
N LYS A 480 10.39 35.01 32.17
CA LYS A 480 10.54 36.44 31.94
C LYS A 480 9.29 36.98 31.30
N PRO A 481 8.67 37.96 31.94
CA PRO A 481 7.50 38.64 31.39
C PRO A 481 7.80 39.36 30.10
N ARG A 482 6.83 39.43 29.21
CA ARG A 482 6.91 40.34 28.08
C ARG A 482 7.00 41.72 28.71
N PRO A 483 7.59 42.69 28.00
CA PRO A 483 7.96 44.01 28.55
C PRO A 483 7.18 44.43 29.79
N ASP A 484 6.12 45.21 29.65
CA ASP A 484 5.42 45.65 30.85
C ASP A 484 4.21 44.79 31.09
N ALA A 485 4.41 43.48 30.92
CA ALA A 485 3.32 42.54 30.82
C ALA A 485 3.20 41.68 32.04
N ILE A 486 2.08 40.99 32.13
CA ILE A 486 1.73 40.14 33.26
C ILE A 486 2.16 38.68 33.06
N PHE A 487 2.27 38.27 31.79
CA PHE A 487 2.64 36.91 31.41
C PHE A 487 3.86 36.93 30.49
N GLY A 488 4.58 35.81 30.46
CA GLY A 488 5.61 35.58 29.45
C GLY A 488 5.08 34.91 28.18
N GLU A 489 5.99 34.66 27.24
CA GLU A 489 5.65 34.04 25.96
C GLU A 489 4.90 32.73 26.13
N THR A 490 5.46 31.82 26.91
CA THR A 490 4.86 30.48 27.07
C THR A 490 3.37 30.54 27.46
N MET A 491 3.07 31.27 28.53
CA MET A 491 1.69 31.41 28.97
C MET A 491 0.76 31.79 27.80
N VAL A 492 1.15 32.80 27.03
CA VAL A 492 0.27 33.33 26.01
C VAL A 492 0.22 32.43 24.78
N GLU A 493 1.29 31.68 24.52
CA GLU A 493 1.32 30.88 23.31
C GLU A 493 0.71 29.48 23.46
N LEU A 494 0.57 29.03 24.71
CA LEU A 494 -0.21 27.83 25.01
C LEU A 494 -1.66 28.23 25.25
N GLY A 495 -1.84 29.34 25.96
CA GLY A 495 -3.15 29.72 26.41
C GLY A 495 -4.12 30.10 25.33
N ALA A 496 -3.71 30.98 24.42
CA ALA A 496 -4.61 31.50 23.40
C ALA A 496 -5.30 30.39 22.62
N PRO A 497 -4.51 29.39 22.16
CA PRO A 497 -5.14 28.36 21.34
C PRO A 497 -6.21 27.61 22.14
N PHE A 498 -5.85 27.12 23.33
CA PHE A 498 -6.84 26.50 24.19
C PHE A 498 -8.06 27.42 24.42
N SER A 499 -7.78 28.69 24.67
CA SER A 499 -8.82 29.64 25.07
C SER A 499 -9.78 29.92 23.95
N LEU A 500 -9.26 30.10 22.74
CA LEU A 500 -10.12 30.48 21.62
C LEU A 500 -10.94 29.30 21.09
N LYS A 501 -10.39 28.10 21.17
CA LYS A 501 -11.15 26.92 20.81
C LYS A 501 -12.34 26.74 21.74
N GLY A 502 -12.11 26.94 23.03
CA GLY A 502 -13.18 26.77 24.00
C GLY A 502 -14.27 27.82 23.81
N LEU A 503 -13.89 28.93 23.20
CA LEU A 503 -14.76 30.08 23.07
C LEU A 503 -15.57 29.98 21.79
N MET A 504 -14.88 29.72 20.69
CA MET A 504 -15.51 29.77 19.39
C MET A 504 -16.10 28.44 19.03
N GLY A 505 -15.60 27.37 19.65
CA GLY A 505 -16.08 26.01 19.42
C GLY A 505 -17.39 25.68 20.13
N ASN A 506 -18.12 26.72 20.49
CA ASN A 506 -19.39 26.58 21.18
C ASN A 506 -20.53 26.52 20.17
N PRO A 507 -21.45 25.57 20.34
CA PRO A 507 -22.54 25.40 19.40
C PRO A 507 -23.21 26.71 19.00
N ILE A 508 -23.29 27.69 19.89
CA ILE A 508 -24.03 28.89 19.52
C ILE A 508 -23.28 29.70 18.48
N CYS A 509 -22.02 29.33 18.26
CA CYS A 509 -21.20 30.06 17.31
C CYS A 509 -21.27 29.43 15.94
N SER A 510 -21.94 28.29 15.87
CA SER A 510 -22.09 27.57 14.62
C SER A 510 -23.25 28.17 13.80
N PRO A 511 -23.15 28.12 12.47
CA PRO A 511 -24.11 28.75 11.57
C PRO A 511 -25.56 28.49 11.95
N GLN A 512 -25.90 27.27 12.36
CA GLN A 512 -27.29 26.90 12.65
C GLN A 512 -27.88 27.66 13.83
N TYR A 513 -26.99 28.00 14.74
CA TYR A 513 -27.38 28.63 15.98
C TYR A 513 -27.26 30.13 15.87
N TRP A 514 -26.25 30.60 15.17
CA TRP A 514 -25.96 32.04 15.14
C TRP A 514 -26.93 32.80 14.25
N LYS A 515 -28.12 33.02 14.77
CA LYS A 515 -29.13 33.80 14.09
C LYS A 515 -30.14 34.29 15.12
N PRO A 516 -30.81 35.41 14.83
CA PRO A 516 -31.68 36.07 15.80
C PRO A 516 -32.70 35.15 16.45
N SER A 517 -33.27 34.23 15.68
CA SER A 517 -34.38 33.47 16.22
C SER A 517 -33.90 32.66 17.42
N THR A 518 -32.65 32.20 17.33
CA THR A 518 -32.09 31.36 18.36
C THR A 518 -32.21 32.03 19.71
N PHE A 519 -32.17 33.35 19.70
CA PHE A 519 -32.11 34.09 20.95
C PHE A 519 -33.38 34.87 21.24
N GLY A 520 -34.48 34.45 20.63
CA GLY A 520 -35.76 35.09 20.84
C GLY A 520 -35.95 36.37 20.04
N GLY A 521 -35.13 36.55 19.01
CA GLY A 521 -35.31 37.70 18.15
C GLY A 521 -34.21 38.74 18.18
N GLU A 522 -34.39 39.76 17.37
CA GLU A 522 -33.36 40.75 17.14
C GLU A 522 -32.98 41.41 18.45
N VAL A 523 -33.97 41.48 19.34
CA VAL A 523 -33.79 42.17 20.61
C VAL A 523 -32.91 41.40 21.59
N GLY A 524 -33.07 40.08 21.60
CA GLY A 524 -32.18 39.25 22.39
C GLY A 524 -30.81 39.12 21.77
N PHE A 525 -30.76 39.08 20.44
CA PHE A 525 -29.49 38.96 19.73
C PHE A 525 -28.65 40.18 20.07
N LYS A 526 -29.29 41.33 20.20
CA LYS A 526 -28.58 42.58 20.49
C LYS A 526 -27.89 42.49 21.84
N ILE A 527 -28.63 41.96 22.83
CA ILE A 527 -28.11 41.74 24.16
C ILE A 527 -26.73 41.07 24.12
N ILE A 528 -26.56 40.12 23.21
CA ILE A 528 -25.26 39.51 23.05
C ILE A 528 -24.27 40.46 22.39
N ASN A 529 -24.69 41.04 21.27
CA ASN A 529 -23.77 41.80 20.44
C ASN A 529 -23.31 43.17 20.98
N THR A 530 -23.92 43.61 22.09
CA THR A 530 -23.52 44.85 22.73
C THR A 530 -23.02 44.65 24.16
N ALA A 531 -22.89 43.40 24.57
CA ALA A 531 -22.47 43.08 25.94
C ALA A 531 -21.04 43.53 26.22
N SER A 532 -20.83 44.03 27.43
CA SER A 532 -19.49 44.42 27.90
C SER A 532 -19.45 44.17 29.39
N ILE A 533 -18.26 44.01 29.94
CA ILE A 533 -18.14 43.89 31.38
C ILE A 533 -18.76 45.12 32.03
N GLN A 534 -18.58 46.28 31.40
CA GLN A 534 -19.14 47.52 31.93
C GLN A 534 -20.67 47.50 32.04
N SER A 535 -21.34 47.13 30.96
CA SER A 535 -22.80 47.11 30.95
C SER A 535 -23.34 46.00 31.85
N LEU A 536 -22.60 44.91 32.01
CA LEU A 536 -23.02 43.83 32.90
C LEU A 536 -23.16 44.38 34.30
N ILE A 537 -22.20 45.20 34.72
CA ILE A 537 -22.24 45.77 36.06
C ILE A 537 -23.24 46.91 36.10
N CYS A 538 -23.32 47.66 35.01
CA CYS A 538 -24.27 48.77 34.92
C CYS A 538 -25.75 48.36 35.03
N ASN A 539 -26.13 47.28 34.35
CA ASN A 539 -27.54 46.85 34.34
C ASN A 539 -27.97 46.12 35.62
N ASN A 540 -27.00 45.70 36.43
CA ASN A 540 -27.31 44.80 37.52
C ASN A 540 -26.89 45.25 38.89
N VAL A 541 -25.97 46.22 38.94
CA VAL A 541 -25.46 46.69 40.22
C VAL A 541 -26.03 48.05 40.59
N LYS A 542 -26.34 48.22 41.89
CA LYS A 542 -27.19 49.32 42.38
C LYS A 542 -26.92 50.73 41.87
N GLY A 543 -25.70 51.22 42.03
CA GLY A 543 -25.36 52.50 41.44
C GLY A 543 -25.31 52.26 39.95
N CYS A 544 -24.41 52.91 39.24
CA CYS A 544 -23.98 52.28 38.00
C CYS A 544 -22.48 52.38 37.99
N PRO A 545 -21.85 51.71 38.96
CA PRO A 545 -20.43 51.81 39.25
C PRO A 545 -19.63 51.57 38.01
N PHE A 546 -18.63 52.42 37.79
CA PHE A 546 -17.73 52.25 36.68
C PHE A 546 -16.87 51.02 36.95
N THR A 547 -16.66 50.18 35.95
CA THR A 547 -15.70 49.10 36.09
C THR A 547 -14.83 48.92 34.89
N SER A 548 -13.89 48.01 35.04
CA SER A 548 -12.88 47.72 34.04
C SER A 548 -12.05 46.57 34.57
N PHE A 549 -11.37 45.87 33.69
CA PHE A 549 -10.43 44.86 34.15
C PHE A 549 -9.09 45.54 34.44
N ASN A 550 -9.18 46.85 34.65
CA ASN A 550 -8.05 47.76 34.52
C ASN A 550 -8.01 48.79 35.63
N VAL A 551 -6.94 48.77 36.42
CA VAL A 551 -6.78 49.77 37.47
C VAL A 551 -6.33 51.08 36.80
N GLN A 552 -7.22 52.06 36.84
CA GLN A 552 -6.96 53.34 36.21
C GLN A 552 -6.11 54.24 37.11
N ALA B 1 -53.53 27.54 18.52
CA ALA B 1 -53.11 28.71 19.29
C ALA B 1 -51.72 29.17 18.83
N ASN B 2 -50.71 28.37 19.12
CA ASN B 2 -49.33 28.64 18.69
C ASN B 2 -49.29 28.99 17.22
N PRO B 3 -49.03 30.26 16.90
CA PRO B 3 -49.10 30.80 15.54
C PRO B 3 -48.12 30.12 14.58
N CYS B 4 -47.27 29.26 15.11
CA CYS B 4 -46.26 28.59 14.31
C CYS B 4 -46.71 27.22 13.86
N CYS B 5 -47.89 26.81 14.33
CA CYS B 5 -48.44 25.48 14.04
C CYS B 5 -48.51 25.13 12.57
N SER B 6 -48.82 26.11 11.72
CA SER B 6 -48.99 25.86 10.29
C SER B 6 -47.67 25.62 9.53
N ASN B 7 -46.56 25.61 10.25
CA ASN B 7 -45.22 25.47 9.64
C ASN B 7 -45.05 26.38 8.44
N PRO B 8 -45.32 27.69 8.63
CA PRO B 8 -45.37 28.68 7.55
C PRO B 8 -44.01 28.98 6.94
N CYS B 9 -42.96 28.89 7.74
CA CYS B 9 -41.63 29.20 7.23
C CYS B 9 -41.09 28.13 6.28
N GLN B 10 -40.55 28.56 5.15
CA GLN B 10 -40.13 27.64 4.11
C GLN B 10 -38.62 27.61 3.98
N ASN B 11 -38.12 26.69 3.16
CA ASN B 11 -36.71 26.64 2.79
C ASN B 11 -35.73 26.63 3.95
N ARG B 12 -36.17 26.07 5.06
CA ARG B 12 -35.30 25.86 6.22
C ARG B 12 -35.15 27.09 7.12
N GLY B 13 -35.88 28.16 6.84
CA GLY B 13 -35.96 29.27 7.75
C GLY B 13 -36.66 28.83 9.02
N GLU B 14 -36.45 29.54 10.13
CA GLU B 14 -37.01 29.13 11.41
C GLU B 14 -38.15 30.03 11.84
N CYS B 15 -39.23 29.42 12.32
CA CYS B 15 -40.40 30.18 12.76
C CYS B 15 -40.37 30.48 14.26
N MET B 16 -40.64 31.74 14.61
CA MET B 16 -40.69 32.15 16.00
C MET B 16 -41.96 32.97 16.28
N SER B 17 -42.64 32.69 17.38
CA SER B 17 -43.85 33.43 17.74
C SER B 17 -43.53 34.81 18.30
N THR B 18 -44.23 35.83 17.81
CA THR B 18 -43.99 37.20 18.24
C THR B 18 -45.25 37.84 18.80
N GLY B 19 -45.85 37.18 19.80
CA GLY B 19 -47.12 37.61 20.34
C GLY B 19 -48.06 36.46 20.13
N PHE B 20 -49.19 36.45 20.82
CA PHE B 20 -50.06 35.28 20.81
C PHE B 20 -50.52 34.82 19.43
N ASP B 21 -50.65 35.76 18.50
CA ASP B 21 -51.34 35.48 17.23
C ASP B 21 -50.53 35.85 15.97
N GLN B 22 -49.26 36.19 16.14
CA GLN B 22 -48.41 36.54 14.99
C GLN B 22 -47.08 35.78 15.04
N TYR B 23 -46.40 35.68 13.90
CA TYR B 23 -45.13 34.97 13.83
C TYR B 23 -44.11 35.72 12.99
N LYS B 24 -42.86 35.26 13.04
CA LYS B 24 -41.80 35.85 12.23
C LYS B 24 -40.84 34.76 11.78
N CYS B 25 -40.30 34.93 10.57
CA CYS B 25 -39.38 33.95 10.00
C CYS B 25 -37.95 34.44 10.00
N ASP B 26 -37.04 33.60 10.46
CA ASP B 26 -35.65 33.98 10.44
C ASP B 26 -35.05 33.40 9.19
N CYS B 27 -34.85 34.26 8.18
CA CYS B 27 -34.47 33.76 6.87
C CYS B 27 -32.97 33.67 6.70
N THR B 28 -32.27 33.81 7.82
CA THR B 28 -30.82 33.83 7.81
C THR B 28 -30.20 32.66 7.08
N ARG B 29 -29.29 32.98 6.17
CA ARG B 29 -28.50 31.98 5.44
C ARG B 29 -29.28 30.96 4.60
N THR B 30 -30.55 31.22 4.35
CA THR B 30 -31.34 30.30 3.56
C THR B 30 -31.23 30.52 2.04
N GLY B 31 -30.90 31.74 1.63
CA GLY B 31 -30.88 32.06 0.21
C GLY B 31 -32.20 32.64 -0.24
N PHE B 32 -33.11 32.80 0.71
CA PHE B 32 -34.42 33.38 0.44
C PHE B 32 -34.66 34.56 1.38
N TYR B 33 -35.76 35.28 1.14
CA TYR B 33 -36.23 36.30 2.08
C TYR B 33 -37.74 36.43 1.92
N GLY B 34 -38.34 37.39 2.62
CA GLY B 34 -39.78 37.57 2.56
C GLY B 34 -40.48 37.03 3.79
N GLU B 35 -41.78 37.25 3.90
CA GLU B 35 -42.50 36.88 5.10
C GLU B 35 -42.32 35.38 5.45
N ASN B 36 -42.21 34.53 4.44
CA ASN B 36 -42.06 33.09 4.66
C ASN B 36 -40.76 32.49 4.14
N CYS B 37 -39.85 33.32 3.65
CA CYS B 37 -38.60 32.81 3.09
C CYS B 37 -38.90 32.08 1.80
N THR B 38 -39.94 32.54 1.10
CA THR B 38 -40.37 31.95 -0.16
C THR B 38 -39.75 32.60 -1.39
N THR B 39 -39.33 33.86 -1.28
CA THR B 39 -38.80 34.56 -2.43
C THR B 39 -37.27 34.54 -2.48
N PRO B 40 -36.73 33.98 -3.56
CA PRO B 40 -35.30 33.66 -3.71
C PRO B 40 -34.41 34.87 -3.96
N GLU B 41 -33.21 34.85 -3.38
CA GLU B 41 -32.16 35.80 -3.75
C GLU B 41 -31.76 35.51 -5.19
N PHE B 42 -30.88 36.32 -5.75
CA PHE B 42 -30.54 36.13 -7.16
C PHE B 42 -29.81 34.81 -7.42
N LEU B 43 -28.64 34.66 -6.83
CA LEU B 43 -27.86 33.44 -7.00
C LEU B 43 -28.70 32.19 -6.76
N THR B 44 -29.71 32.32 -5.90
CA THR B 44 -30.60 31.20 -5.60
C THR B 44 -31.40 30.80 -6.84
N ARG B 45 -31.98 31.77 -7.51
CA ARG B 45 -32.72 31.52 -8.75
C ARG B 45 -31.89 30.71 -9.75
N ILE B 46 -30.59 31.01 -9.83
CA ILE B 46 -29.67 30.28 -10.71
C ILE B 46 -29.42 28.85 -10.23
N LYS B 47 -29.01 28.71 -8.97
CA LYS B 47 -28.81 27.38 -8.39
C LYS B 47 -30.05 26.49 -8.62
N LEU B 48 -31.23 27.08 -8.47
CA LEU B 48 -32.47 26.33 -8.69
C LEU B 48 -32.64 25.85 -10.13
N LEU B 49 -32.33 26.71 -11.10
CA LEU B 49 -32.48 26.35 -12.51
C LEU B 49 -31.41 25.36 -12.96
N LEU B 50 -30.47 25.07 -12.08
CA LEU B 50 -29.38 24.15 -12.41
C LEU B 50 -29.37 22.90 -11.56
N LYS B 51 -30.28 22.81 -10.59
CA LYS B 51 -30.32 21.66 -9.70
C LYS B 51 -31.13 20.55 -10.35
N PRO B 52 -30.45 19.50 -10.82
CA PRO B 52 -31.17 18.35 -11.36
C PRO B 52 -31.96 17.72 -10.23
N THR B 53 -33.14 17.18 -10.50
CA THR B 53 -33.92 16.56 -9.44
C THR B 53 -33.31 15.25 -9.00
N PRO B 54 -33.65 14.80 -7.78
CA PRO B 54 -33.16 13.51 -7.27
C PRO B 54 -33.36 12.40 -8.28
N ASN B 55 -34.53 12.32 -8.90
CA ASN B 55 -34.80 11.25 -9.85
C ASN B 55 -33.93 11.34 -11.10
N THR B 56 -33.66 12.56 -11.56
CA THR B 56 -32.78 12.77 -12.71
C THR B 56 -31.39 12.22 -12.38
N VAL B 57 -30.81 12.74 -11.31
CA VAL B 57 -29.51 12.31 -10.83
C VAL B 57 -29.48 10.79 -10.62
N HIS B 58 -30.59 10.24 -10.14
CA HIS B 58 -30.66 8.82 -9.89
C HIS B 58 -30.65 8.03 -11.20
N TYR B 59 -31.32 8.54 -12.24
CA TYR B 59 -31.29 7.87 -13.53
C TYR B 59 -29.85 7.81 -14.03
N ILE B 60 -29.21 8.97 -14.12
CA ILE B 60 -27.83 9.07 -14.60
C ILE B 60 -26.90 8.11 -13.87
N LEU B 61 -27.14 7.91 -12.58
CA LEU B 61 -26.25 7.12 -11.75
C LEU B 61 -26.45 5.61 -11.94
N THR B 62 -27.60 5.21 -12.48
CA THR B 62 -27.92 3.79 -12.64
C THR B 62 -27.95 3.33 -14.10
N HIS B 63 -27.60 4.24 -15.01
CA HIS B 63 -27.49 3.91 -16.42
C HIS B 63 -26.08 4.26 -16.88
N PHE B 64 -25.83 4.14 -18.19
CA PHE B 64 -24.53 4.50 -18.75
C PHE B 64 -23.41 3.66 -18.15
N LYS B 65 -23.72 2.41 -17.82
CA LYS B 65 -22.75 1.52 -17.17
C LYS B 65 -21.38 1.57 -17.83
N GLY B 66 -21.36 1.81 -19.15
CA GLY B 66 -20.11 1.88 -19.88
C GLY B 66 -19.30 3.09 -19.50
N VAL B 67 -19.96 4.23 -19.33
CA VAL B 67 -19.27 5.46 -18.98
C VAL B 67 -18.74 5.40 -17.55
N TRP B 68 -19.60 4.99 -16.63
CA TRP B 68 -19.17 4.85 -15.24
C TRP B 68 -17.95 3.95 -15.16
N ASN B 69 -18.01 2.85 -15.89
CA ASN B 69 -16.91 1.90 -15.88
C ASN B 69 -15.57 2.60 -16.19
N ILE B 70 -15.64 3.63 -17.02
CA ILE B 70 -14.45 4.39 -17.39
C ILE B 70 -14.06 5.37 -16.29
N VAL B 71 -15.06 6.07 -15.76
CA VAL B 71 -14.84 7.03 -14.67
C VAL B 71 -14.27 6.33 -13.45
N ASN B 72 -14.82 5.16 -13.11
CA ASN B 72 -14.35 4.41 -11.97
C ASN B 72 -12.85 4.06 -11.99
N ASN B 73 -12.23 4.21 -13.16
CA ASN B 73 -10.81 3.92 -13.31
C ASN B 73 -9.95 5.17 -13.56
N ILE B 74 -10.56 6.33 -13.34
CA ILE B 74 -9.84 7.60 -13.30
C ILE B 74 -9.90 8.18 -11.88
N PRO B 75 -8.90 7.89 -11.05
CA PRO B 75 -8.87 8.33 -9.66
C PRO B 75 -9.25 9.79 -9.48
N PHE B 76 -8.66 10.67 -10.27
CA PHE B 76 -8.91 12.10 -10.18
C PHE B 76 -10.40 12.43 -10.26
N LEU B 77 -11.17 11.54 -10.88
CA LEU B 77 -12.59 11.78 -11.13
C LEU B 77 -13.45 11.08 -10.11
N ARG B 78 -13.10 9.83 -9.81
CA ARG B 78 -13.84 9.06 -8.84
C ARG B 78 -13.82 9.83 -7.54
N SER B 79 -12.62 10.26 -7.16
CA SER B 79 -12.45 11.06 -5.96
C SER B 79 -13.27 12.34 -6.05
N LEU B 80 -13.17 13.03 -7.18
CA LEU B 80 -13.90 14.29 -7.36
C LEU B 80 -15.40 14.11 -7.18
N ILE B 81 -15.91 12.98 -7.65
CA ILE B 81 -17.34 12.67 -7.52
C ILE B 81 -17.71 12.33 -6.08
N MET B 82 -16.95 11.41 -5.47
CA MET B 82 -17.23 10.98 -4.10
C MET B 82 -17.21 12.17 -3.17
N LYS B 83 -16.21 13.03 -3.35
CA LYS B 83 -16.12 14.25 -2.59
C LYS B 83 -17.43 15.00 -2.70
N TYR B 84 -17.94 15.16 -3.91
CA TYR B 84 -19.16 15.93 -4.08
C TYR B 84 -20.31 15.26 -3.34
N VAL B 85 -20.50 13.95 -3.55
CA VAL B 85 -21.61 13.27 -2.86
C VAL B 85 -21.53 13.47 -1.33
N LEU B 86 -20.33 13.33 -0.77
CA LEU B 86 -20.12 13.55 0.65
C LEU B 86 -20.51 14.95 1.14
N THR B 87 -20.02 15.98 0.47
CA THR B 87 -20.25 17.33 0.98
C THR B 87 -21.68 17.78 0.77
N SER B 88 -22.25 17.41 -0.37
CA SER B 88 -23.58 17.88 -0.76
C SER B 88 -24.68 17.21 0.04
N ARG B 89 -24.41 15.99 0.51
CA ARG B 89 -25.36 15.27 1.35
C ARG B 89 -25.31 15.86 2.74
N SER B 90 -24.11 16.08 3.21
CA SER B 90 -23.88 16.50 4.58
C SER B 90 -24.48 17.85 4.90
N TYR B 91 -24.40 18.81 3.97
CA TYR B 91 -24.88 20.15 4.29
C TYR B 91 -26.39 20.12 4.58
N LEU B 92 -26.98 18.92 4.45
CA LEU B 92 -28.40 18.72 4.71
C LEU B 92 -28.70 18.44 6.18
N ILE B 93 -27.67 18.16 6.96
CA ILE B 93 -27.85 17.85 8.37
C ILE B 93 -27.36 19.01 9.23
N ASP B 94 -28.11 19.31 10.28
CA ASP B 94 -27.66 20.30 11.25
C ASP B 94 -26.54 19.71 12.12
N SER B 95 -25.35 20.28 12.05
CA SER B 95 -24.28 19.82 12.93
C SER B 95 -23.41 20.97 13.43
N PRO B 96 -23.44 21.25 14.75
CA PRO B 96 -24.07 20.53 15.84
C PRO B 96 -25.59 20.50 15.77
N PRO B 97 -26.20 19.53 16.44
CA PRO B 97 -27.64 19.27 16.43
C PRO B 97 -28.45 20.36 17.12
N THR B 98 -29.76 20.26 16.91
CA THR B 98 -30.77 21.20 17.35
C THR B 98 -31.98 20.33 17.57
N TYR B 99 -33.01 20.84 18.20
CA TYR B 99 -34.31 20.14 18.27
C TYR B 99 -34.31 18.66 18.71
N ASN B 100 -35.20 18.33 19.63
CA ASN B 100 -35.47 16.93 19.96
C ASN B 100 -36.93 16.83 20.37
N VAL B 101 -37.35 15.65 20.83
CA VAL B 101 -38.76 15.39 21.11
C VAL B 101 -39.42 16.52 21.88
N HIS B 102 -38.66 17.10 22.80
CA HIS B 102 -39.22 18.02 23.79
C HIS B 102 -38.93 19.48 23.45
N TYR B 103 -38.05 19.70 22.49
CA TYR B 103 -37.64 21.06 22.16
C TYR B 103 -37.75 21.39 20.67
N GLY B 104 -38.72 22.26 20.36
CA GLY B 104 -38.94 22.76 19.01
C GLY B 104 -38.29 24.11 18.76
N TYR B 105 -37.73 24.66 19.83
CA TYR B 105 -36.87 25.83 19.74
C TYR B 105 -35.46 25.37 20.12
N LYS B 106 -34.46 26.19 19.83
CA LYS B 106 -33.07 25.71 19.82
C LYS B 106 -32.44 25.24 21.15
N SER B 107 -32.65 25.96 22.26
CA SER B 107 -32.24 25.46 23.61
C SER B 107 -30.94 24.64 23.90
N TRP B 108 -30.34 24.88 25.07
CA TRP B 108 -29.10 24.18 25.47
C TRP B 108 -29.36 22.74 25.96
N GLU B 109 -30.50 22.51 26.58
CA GLU B 109 -30.80 21.19 27.09
C GLU B 109 -30.82 20.24 25.91
N ALA B 110 -31.40 20.72 24.82
CA ALA B 110 -31.46 19.95 23.59
C ALA B 110 -30.05 19.62 23.12
N PHE B 111 -29.18 20.62 23.09
CA PHE B 111 -27.84 20.37 22.61
C PHE B 111 -27.05 19.46 23.53
N SER B 112 -27.10 19.69 24.84
CA SER B 112 -26.18 19.01 25.73
C SER B 112 -26.58 17.58 26.04
N ASN B 113 -27.89 17.32 26.03
CA ASN B 113 -28.41 16.06 26.56
C ASN B 113 -28.27 14.92 25.55
N LEU B 114 -27.29 14.06 25.79
CA LEU B 114 -26.99 13.03 24.83
C LEU B 114 -28.00 11.89 24.87
N SER B 115 -28.92 11.94 25.82
CA SER B 115 -29.90 10.86 25.93
C SER B 115 -31.02 10.92 24.88
N TYR B 116 -31.24 12.07 24.27
CA TYR B 116 -32.26 12.21 23.26
C TYR B 116 -31.69 11.83 21.89
N TYR B 117 -32.51 11.21 21.03
CA TYR B 117 -32.23 11.20 19.60
C TYR B 117 -32.47 12.63 19.19
N THR B 118 -31.69 13.15 18.27
CA THR B 118 -31.95 14.50 17.80
C THR B 118 -33.06 14.42 16.76
N ARG B 119 -33.44 15.56 16.21
CA ARG B 119 -34.60 15.59 15.35
C ARG B 119 -34.43 16.53 14.17
N ALA B 120 -34.52 16.00 12.96
CA ALA B 120 -34.29 16.78 11.73
C ALA B 120 -35.32 17.89 11.49
N LEU B 121 -36.57 17.64 11.87
CA LEU B 121 -37.55 18.72 11.96
C LEU B 121 -38.12 18.74 13.35
N PRO B 122 -38.34 19.95 13.88
CA PRO B 122 -38.91 20.08 15.23
C PRO B 122 -40.23 19.34 15.35
N PRO B 123 -40.61 18.96 16.57
CA PRO B 123 -41.92 18.37 16.76
C PRO B 123 -43.02 19.42 16.59
N VAL B 124 -44.25 18.93 16.44
CA VAL B 124 -45.42 19.78 16.36
C VAL B 124 -45.83 20.18 17.77
N ALA B 125 -45.99 21.48 18.00
CA ALA B 125 -46.26 21.98 19.34
C ALA B 125 -47.44 21.25 19.98
N ASP B 126 -47.36 21.04 21.29
CA ASP B 126 -48.36 20.24 21.98
C ASP B 126 -49.73 20.88 21.89
N ASP B 127 -49.77 22.17 21.59
CA ASP B 127 -51.04 22.90 21.59
C ASP B 127 -51.52 23.29 20.19
N CYS B 128 -51.04 22.57 19.18
CA CYS B 128 -51.59 22.76 17.85
C CYS B 128 -52.95 22.05 17.78
N PRO B 129 -53.87 22.57 16.94
CA PRO B 129 -55.23 22.03 16.87
C PRO B 129 -55.30 20.60 16.28
N THR B 130 -54.53 20.36 15.22
CA THR B 130 -54.45 19.03 14.62
C THR B 130 -53.05 18.46 14.81
N PRO B 131 -52.93 17.12 14.75
CA PRO B 131 -51.69 16.38 14.95
C PRO B 131 -50.58 16.82 14.02
N MET B 132 -50.93 17.23 12.81
CA MET B 132 -49.93 17.71 11.85
C MET B 132 -49.87 19.23 11.83
N GLY B 133 -50.36 19.85 12.90
CA GLY B 133 -50.38 21.30 13.00
C GLY B 133 -51.75 21.89 12.78
N VAL B 134 -52.09 22.13 11.51
CA VAL B 134 -53.35 22.78 11.16
C VAL B 134 -54.21 21.95 10.19
N LYS B 135 -53.56 21.26 9.27
CA LYS B 135 -54.27 20.47 8.27
C LYS B 135 -54.78 19.13 8.82
N GLY B 136 -55.88 18.64 8.25
CA GLY B 136 -56.41 17.33 8.60
C GLY B 136 -57.45 17.33 9.71
N ASN B 137 -57.94 16.14 10.05
CA ASN B 137 -58.98 16.02 11.06
C ASN B 137 -58.38 16.03 12.47
N LYS B 138 -59.24 16.19 13.47
CA LYS B 138 -58.80 16.22 14.85
C LYS B 138 -57.89 15.02 15.20
N GLU B 139 -58.04 13.93 14.48
CA GLU B 139 -57.33 12.69 14.79
C GLU B 139 -56.80 12.01 13.53
N LEU B 140 -55.60 11.45 13.62
CA LEU B 140 -55.04 10.67 12.53
C LEU B 140 -55.79 9.35 12.37
N PRO B 141 -55.78 8.79 11.16
CA PRO B 141 -56.45 7.51 10.87
C PRO B 141 -56.02 6.41 11.84
N ASP B 142 -56.88 5.44 12.06
CA ASP B 142 -56.59 4.36 12.99
C ASP B 142 -55.33 3.62 12.54
N SER B 143 -54.34 3.55 13.42
CA SER B 143 -53.09 2.87 13.07
C SER B 143 -53.33 1.41 12.61
N LYS B 144 -54.14 0.65 13.35
CA LYS B 144 -54.53 -0.72 12.95
C LYS B 144 -55.03 -0.74 11.50
N GLU B 145 -55.85 0.23 11.16
CA GLU B 145 -56.39 0.37 9.81
C GLU B 145 -55.32 0.59 8.75
N VAL B 146 -54.41 1.53 8.99
CA VAL B 146 -53.35 1.81 8.02
C VAL B 146 -52.44 0.60 7.85
N LEU B 147 -52.03 0.02 8.97
CA LEU B 147 -51.24 -1.21 9.03
C LEU B 147 -51.84 -2.27 8.09
N GLU B 148 -53.09 -2.65 8.38
CA GLU B 148 -53.78 -3.72 7.66
C GLU B 148 -54.07 -3.41 6.19
N LYS B 149 -54.50 -2.20 5.90
CA LYS B 149 -54.87 -1.84 4.53
C LYS B 149 -53.68 -1.73 3.55
N VAL B 150 -52.61 -1.05 3.95
CA VAL B 150 -51.50 -0.82 3.02
C VAL B 150 -50.11 -1.37 3.43
N LEU B 151 -49.95 -1.80 4.67
CA LEU B 151 -48.65 -2.27 5.12
C LEU B 151 -48.45 -3.77 5.09
N LEU B 152 -49.31 -4.50 5.79
CA LEU B 152 -49.14 -5.94 5.96
C LEU B 152 -48.94 -6.67 4.66
N ARG B 153 -48.30 -7.82 4.75
CA ARG B 153 -47.96 -8.59 3.58
C ARG B 153 -48.99 -9.69 3.26
N ARG B 154 -49.47 -9.71 2.01
CA ARG B 154 -50.30 -10.81 1.58
C ARG B 154 -49.34 -11.86 1.04
N GLU B 155 -48.84 -11.59 -0.16
CA GLU B 155 -47.91 -12.48 -0.84
C GLU B 155 -46.53 -11.86 -0.77
N PHE B 156 -45.52 -12.66 -0.40
CA PHE B 156 -44.16 -12.15 -0.24
C PHE B 156 -43.68 -11.51 -1.53
N ILE B 157 -43.07 -10.34 -1.41
CA ILE B 157 -42.63 -9.60 -2.59
C ILE B 157 -41.13 -9.43 -2.54
N PRO B 158 -40.41 -10.22 -3.33
CA PRO B 158 -38.94 -10.17 -3.32
C PRO B 158 -38.43 -8.85 -3.83
N ASP B 159 -37.28 -8.43 -3.31
CA ASP B 159 -36.59 -7.22 -3.77
C ASP B 159 -36.03 -7.44 -5.17
N PRO B 160 -36.43 -6.58 -6.11
CA PRO B 160 -35.88 -6.68 -7.46
C PRO B 160 -34.37 -6.43 -7.54
N GLN B 161 -33.77 -5.96 -6.46
CA GLN B 161 -32.35 -5.64 -6.49
C GLN B 161 -31.45 -6.79 -6.06
N GLY B 162 -32.07 -7.86 -5.58
CA GLY B 162 -31.32 -9.04 -5.18
C GLY B 162 -30.79 -9.04 -3.76
N SER B 163 -31.19 -8.05 -2.96
CA SER B 163 -30.78 -8.04 -1.56
C SER B 163 -31.08 -9.40 -0.97
N ASN B 164 -30.09 -9.99 -0.33
CA ASN B 164 -30.28 -11.28 0.32
C ASN B 164 -30.39 -11.15 1.85
N MET B 165 -30.26 -12.26 2.56
CA MET B 165 -30.34 -12.22 4.00
C MET B 165 -29.02 -11.82 4.64
N MET B 166 -27.90 -11.96 3.92
CA MET B 166 -26.65 -11.39 4.43
C MET B 166 -26.84 -9.89 4.56
N PHE B 167 -27.45 -9.29 3.53
CA PHE B 167 -27.67 -7.86 3.55
C PHE B 167 -28.63 -7.48 4.67
N ALA B 168 -29.74 -8.20 4.79
CA ALA B 168 -30.73 -7.84 5.79
C ALA B 168 -30.20 -7.95 7.21
N PHE B 169 -29.45 -9.01 7.52
CA PHE B 169 -28.93 -9.15 8.87
C PHE B 169 -27.76 -8.22 9.16
N PHE B 170 -27.00 -7.85 8.12
CA PHE B 170 -25.92 -6.89 8.32
C PHE B 170 -26.56 -5.55 8.68
N ALA B 171 -27.58 -5.15 7.92
CA ALA B 171 -28.29 -3.93 8.20
C ALA B 171 -28.78 -3.91 9.66
N GLN B 172 -29.41 -5.00 10.08
CA GLN B 172 -29.92 -5.09 11.44
C GLN B 172 -28.81 -5.06 12.49
N HIS B 173 -27.76 -5.85 12.29
CA HIS B 173 -26.62 -5.88 13.19
C HIS B 173 -25.94 -4.50 13.26
N PHE B 174 -25.61 -3.94 12.10
CA PHE B 174 -24.90 -2.65 12.03
C PHE B 174 -25.67 -1.50 12.68
N THR B 175 -26.92 -1.29 12.27
CA THR B 175 -27.71 -0.19 12.80
C THR B 175 -28.01 -0.30 14.30
N HIS B 176 -28.00 -1.52 14.84
CA HIS B 176 -28.34 -1.70 16.26
C HIS B 176 -27.22 -1.32 17.26
N GLN B 177 -26.20 -0.61 16.79
CA GLN B 177 -25.23 -0.03 17.70
C GLN B 177 -25.58 1.40 17.92
N PHE B 178 -26.35 1.97 17.01
CA PHE B 178 -26.76 3.36 17.21
C PHE B 178 -28.25 3.61 17.26
N PHE B 179 -29.06 2.61 16.91
CA PHE B 179 -30.48 2.66 17.23
C PHE B 179 -30.70 1.77 18.45
N LYS B 180 -30.86 2.38 19.62
CA LYS B 180 -30.99 1.61 20.86
C LYS B 180 -31.93 2.38 21.75
N THR B 181 -33.22 2.32 21.42
CA THR B 181 -34.20 3.10 22.15
C THR B 181 -34.30 2.69 23.61
N ASP B 182 -34.38 3.69 24.47
CA ASP B 182 -34.39 3.53 25.91
C ASP B 182 -35.85 3.57 26.31
N HIS B 183 -36.46 2.41 26.51
CA HIS B 183 -37.91 2.40 26.69
C HIS B 183 -38.34 2.84 28.10
N LYS B 184 -37.40 2.79 29.03
CA LYS B 184 -37.61 3.36 30.35
C LYS B 184 -37.96 4.85 30.22
N ARG B 185 -37.39 5.51 29.20
CA ARG B 185 -37.56 6.94 28.98
C ARG B 185 -38.70 7.31 28.03
N GLY B 186 -38.79 6.58 26.93
CA GLY B 186 -39.74 6.90 25.88
C GLY B 186 -39.08 6.75 24.52
N PRO B 187 -39.89 6.68 23.46
CA PRO B 187 -39.24 6.72 22.15
C PRO B 187 -38.67 8.13 22.05
N GLY B 188 -37.66 8.31 21.24
CA GLY B 188 -37.04 9.63 21.25
C GLY B 188 -35.89 9.75 22.23
N PHE B 189 -35.69 8.75 23.09
CA PHE B 189 -34.50 8.62 23.94
C PHE B 189 -33.65 7.41 23.55
N THR B 190 -32.33 7.61 23.46
CA THR B 190 -31.42 6.55 23.07
C THR B 190 -30.53 6.09 24.23
N ARG B 191 -30.02 4.87 24.11
CA ARG B 191 -29.11 4.30 25.10
C ARG B 191 -27.68 4.28 24.55
N GLY B 192 -27.55 4.55 23.26
CA GLY B 192 -26.27 4.61 22.60
C GLY B 192 -25.70 6.02 22.56
N LEU B 193 -24.98 6.38 23.61
CA LEU B 193 -24.53 7.75 23.78
C LEU B 193 -23.33 8.08 22.91
N GLY B 194 -22.84 7.08 22.18
CA GLY B 194 -21.80 7.30 21.21
C GLY B 194 -22.33 7.99 19.96
N HIS B 195 -23.65 7.93 19.79
CA HIS B 195 -24.31 8.51 18.62
C HIS B 195 -23.52 8.30 17.35
N GLY B 196 -23.28 7.04 17.00
CA GLY B 196 -22.55 6.73 15.78
C GLY B 196 -21.86 5.39 15.82
N VAL B 197 -20.93 5.21 14.91
CA VAL B 197 -20.30 3.92 14.72
C VAL B 197 -19.13 3.72 15.65
N ASP B 198 -19.42 3.34 16.89
CA ASP B 198 -18.36 3.12 17.87
C ASP B 198 -18.18 1.66 18.23
N LEU B 199 -18.87 0.79 17.51
CA LEU B 199 -18.85 -0.65 17.77
C LEU B 199 -19.20 -1.06 19.21
N ASN B 200 -20.06 -0.27 19.85
CA ASN B 200 -20.54 -0.68 21.16
C ASN B 200 -21.28 -2.01 21.15
N HIS B 201 -21.75 -2.44 19.97
CA HIS B 201 -22.53 -3.67 19.87
C HIS B 201 -21.61 -4.88 19.96
N ILE B 202 -20.34 -4.67 19.70
CA ILE B 202 -19.36 -5.74 19.87
C ILE B 202 -18.76 -5.58 21.25
N TYR B 203 -18.36 -4.36 21.60
CA TYR B 203 -17.53 -4.11 22.79
C TYR B 203 -18.29 -3.73 24.07
N GLY B 204 -19.52 -3.27 23.91
CA GLY B 204 -20.30 -2.86 25.07
C GLY B 204 -20.34 -1.35 25.20
N GLU B 205 -21.44 -0.84 25.73
CA GLU B 205 -21.66 0.59 25.85
C GLU B 205 -20.87 1.15 27.02
N THR B 206 -20.76 0.38 28.10
CA THR B 206 -20.06 0.86 29.28
C THR B 206 -18.69 0.22 29.45
N LEU B 207 -17.85 0.85 30.27
CA LEU B 207 -16.53 0.30 30.55
C LEU B 207 -16.68 -0.99 31.34
N ASP B 208 -17.59 -0.98 32.29
CA ASP B 208 -17.82 -2.14 33.15
C ASP B 208 -18.15 -3.38 32.31
N ARG B 209 -18.94 -3.17 31.26
CA ARG B 209 -19.40 -4.29 30.43
C ARG B 209 -18.29 -4.80 29.55
N GLN B 210 -17.56 -3.88 28.92
CA GLN B 210 -16.46 -4.25 28.07
C GLN B 210 -15.48 -5.13 28.83
N HIS B 211 -15.16 -4.75 30.06
CA HIS B 211 -14.20 -5.52 30.85
C HIS B 211 -14.68 -6.95 31.04
N LYS B 212 -15.98 -7.14 31.16
CA LYS B 212 -16.52 -8.48 31.37
C LYS B 212 -16.38 -9.34 30.12
N LEU B 213 -16.41 -8.69 28.95
CA LEU B 213 -16.29 -9.38 27.66
C LEU B 213 -14.84 -9.59 27.24
N ARG B 214 -13.92 -8.98 28.00
CA ARG B 214 -12.52 -8.96 27.62
C ARG B 214 -11.75 -10.12 28.25
N LEU B 215 -10.67 -10.51 27.58
CA LEU B 215 -9.86 -11.63 28.02
C LEU B 215 -8.64 -11.13 28.80
N PHE B 216 -8.22 -9.90 28.50
CA PHE B 216 -7.06 -9.29 29.12
C PHE B 216 -5.77 -10.06 28.85
N LYS B 217 -5.68 -10.54 27.62
CA LYS B 217 -4.52 -11.25 27.13
C LYS B 217 -4.49 -10.97 25.65
N ASP B 218 -3.42 -10.35 25.17
CA ASP B 218 -3.25 -10.14 23.74
C ASP B 218 -4.36 -9.25 23.14
N GLY B 219 -5.04 -8.50 23.99
CA GLY B 219 -6.06 -7.56 23.54
C GLY B 219 -7.38 -8.20 23.17
N LYS B 220 -7.53 -9.51 23.43
CA LYS B 220 -8.62 -10.30 22.87
C LYS B 220 -9.95 -10.26 23.64
N LEU B 221 -11.04 -10.54 22.92
CA LEU B 221 -12.34 -10.75 23.53
C LEU B 221 -12.44 -12.20 24.01
N LYS B 222 -13.10 -12.40 25.15
CA LYS B 222 -13.37 -13.74 25.63
C LYS B 222 -14.18 -14.53 24.60
N TYR B 223 -13.94 -15.83 24.53
CA TYR B 223 -14.66 -16.69 23.60
C TYR B 223 -14.63 -18.13 24.08
N GLN B 224 -15.49 -18.98 23.53
CA GLN B 224 -15.46 -20.42 23.80
C GLN B 224 -15.27 -21.22 22.53
N VAL B 225 -14.86 -22.47 22.67
CA VAL B 225 -14.82 -23.37 21.52
C VAL B 225 -15.85 -24.51 21.61
N ILE B 226 -16.67 -24.62 20.58
CA ILE B 226 -17.73 -25.62 20.51
C ILE B 226 -17.56 -26.27 19.16
N GLY B 227 -17.49 -27.59 19.14
CA GLY B 227 -17.00 -28.26 17.95
C GLY B 227 -15.55 -27.83 17.91
N GLY B 228 -15.09 -27.38 16.74
CA GLY B 228 -13.76 -26.82 16.68
C GLY B 228 -13.86 -25.33 16.42
N GLU B 229 -15.02 -24.76 16.76
CA GLU B 229 -15.40 -23.44 16.27
C GLU B 229 -15.47 -22.39 17.38
N VAL B 230 -15.20 -21.14 17.01
CA VAL B 230 -15.23 -20.05 17.97
C VAL B 230 -16.57 -19.32 17.99
N TYR B 231 -17.16 -19.28 19.17
CA TYR B 231 -18.40 -18.58 19.44
C TYR B 231 -18.20 -17.69 20.67
N PRO B 232 -19.08 -16.72 20.88
CA PRO B 232 -18.92 -15.85 22.05
C PRO B 232 -19.07 -16.66 23.33
N PRO B 233 -18.61 -16.10 24.46
CA PRO B 233 -18.69 -16.79 25.75
C PRO B 233 -20.10 -16.78 26.30
N THR B 234 -20.31 -17.50 27.40
CA THR B 234 -21.65 -17.58 27.98
C THR B 234 -21.91 -16.44 28.95
N VAL B 235 -23.19 -16.15 29.14
CA VAL B 235 -23.60 -15.23 30.19
C VAL B 235 -23.09 -15.74 31.53
N LYS B 236 -23.15 -17.05 31.73
CA LYS B 236 -22.65 -17.66 32.96
C LYS B 236 -21.16 -17.41 33.20
N ASP B 237 -20.35 -17.45 32.15
CA ASP B 237 -18.92 -17.25 32.30
C ASP B 237 -18.55 -15.79 32.56
N THR B 238 -19.32 -14.87 32.00
CA THR B 238 -18.95 -13.47 31.99
C THR B 238 -19.81 -12.61 32.89
N GLN B 239 -21.02 -13.07 33.16
CA GLN B 239 -21.96 -12.31 33.98
C GLN B 239 -22.42 -11.05 33.27
N VAL B 240 -22.27 -10.98 31.95
CA VAL B 240 -22.78 -9.80 31.28
C VAL B 240 -24.28 -9.96 31.03
N GLU B 241 -25.04 -8.93 31.40
CA GLU B 241 -26.48 -8.98 31.27
C GLU B 241 -26.89 -9.15 29.78
N MET B 242 -27.71 -10.14 29.50
CA MET B 242 -28.21 -10.37 28.16
C MET B 242 -29.70 -10.61 28.27
N ILE B 243 -30.43 -10.34 27.19
CA ILE B 243 -31.86 -10.59 27.16
C ILE B 243 -32.20 -11.93 26.52
N TYR B 244 -32.66 -12.87 27.34
CA TYR B 244 -33.04 -14.20 26.88
C TYR B 244 -34.32 -14.63 27.59
N PRO B 245 -35.20 -15.33 26.88
CA PRO B 245 -36.39 -15.88 27.53
C PRO B 245 -35.93 -16.86 28.58
N PRO B 246 -36.71 -17.04 29.66
CA PRO B 246 -36.27 -17.82 30.82
C PRO B 246 -36.04 -19.30 30.47
N HIS B 247 -36.58 -19.75 29.35
CA HIS B 247 -36.45 -21.15 29.00
C HIS B 247 -35.13 -21.53 28.29
N ILE B 248 -34.24 -20.55 28.09
CA ILE B 248 -33.02 -20.82 27.32
C ILE B 248 -31.92 -21.47 28.13
N PRO B 249 -31.44 -22.65 27.68
CA PRO B 249 -30.41 -23.38 28.42
C PRO B 249 -29.15 -22.55 28.65
N GLU B 250 -28.55 -22.70 29.81
CA GLU B 250 -27.43 -21.87 30.21
C GLU B 250 -26.26 -21.78 29.20
N ASN B 251 -25.96 -22.89 28.54
CA ASN B 251 -24.83 -22.92 27.61
C ASN B 251 -25.16 -22.32 26.24
N LEU B 252 -26.37 -21.79 26.10
CA LEU B 252 -26.77 -21.18 24.84
C LEU B 252 -27.01 -19.68 25.00
N GLN B 253 -26.86 -19.18 26.22
CA GLN B 253 -26.93 -17.76 26.49
C GLN B 253 -25.59 -17.08 26.14
N PHE B 254 -25.50 -16.57 24.92
CA PHE B 254 -24.27 -15.95 24.45
C PHE B 254 -24.16 -14.49 24.89
N ALA B 255 -22.93 -13.98 25.00
CA ALA B 255 -22.68 -12.64 25.56
C ALA B 255 -22.55 -11.45 24.57
N VAL B 256 -21.52 -11.45 23.74
CA VAL B 256 -21.42 -10.46 22.62
C VAL B 256 -21.46 -8.94 22.88
N GLY B 257 -22.31 -8.46 23.77
CA GLY B 257 -22.19 -7.08 24.15
C GLY B 257 -23.17 -6.06 23.60
N GLN B 258 -24.08 -6.49 22.74
CA GLN B 258 -25.32 -5.74 22.54
C GLN B 258 -26.37 -6.69 23.13
N GLU B 259 -26.99 -6.29 24.24
CA GLU B 259 -27.83 -7.20 25.02
C GLU B 259 -28.97 -7.87 24.24
N VAL B 260 -29.36 -7.27 23.13
CA VAL B 260 -30.51 -7.75 22.40
C VAL B 260 -30.17 -8.82 21.34
N PHE B 261 -28.89 -9.01 21.05
CA PHE B 261 -28.45 -9.84 19.92
C PHE B 261 -28.63 -11.35 20.07
N GLY B 262 -29.13 -11.77 21.23
CA GLY B 262 -29.36 -13.19 21.42
C GLY B 262 -30.67 -13.63 20.77
N LEU B 263 -31.48 -12.67 20.34
CA LEU B 263 -32.84 -12.96 19.96
C LEU B 263 -33.01 -13.30 18.49
N VAL B 264 -31.89 -13.42 17.78
CA VAL B 264 -31.93 -13.78 16.36
C VAL B 264 -30.60 -14.39 15.92
N PRO B 265 -30.64 -15.61 15.41
CA PRO B 265 -29.39 -16.26 14.97
C PRO B 265 -28.65 -15.48 13.91
N GLY B 266 -29.35 -14.72 13.07
CA GLY B 266 -28.70 -13.89 12.06
C GLY B 266 -27.86 -12.78 12.68
N LEU B 267 -28.34 -12.24 13.79
CA LEU B 267 -27.58 -11.27 14.56
C LEU B 267 -26.40 -11.97 15.21
N MET B 268 -26.70 -13.02 15.98
CA MET B 268 -25.65 -13.79 16.64
C MET B 268 -24.58 -14.28 15.67
N MET B 269 -24.93 -14.41 14.39
CA MET B 269 -23.96 -14.81 13.37
C MET B 269 -22.91 -13.73 13.18
N TYR B 270 -23.33 -12.55 12.78
CA TYR B 270 -22.43 -11.41 12.67
C TYR B 270 -21.66 -11.13 13.97
N ALA B 271 -22.34 -11.15 15.11
CA ALA B 271 -21.67 -10.97 16.38
C ALA B 271 -20.45 -11.89 16.49
N THR B 272 -20.61 -13.13 16.04
CA THR B 272 -19.53 -14.10 16.09
C THR B 272 -18.43 -13.76 15.09
N ILE B 273 -18.82 -13.58 13.83
CA ILE B 273 -17.89 -13.10 12.83
C ILE B 273 -17.01 -11.96 13.37
N TRP B 274 -17.63 -10.89 13.87
CA TRP B 274 -16.89 -9.70 14.30
C TRP B 274 -15.99 -10.00 15.49
N LEU B 275 -16.49 -10.82 16.41
CA LEU B 275 -15.68 -11.26 17.53
C LEU B 275 -14.44 -11.99 17.01
N ARG B 276 -14.65 -12.91 16.08
CA ARG B 276 -13.52 -13.58 15.48
C ARG B 276 -12.55 -12.61 14.81
N GLU B 277 -13.10 -11.61 14.14
CA GLU B 277 -12.30 -10.61 13.42
C GLU B 277 -11.42 -9.79 14.37
N HIS B 278 -11.97 -9.44 15.51
CA HIS B 278 -11.22 -8.70 16.50
C HIS B 278 -10.01 -9.49 16.97
N ASN B 279 -10.24 -10.70 17.46
CA ASN B 279 -9.14 -11.55 17.90
C ASN B 279 -8.14 -11.84 16.77
N ARG B 280 -8.64 -11.84 15.53
CA ARG B 280 -7.77 -12.02 14.38
C ARG B 280 -6.84 -10.82 14.22
N VAL B 281 -7.39 -9.62 14.37
CA VAL B 281 -6.61 -8.40 14.26
C VAL B 281 -5.58 -8.29 15.39
N CYS B 282 -5.97 -8.71 16.60
CA CYS B 282 -5.06 -8.81 17.74
C CYS B 282 -3.83 -9.69 17.45
N ASP B 283 -4.05 -10.88 16.90
CA ASP B 283 -2.92 -11.76 16.59
C ASP B 283 -1.97 -11.08 15.60
N ILE B 284 -2.52 -10.22 14.76
CA ILE B 284 -1.74 -9.51 13.76
C ILE B 284 -0.93 -8.41 14.43
N LEU B 285 -1.61 -7.61 15.23
CA LEU B 285 -0.97 -6.53 15.93
C LEU B 285 0.10 -7.04 16.91
N LYS B 286 -0.16 -8.19 17.56
CA LYS B 286 0.81 -8.77 18.47
C LYS B 286 2.09 -9.18 17.74
N GLN B 287 1.96 -9.54 16.48
CA GLN B 287 3.13 -9.92 15.71
C GLN B 287 3.97 -8.71 15.31
N GLU B 288 3.33 -7.65 14.87
CA GLU B 288 4.02 -6.40 14.56
C GLU B 288 4.47 -5.63 15.81
N HIS B 289 3.97 -6.03 16.97
CA HIS B 289 4.27 -5.30 18.20
C HIS B 289 4.40 -6.23 19.40
N PRO B 290 5.48 -7.00 19.43
CA PRO B 290 5.74 -7.86 20.60
C PRO B 290 5.81 -7.06 21.88
N GLU B 291 6.22 -5.78 21.81
CA GLU B 291 6.34 -4.96 23.03
C GLU B 291 5.02 -4.44 23.58
N TRP B 292 3.95 -4.54 22.80
CA TRP B 292 2.66 -4.00 23.22
C TRP B 292 2.01 -4.88 24.25
N GLY B 293 1.39 -4.24 25.23
CA GLY B 293 0.64 -4.96 26.25
C GLY B 293 -0.80 -5.19 25.84
N ASP B 294 -1.57 -5.77 26.75
CA ASP B 294 -2.96 -6.10 26.49
C ASP B 294 -3.81 -4.89 26.12
N GLU B 295 -3.75 -3.82 26.92
CA GLU B 295 -4.63 -2.68 26.65
C GLU B 295 -4.48 -2.08 25.25
N GLN B 296 -3.25 -1.83 24.83
CA GLN B 296 -3.06 -1.16 23.56
C GLN B 296 -3.42 -2.07 22.37
N LEU B 297 -3.14 -3.36 22.50
CA LEU B 297 -3.61 -4.31 21.50
C LEU B 297 -5.12 -4.20 21.36
N PHE B 298 -5.83 -4.31 22.49
CA PHE B 298 -7.28 -4.19 22.44
C PHE B 298 -7.72 -2.87 21.82
N GLN B 299 -7.26 -1.76 22.37
CA GLN B 299 -7.68 -0.45 21.89
C GLN B 299 -7.39 -0.25 20.39
N THR B 300 -6.19 -0.61 19.95
CA THR B 300 -5.85 -0.46 18.54
C THR B 300 -6.76 -1.35 17.68
N SER B 301 -7.01 -2.57 18.12
CA SER B 301 -7.91 -3.44 17.36
C SER B 301 -9.31 -2.82 17.18
N ARG B 302 -9.90 -2.35 18.26
CA ARG B 302 -11.21 -1.68 18.16
C ARG B 302 -11.17 -0.52 17.14
N LEU B 303 -10.08 0.23 17.12
CA LEU B 303 -9.97 1.33 16.17
C LEU B 303 -9.94 0.79 14.75
N ILE B 304 -9.24 -0.32 14.55
CA ILE B 304 -9.18 -0.95 13.23
C ILE B 304 -10.55 -1.48 12.80
N LEU B 305 -11.22 -2.25 13.67
CA LEU B 305 -12.56 -2.75 13.36
C LEU B 305 -13.55 -1.61 13.03
N ILE B 306 -13.40 -0.47 13.72
CA ILE B 306 -14.25 0.68 13.39
C ILE B 306 -13.98 1.12 11.95
N GLY B 307 -12.70 1.15 11.57
CA GLY B 307 -12.35 1.45 10.20
C GLY B 307 -12.97 0.46 9.24
N GLU B 308 -12.77 -0.84 9.50
CA GLU B 308 -13.30 -1.89 8.66
C GLU B 308 -14.79 -1.73 8.48
N THR B 309 -15.48 -1.43 9.57
CA THR B 309 -16.92 -1.30 9.50
C THR B 309 -17.31 -0.18 8.52
N ILE B 310 -16.75 1.00 8.70
CA ILE B 310 -17.07 2.11 7.81
C ILE B 310 -16.65 1.83 6.37
N LYS B 311 -15.47 1.25 6.17
CA LYS B 311 -15.04 0.84 4.83
C LYS B 311 -16.08 -0.06 4.14
N ILE B 312 -16.49 -1.08 4.85
CA ILE B 312 -17.47 -2.04 4.35
C ILE B 312 -18.86 -1.41 4.17
N VAL B 313 -19.27 -0.61 5.16
CA VAL B 313 -20.59 -0.01 5.09
C VAL B 313 -20.75 0.89 3.87
N ILE B 314 -19.67 1.57 3.46
CA ILE B 314 -19.77 2.46 2.31
C ILE B 314 -19.56 1.72 0.99
N GLU B 315 -18.49 0.94 0.90
CA GLU B 315 -18.11 0.36 -0.38
C GLU B 315 -18.83 -0.93 -0.77
N ASP B 316 -19.52 -1.59 0.16
CA ASP B 316 -20.29 -2.80 -0.15
C ASP B 316 -21.77 -2.67 0.15
N TYR B 317 -22.09 -2.30 1.37
CA TYR B 317 -23.48 -2.19 1.82
C TYR B 317 -24.17 -1.06 1.07
N VAL B 318 -23.72 0.18 1.30
CA VAL B 318 -24.32 1.33 0.64
C VAL B 318 -24.20 1.16 -0.87
N GLN B 319 -23.04 0.72 -1.33
CA GLN B 319 -22.85 0.47 -2.75
C GLN B 319 -24.00 -0.35 -3.30
N HIS B 320 -24.26 -1.48 -2.67
CA HIS B 320 -25.34 -2.34 -3.09
C HIS B 320 -26.71 -1.69 -3.08
N LEU B 321 -27.08 -1.13 -1.93
CA LEU B 321 -28.45 -0.64 -1.82
C LEU B 321 -28.70 0.59 -2.70
N SER B 322 -27.64 1.23 -3.15
CA SER B 322 -27.79 2.43 -3.93
C SER B 322 -28.21 2.07 -5.34
N GLY B 323 -27.60 1.03 -5.88
CA GLY B 323 -27.82 0.63 -7.24
C GLY B 323 -26.93 1.36 -8.23
N TYR B 324 -26.05 2.21 -7.73
CA TYR B 324 -25.20 3.03 -8.60
C TYR B 324 -24.19 2.17 -9.34
N HIS B 325 -23.86 2.60 -10.56
CA HIS B 325 -22.75 2.00 -11.31
C HIS B 325 -21.44 2.68 -10.94
N PHE B 326 -21.56 3.88 -10.38
CA PHE B 326 -20.41 4.58 -9.81
C PHE B 326 -19.86 3.87 -8.57
N LYS B 327 -18.54 3.66 -8.51
CA LYS B 327 -17.95 2.96 -7.39
C LYS B 327 -17.63 3.92 -6.23
N LEU B 328 -18.53 3.93 -5.23
CA LEU B 328 -18.33 4.74 -4.02
C LEU B 328 -16.98 4.53 -3.33
N LYS B 329 -16.51 5.53 -2.58
CA LYS B 329 -15.20 5.43 -1.96
C LYS B 329 -15.22 5.82 -0.49
N PHE B 330 -14.55 5.03 0.34
CA PHE B 330 -14.28 5.45 1.71
C PHE B 330 -12.89 6.03 1.76
N ASP B 331 -12.79 7.35 1.78
CA ASP B 331 -11.50 8.03 1.82
C ASP B 331 -11.58 9.35 2.59
N PRO B 332 -11.25 9.32 3.89
CA PRO B 332 -11.35 10.49 4.76
C PRO B 332 -10.67 11.73 4.18
N GLU B 333 -9.64 11.53 3.34
CA GLU B 333 -8.86 12.66 2.80
C GLU B 333 -9.66 13.50 1.85
N LEU B 334 -10.77 12.95 1.34
CA LEU B 334 -11.63 13.67 0.41
C LEU B 334 -12.23 14.87 1.10
N LEU B 335 -12.21 14.84 2.43
CA LEU B 335 -12.85 15.90 3.21
C LEU B 335 -11.86 16.87 3.84
N PHE B 336 -10.57 16.55 3.78
CA PHE B 336 -9.56 17.35 4.48
C PHE B 336 -9.44 18.78 3.99
N ASN B 337 -9.94 19.06 2.80
CA ASN B 337 -9.91 20.42 2.28
C ASN B 337 -11.30 21.04 2.18
N GLN B 338 -12.26 20.43 2.88
CA GLN B 338 -13.65 20.89 2.87
C GLN B 338 -14.13 21.30 4.28
N GLN B 339 -15.22 22.06 4.33
CA GLN B 339 -15.90 22.31 5.60
C GLN B 339 -16.74 21.11 5.95
N PHE B 340 -16.44 20.49 7.09
CA PHE B 340 -17.16 19.31 7.52
C PHE B 340 -16.98 19.11 9.02
N GLN B 341 -18.05 18.78 9.74
CA GLN B 341 -17.95 18.60 11.19
C GLN B 341 -17.71 17.14 11.60
N TYR B 342 -16.55 16.86 12.18
CA TYR B 342 -16.28 15.51 12.67
C TYR B 342 -17.02 15.23 13.99
N GLN B 343 -18.34 15.42 13.94
CA GLN B 343 -19.22 14.99 15.02
C GLN B 343 -20.54 14.50 14.45
N ASN B 344 -21.37 13.88 15.27
CA ASN B 344 -22.67 13.38 14.81
C ASN B 344 -23.63 13.06 15.93
N ARG B 345 -24.92 13.07 15.61
CA ARG B 345 -25.97 12.81 16.59
C ARG B 345 -27.11 12.09 15.90
N ILE B 346 -27.46 10.87 16.31
CA ILE B 346 -28.44 10.13 15.51
C ILE B 346 -29.85 10.66 15.69
N ALA B 347 -30.50 10.91 14.56
CA ALA B 347 -31.81 11.54 14.53
C ALA B 347 -32.92 10.53 14.71
N SER B 348 -33.96 10.91 15.42
CA SER B 348 -35.14 10.07 15.54
C SER B 348 -35.63 9.62 14.16
N GLU B 349 -35.71 10.56 13.21
CA GLU B 349 -36.21 10.24 11.88
C GLU B 349 -35.37 9.21 11.15
N PHE B 350 -34.06 9.19 11.40
CA PHE B 350 -33.19 8.18 10.81
C PHE B 350 -33.60 6.80 11.35
N ASN B 351 -33.83 6.74 12.66
CA ASN B 351 -34.30 5.51 13.29
C ASN B 351 -35.57 5.09 12.59
N THR B 352 -36.55 5.97 12.59
CA THR B 352 -37.83 5.68 11.98
C THR B 352 -37.72 5.14 10.55
N LEU B 353 -37.01 5.86 9.68
CA LEU B 353 -36.92 5.43 8.28
C LEU B 353 -36.24 4.08 8.08
N TYR B 354 -35.39 3.71 9.04
CA TYR B 354 -34.58 2.52 8.92
C TYR B 354 -35.29 1.25 9.41
N HIS B 355 -36.58 1.34 9.71
CA HIS B 355 -37.34 0.15 10.06
C HIS B 355 -37.71 -0.71 8.83
N TRP B 356 -36.72 -1.42 8.33
CA TRP B 356 -36.82 -2.15 7.09
C TRP B 356 -37.30 -3.60 7.24
N HIS B 357 -38.36 -3.81 8.01
CA HIS B 357 -38.88 -5.16 8.26
C HIS B 357 -39.37 -5.89 7.00
N PRO B 358 -39.88 -5.14 6.02
CA PRO B 358 -40.21 -5.80 4.74
C PRO B 358 -39.07 -6.68 4.22
N LEU B 359 -37.83 -6.43 4.63
CA LEU B 359 -36.72 -7.27 4.18
C LEU B 359 -36.90 -8.73 4.60
N LEU B 360 -37.51 -8.95 5.76
CA LEU B 360 -37.67 -10.29 6.30
C LEU B 360 -38.54 -11.21 5.43
N PRO B 361 -38.14 -12.49 5.32
CA PRO B 361 -38.89 -13.52 4.59
C PRO B 361 -40.01 -14.13 5.43
N ASP B 362 -40.72 -15.09 4.88
CA ASP B 362 -41.79 -15.73 5.65
C ASP B 362 -41.24 -16.87 6.48
N THR B 363 -40.15 -17.45 5.97
CA THR B 363 -39.41 -18.50 6.66
C THR B 363 -37.91 -18.29 6.42
N PHE B 364 -37.10 -18.72 7.37
CA PHE B 364 -35.68 -18.56 7.23
C PHE B 364 -35.08 -19.88 6.71
N ASN B 365 -34.56 -19.84 5.48
CA ASN B 365 -34.05 -21.05 4.86
C ASN B 365 -32.55 -21.23 5.08
N ILE B 366 -32.19 -22.01 6.10
CA ILE B 366 -30.80 -22.30 6.36
C ILE B 366 -30.48 -23.60 5.65
N GLU B 367 -30.26 -23.44 4.35
CA GLU B 367 -30.22 -24.50 3.35
C GLU B 367 -30.33 -25.88 3.96
N ASP B 368 -31.44 -26.53 3.58
CA ASP B 368 -31.87 -27.83 4.07
C ASP B 368 -33.23 -27.64 4.69
N GLN B 369 -33.27 -26.81 5.72
CA GLN B 369 -34.47 -26.61 6.51
C GLN B 369 -35.11 -25.23 6.28
N GLU B 370 -36.34 -25.07 6.76
CA GLU B 370 -37.09 -23.83 6.64
C GLU B 370 -37.72 -23.54 7.97
N TYR B 371 -37.30 -22.44 8.60
CA TYR B 371 -37.76 -22.13 9.94
C TYR B 371 -38.75 -20.97 9.93
N SER B 372 -39.76 -21.07 10.77
CA SER B 372 -40.68 -19.99 11.00
C SER B 372 -40.07 -19.01 12.00
N PHE B 373 -40.67 -17.85 12.15
CA PHE B 373 -40.26 -16.93 13.19
C PHE B 373 -40.17 -17.60 14.56
N LYS B 374 -41.20 -18.35 14.92
CA LYS B 374 -41.26 -18.92 16.26
C LYS B 374 -40.06 -19.83 16.48
N GLN B 375 -39.69 -20.57 15.43
CA GLN B 375 -38.56 -21.48 15.50
C GLN B 375 -37.24 -20.73 15.55
N PHE B 376 -37.15 -19.64 14.79
CA PHE B 376 -35.92 -18.88 14.65
C PHE B 376 -35.58 -18.01 15.88
N LEU B 377 -36.57 -17.30 16.40
CA LEU B 377 -36.31 -16.38 17.51
C LEU B 377 -35.60 -17.00 18.71
N TYR B 378 -34.68 -16.23 19.28
CA TYR B 378 -33.89 -16.62 20.46
C TYR B 378 -33.44 -18.07 20.44
N ASN B 379 -33.15 -18.59 19.25
CA ASN B 379 -32.80 -20.00 19.11
C ASN B 379 -31.41 -20.22 18.53
N ASN B 380 -30.40 -20.03 19.36
CA ASN B 380 -29.02 -20.13 18.93
C ASN B 380 -28.59 -21.55 18.58
N SER B 381 -29.31 -22.53 19.09
CA SER B 381 -28.95 -23.92 18.79
C SER B 381 -28.96 -24.14 17.29
N ILE B 382 -29.81 -23.40 16.58
CA ILE B 382 -29.79 -23.41 15.12
C ILE B 382 -28.40 -23.02 14.59
N LEU B 383 -27.84 -21.97 15.15
CA LEU B 383 -26.54 -21.50 14.74
C LEU B 383 -25.52 -22.59 15.00
N LEU B 384 -25.63 -23.24 16.17
CA LEU B 384 -24.68 -24.30 16.51
C LEU B 384 -24.82 -25.52 15.61
N GLU B 385 -26.05 -25.91 15.31
CA GLU B 385 -26.30 -27.09 14.50
C GLU B 385 -25.67 -26.97 13.12
N HIS B 386 -25.93 -25.85 12.46
CA HIS B 386 -25.47 -25.65 11.09
C HIS B 386 -24.03 -25.13 10.95
N GLY B 387 -23.57 -24.32 11.90
CA GLY B 387 -22.24 -23.74 11.82
C GLY B 387 -22.29 -22.44 11.02
N LEU B 388 -21.21 -21.68 11.04
CA LEU B 388 -21.25 -20.40 10.37
C LEU B 388 -21.24 -20.54 8.85
N THR B 389 -20.47 -21.50 8.36
CA THR B 389 -20.31 -21.68 6.93
C THR B 389 -21.65 -21.89 6.24
N GLN B 390 -22.34 -23.00 6.51
CA GLN B 390 -23.77 -23.09 6.17
C GLN B 390 -24.39 -22.00 7.00
N PHE B 391 -25.11 -21.07 6.39
CA PHE B 391 -25.57 -19.84 7.08
C PHE B 391 -25.12 -18.68 6.24
N VAL B 392 -23.80 -18.48 6.18
CA VAL B 392 -23.26 -17.61 5.15
C VAL B 392 -23.73 -18.12 3.79
N GLU B 393 -23.45 -19.39 3.51
CA GLU B 393 -23.86 -19.96 2.24
C GLU B 393 -25.38 -19.79 2.05
N SER B 394 -26.13 -20.21 3.06
CA SER B 394 -27.58 -20.19 2.94
C SER B 394 -28.12 -18.77 2.81
N PHE B 395 -27.59 -17.85 3.61
CA PHE B 395 -28.10 -16.49 3.68
C PHE B 395 -27.73 -15.66 2.48
N THR B 396 -26.64 -16.03 1.83
CA THR B 396 -26.24 -15.39 0.60
C THR B 396 -27.21 -15.77 -0.50
N ARG B 397 -27.78 -16.97 -0.38
CA ARG B 397 -28.63 -17.56 -1.40
C ARG B 397 -30.07 -17.05 -1.34
N GLN B 398 -30.52 -16.62 -0.17
CA GLN B 398 -31.93 -16.25 0.03
C GLN B 398 -32.23 -14.78 -0.20
N ILE B 399 -33.15 -14.46 -1.11
CA ILE B 399 -33.61 -13.09 -1.33
C ILE B 399 -34.41 -12.56 -0.15
N ALA B 400 -34.17 -11.29 0.15
CA ALA B 400 -34.97 -10.55 1.11
C ALA B 400 -36.09 -9.84 0.37
N GLY B 401 -37.04 -9.29 1.12
CA GLY B 401 -38.19 -8.67 0.51
C GLY B 401 -37.98 -7.23 0.13
N ARG B 402 -38.72 -6.77 -0.86
CA ARG B 402 -38.75 -5.36 -1.24
C ARG B 402 -39.33 -4.46 -0.15
N VAL B 403 -38.75 -3.29 0.06
CA VAL B 403 -39.14 -2.48 1.20
C VAL B 403 -40.22 -1.47 0.87
N ALA B 404 -39.97 -0.65 -0.13
CA ALA B 404 -41.00 0.23 -0.67
C ALA B 404 -42.01 -0.57 -1.52
N GLY B 405 -43.06 0.10 -1.99
CA GLY B 405 -44.01 -0.57 -2.88
C GLY B 405 -45.26 -1.06 -2.19
N GLY B 406 -45.26 -1.00 -0.86
CA GLY B 406 -46.45 -1.29 -0.09
C GLY B 406 -46.64 -2.75 0.20
N ARG B 407 -47.43 -3.03 1.23
CA ARG B 407 -47.89 -4.37 1.51
C ARG B 407 -46.83 -5.44 1.52
N ASN B 408 -45.77 -5.24 2.31
CA ASN B 408 -44.79 -6.30 2.44
C ASN B 408 -44.27 -6.51 3.86
N VAL B 409 -44.99 -5.98 4.84
CA VAL B 409 -44.59 -6.17 6.21
C VAL B 409 -45.06 -7.50 6.75
N PRO B 410 -44.12 -8.36 7.13
CA PRO B 410 -44.45 -9.70 7.64
C PRO B 410 -45.43 -9.62 8.81
N ILE B 411 -46.45 -10.46 8.81
CA ILE B 411 -47.45 -10.46 9.86
C ILE B 411 -46.78 -10.74 11.20
N ALA B 412 -45.70 -11.52 11.18
CA ALA B 412 -45.04 -11.88 12.42
C ALA B 412 -44.59 -10.66 13.22
N VAL B 413 -44.31 -9.55 12.56
CA VAL B 413 -43.83 -8.35 13.25
C VAL B 413 -44.80 -7.18 13.12
N GLN B 414 -46.09 -7.49 13.03
CA GLN B 414 -47.07 -6.43 12.81
C GLN B 414 -47.14 -5.51 14.01
N ALA B 415 -46.90 -6.06 15.20
CA ALA B 415 -46.90 -5.26 16.41
C ALA B 415 -45.87 -4.12 16.31
N VAL B 416 -44.69 -4.45 15.78
CA VAL B 416 -43.62 -3.51 15.60
C VAL B 416 -44.04 -2.42 14.64
N ALA B 417 -44.51 -2.80 13.46
CA ALA B 417 -44.91 -1.79 12.47
C ALA B 417 -46.00 -0.85 13.00
N LYS B 418 -46.92 -1.36 13.80
CA LYS B 418 -47.95 -0.49 14.36
C LYS B 418 -47.29 0.47 15.35
N ALA B 419 -46.51 -0.09 16.27
CA ALA B 419 -45.70 0.71 17.17
C ALA B 419 -45.03 1.87 16.44
N SER B 420 -44.41 1.58 15.29
CA SER B 420 -43.73 2.62 14.53
C SER B 420 -44.69 3.75 14.18
N ILE B 421 -45.89 3.41 13.74
CA ILE B 421 -46.87 4.44 13.46
C ILE B 421 -47.19 5.19 14.73
N ASP B 422 -47.55 4.44 15.77
CA ASP B 422 -47.97 5.02 17.04
C ASP B 422 -46.93 5.91 17.69
N GLN B 423 -45.68 5.44 17.69
CA GLN B 423 -44.60 6.20 18.31
C GLN B 423 -44.22 7.42 17.48
N SER B 424 -44.27 7.30 16.16
CA SER B 424 -44.14 8.47 15.31
C SER B 424 -45.05 9.60 15.79
N ARG B 425 -46.29 9.26 16.09
CA ARG B 425 -47.30 10.24 16.46
C ARG B 425 -47.11 10.69 17.90
N GLU B 426 -46.73 9.75 18.74
CA GLU B 426 -46.45 10.05 20.13
C GLU B 426 -45.34 11.13 20.15
N MET B 427 -44.33 10.96 19.30
CA MET B 427 -43.23 11.90 19.23
C MET B 427 -43.56 13.14 18.42
N LYS B 428 -44.81 13.27 17.98
CA LYS B 428 -45.25 14.44 17.21
C LYS B 428 -44.48 14.75 15.91
N TYR B 429 -44.22 13.73 15.09
CA TYR B 429 -43.59 13.97 13.79
C TYR B 429 -44.43 14.90 12.92
N GLN B 430 -43.78 15.68 12.07
CA GLN B 430 -44.50 16.43 11.04
C GLN B 430 -44.88 15.52 9.85
N SER B 431 -45.59 16.08 8.88
CA SER B 431 -46.10 15.33 7.73
C SER B 431 -45.02 14.87 6.75
N LEU B 432 -45.35 13.87 5.93
CA LEU B 432 -44.43 13.37 4.93
C LEU B 432 -43.96 14.51 4.05
N ASN B 433 -44.90 15.34 3.63
CA ASN B 433 -44.56 16.46 2.76
C ASN B 433 -43.69 17.51 3.42
N GLU B 434 -43.80 17.65 4.73
CA GLU B 434 -42.94 18.59 5.41
C GLU B 434 -41.50 18.09 5.42
N TYR B 435 -41.32 16.78 5.60
CA TYR B 435 -39.99 16.18 5.56
C TYR B 435 -39.41 16.18 4.17
N ARG B 436 -40.26 16.01 3.17
CA ARG B 436 -39.80 16.08 1.80
C ARG B 436 -39.28 17.49 1.52
N LYS B 437 -40.05 18.50 1.91
CA LYS B 437 -39.61 19.87 1.70
C LYS B 437 -38.27 20.11 2.41
N ARG B 438 -38.18 19.60 3.64
CA ARG B 438 -36.99 19.72 4.45
C ARG B 438 -35.75 19.15 3.76
N PHE B 439 -35.93 18.14 2.92
CA PHE B 439 -34.77 17.52 2.25
C PHE B 439 -34.70 17.83 0.77
N SER B 440 -35.26 18.97 0.38
CA SER B 440 -35.15 19.46 -1.00
C SER B 440 -35.89 18.57 -2.00
N LEU B 441 -36.90 17.85 -1.54
CA LEU B 441 -37.77 17.14 -2.46
C LEU B 441 -39.02 17.98 -2.74
N LYS B 442 -39.66 17.74 -3.88
CA LYS B 442 -40.93 18.41 -4.17
C LYS B 442 -42.06 17.63 -3.51
N PRO B 443 -42.96 18.32 -2.79
CA PRO B 443 -44.01 17.57 -2.10
C PRO B 443 -44.96 16.83 -3.04
N TYR B 444 -45.51 15.74 -2.55
CA TYR B 444 -46.49 14.95 -3.27
C TYR B 444 -47.83 15.68 -3.34
N THR B 445 -48.46 15.63 -4.50
CA THR B 445 -49.75 16.33 -4.72
C THR B 445 -50.97 15.39 -4.67
N SER B 446 -50.74 14.10 -4.50
CA SER B 446 -51.82 13.12 -4.48
C SER B 446 -51.30 11.75 -4.01
N PHE B 447 -52.14 10.99 -3.33
CA PHE B 447 -51.71 9.69 -2.84
C PHE B 447 -51.29 8.82 -4.00
N GLU B 448 -51.83 9.16 -5.15
CA GLU B 448 -51.62 8.40 -6.36
C GLU B 448 -50.22 8.69 -6.93
N GLU B 449 -49.74 9.92 -6.74
CA GLU B 449 -48.38 10.26 -7.14
C GLU B 449 -47.36 9.61 -6.21
N LEU B 450 -47.74 9.45 -4.95
CA LEU B 450 -46.91 8.83 -3.93
C LEU B 450 -46.69 7.33 -4.19
N THR B 451 -47.78 6.60 -4.44
CA THR B 451 -47.68 5.14 -4.62
C THR B 451 -47.39 4.71 -6.05
N GLY B 452 -47.79 5.51 -7.03
CA GLY B 452 -47.58 5.19 -8.43
C GLY B 452 -48.55 4.14 -8.95
N GLU B 453 -49.61 3.92 -8.19
CA GLU B 453 -50.61 2.93 -8.52
C GLU B 453 -51.97 3.45 -8.06
N LYS B 454 -53.03 2.66 -8.26
CA LYS B 454 -54.38 3.17 -8.02
C LYS B 454 -55.02 2.67 -6.72
N GLU B 455 -54.81 1.40 -6.39
CA GLU B 455 -55.56 0.76 -5.30
C GLU B 455 -55.19 1.24 -3.89
N MET B 456 -53.91 1.15 -3.55
CA MET B 456 -53.46 1.58 -2.23
C MET B 456 -53.67 3.07 -2.07
N ALA B 457 -53.50 3.81 -3.16
CA ALA B 457 -53.70 5.26 -3.13
C ALA B 457 -55.14 5.64 -2.75
N ALA B 458 -56.11 4.95 -3.33
CA ALA B 458 -57.49 5.24 -3.01
C ALA B 458 -57.78 4.85 -1.54
N GLU B 459 -57.18 3.75 -1.11
CA GLU B 459 -57.34 3.28 0.26
C GLU B 459 -56.83 4.33 1.26
N LEU B 460 -55.66 4.89 0.96
CA LEU B 460 -55.04 5.91 1.81
C LEU B 460 -55.87 7.18 1.80
N LYS B 461 -56.33 7.59 0.62
CA LYS B 461 -57.06 8.84 0.48
C LYS B 461 -58.33 8.84 1.33
N ALA B 462 -58.81 7.65 1.62
CA ALA B 462 -60.04 7.47 2.37
C ALA B 462 -59.77 7.63 3.86
N LEU B 463 -58.54 7.37 4.26
CA LEU B 463 -58.16 7.44 5.66
C LEU B 463 -57.61 8.81 6.03
N TYR B 464 -56.67 9.32 5.22
CA TYR B 464 -55.99 10.56 5.56
C TYR B 464 -56.73 11.75 4.96
N SER B 465 -57.32 11.53 3.81
CA SER B 465 -58.19 12.52 3.17
C SER B 465 -57.40 13.61 2.42
N ASP B 466 -56.26 14.02 2.97
CA ASP B 466 -55.45 15.07 2.35
C ASP B 466 -54.00 14.65 2.31
N ILE B 467 -53.42 14.57 1.11
CA ILE B 467 -52.00 14.21 0.95
C ILE B 467 -51.06 14.95 1.92
N ASP B 468 -51.36 16.22 2.21
CA ASP B 468 -50.53 17.04 3.08
C ASP B 468 -50.56 16.57 4.54
N VAL B 469 -51.30 15.50 4.80
CA VAL B 469 -51.41 14.97 6.15
C VAL B 469 -50.93 13.52 6.21
N MET B 470 -50.41 13.05 5.08
CA MET B 470 -49.81 11.73 5.00
C MET B 470 -48.58 11.67 5.93
N GLU B 471 -48.53 10.64 6.79
CA GLU B 471 -47.44 10.42 7.75
C GLU B 471 -46.16 9.88 7.09
N LEU B 472 -45.02 10.19 7.70
CA LEU B 472 -43.73 9.84 7.09
C LEU B 472 -43.47 8.35 7.08
N TYR B 473 -43.67 7.67 8.20
CA TYR B 473 -43.37 6.25 8.26
C TYR B 473 -44.10 5.42 7.19
N PRO B 474 -45.44 5.44 7.20
CA PRO B 474 -46.17 4.64 6.22
C PRO B 474 -45.77 4.97 4.79
N ALA B 475 -45.70 6.26 4.47
CA ALA B 475 -45.33 6.68 3.12
C ALA B 475 -44.06 6.00 2.63
N LEU B 476 -43.07 5.88 3.50
CA LEU B 476 -41.80 5.28 3.14
C LEU B 476 -41.98 3.85 2.62
N LEU B 477 -42.76 3.05 3.35
CA LEU B 477 -42.97 1.66 2.98
C LEU B 477 -43.94 1.46 1.83
N VAL B 478 -44.69 2.50 1.49
CA VAL B 478 -45.78 2.41 0.54
C VAL B 478 -45.45 3.14 -0.74
N GLU B 479 -44.41 3.96 -0.68
CA GLU B 479 -43.97 4.81 -1.78
C GLU B 479 -43.58 4.02 -3.03
N LYS B 480 -43.89 4.59 -4.19
CA LYS B 480 -43.49 4.00 -5.44
C LYS B 480 -41.98 3.81 -5.47
N PRO B 481 -41.53 2.56 -5.67
CA PRO B 481 -40.10 2.27 -5.79
C PRO B 481 -39.49 2.95 -7.00
N ARG B 482 -38.23 3.34 -6.90
CA ARG B 482 -37.45 3.66 -8.08
C ARG B 482 -37.48 2.39 -8.93
N PRO B 483 -37.31 2.51 -10.26
CA PRO B 483 -37.51 1.43 -11.23
C PRO B 483 -37.41 0.02 -10.64
N ASP B 484 -36.27 -0.63 -10.74
CA ASP B 484 -36.20 -1.99 -10.22
C ASP B 484 -35.56 -1.99 -8.85
N ALA B 485 -35.99 -1.03 -8.05
CA ALA B 485 -35.33 -0.70 -6.81
C ALA B 485 -36.10 -1.16 -5.58
N ILE B 486 -35.40 -1.15 -4.45
CA ILE B 486 -35.93 -1.63 -3.19
C ILE B 486 -36.57 -0.49 -2.41
N PHE B 487 -36.12 0.74 -2.67
CA PHE B 487 -36.62 1.92 -1.96
C PHE B 487 -37.13 2.94 -2.95
N GLY B 488 -38.00 3.84 -2.48
CA GLY B 488 -38.39 5.00 -3.26
C GLY B 488 -37.49 6.21 -3.00
N GLU B 489 -37.83 7.34 -3.62
CA GLU B 489 -37.09 8.59 -3.47
C GLU B 489 -36.92 9.02 -2.01
N THR B 490 -38.03 9.10 -1.27
CA THR B 490 -38.00 9.63 0.08
C THR B 490 -36.99 8.87 0.94
N MET B 491 -37.08 7.54 0.95
CA MET B 491 -36.14 6.73 1.73
C MET B 491 -34.70 7.12 1.45
N VAL B 492 -34.35 7.21 0.18
CA VAL B 492 -32.96 7.49 -0.18
C VAL B 492 -32.52 8.94 0.06
N GLU B 493 -33.45 9.88 -0.03
CA GLU B 493 -33.08 11.28 0.09
C GLU B 493 -33.05 11.77 1.52
N LEU B 494 -33.71 11.05 2.42
CA LEU B 494 -33.57 11.31 3.86
C LEU B 494 -32.41 10.49 4.39
N GLY B 495 -32.29 9.27 3.90
CA GLY B 495 -31.39 8.31 4.47
C GLY B 495 -29.94 8.66 4.27
N ALA B 496 -29.56 8.94 3.02
CA ALA B 496 -28.15 9.17 2.70
C ALA B 496 -27.49 10.25 3.56
N PRO B 497 -28.14 11.41 3.71
CA PRO B 497 -27.50 12.45 4.51
C PRO B 497 -27.24 11.96 5.93
N PHE B 498 -28.27 11.41 6.59
CA PHE B 498 -28.11 10.85 7.93
C PHE B 498 -27.02 9.80 7.95
N SER B 499 -27.01 8.94 6.95
CA SER B 499 -26.10 7.81 6.92
C SER B 499 -24.66 8.26 6.76
N LEU B 500 -24.43 9.22 5.87
CA LEU B 500 -23.06 9.63 5.56
C LEU B 500 -22.42 10.47 6.67
N LYS B 501 -23.25 11.27 7.33
CA LYS B 501 -22.76 12.03 8.47
C LYS B 501 -22.31 11.08 9.56
N GLY B 502 -23.09 10.04 9.82
CA GLY B 502 -22.77 9.10 10.88
C GLY B 502 -21.51 8.32 10.57
N LEU B 503 -21.20 8.24 9.29
CA LEU B 503 -20.12 7.42 8.81
C LEU B 503 -18.84 8.23 8.77
N MET B 504 -18.92 9.43 8.20
CA MET B 504 -17.73 10.22 7.98
C MET B 504 -17.41 11.13 9.15
N GLY B 505 -18.42 11.43 9.98
CA GLY B 505 -18.23 12.30 11.12
C GLY B 505 -17.68 11.55 12.33
N ASN B 506 -17.01 10.45 12.07
CA ASN B 506 -16.36 9.65 13.09
C ASN B 506 -14.95 10.16 13.32
N PRO B 507 -14.55 10.35 14.58
CA PRO B 507 -13.21 10.83 14.89
C PRO B 507 -12.09 10.18 14.06
N ILE B 508 -12.16 8.88 13.77
CA ILE B 508 -11.04 8.26 13.06
C ILE B 508 -10.93 8.80 11.64
N CYS B 509 -11.95 9.50 11.17
CA CYS B 509 -11.92 10.07 9.82
C CYS B 509 -11.32 11.46 9.80
N SER B 510 -11.03 11.99 10.98
CA SER B 510 -10.50 13.32 11.11
C SER B 510 -9.00 13.27 10.92
N PRO B 511 -8.41 14.36 10.40
CA PRO B 511 -6.99 14.39 10.03
C PRO B 511 -6.06 13.87 11.14
N GLN B 512 -6.34 14.19 12.39
CA GLN B 512 -5.46 13.79 13.48
C GLN B 512 -5.36 12.29 13.65
N TYR B 513 -6.47 11.63 13.36
CA TYR B 513 -6.60 10.20 13.56
C TYR B 513 -6.24 9.42 12.30
N TRP B 514 -6.55 9.97 11.13
CA TRP B 514 -6.39 9.22 9.87
C TRP B 514 -4.94 9.21 9.40
N LYS B 515 -4.17 8.33 10.03
CA LYS B 515 -2.78 8.11 9.72
C LYS B 515 -2.36 6.77 10.29
N PRO B 516 -1.35 6.14 9.69
CA PRO B 516 -0.98 4.76 10.02
C PRO B 516 -0.72 4.54 11.51
N SER B 517 -0.14 5.51 12.19
CA SER B 517 0.29 5.24 13.54
C SER B 517 -0.92 4.95 14.41
N THR B 518 -2.03 5.55 14.04
CA THR B 518 -3.26 5.46 14.81
C THR B 518 -3.65 4.01 14.94
N PHE B 519 -3.33 3.25 13.91
CA PHE B 519 -3.81 1.88 13.78
C PHE B 519 -2.70 0.86 13.96
N GLY B 520 -1.61 1.29 14.57
CA GLY B 520 -0.52 0.39 14.84
C GLY B 520 0.41 0.23 13.67
N GLY B 521 0.30 1.14 12.71
CA GLY B 521 1.22 1.10 11.59
C GLY B 521 0.63 0.75 10.24
N GLU B 522 1.48 0.69 9.23
CA GLU B 522 1.04 0.56 7.85
C GLU B 522 0.23 -0.73 7.65
N VAL B 523 0.58 -1.73 8.42
CA VAL B 523 -0.01 -3.06 8.31
C VAL B 523 -1.46 -3.08 8.85
N GLY B 524 -1.69 -2.34 9.93
CA GLY B 524 -3.03 -2.21 10.46
C GLY B 524 -3.89 -1.29 9.60
N PHE B 525 -3.29 -0.21 9.12
CA PHE B 525 -3.97 0.74 8.24
C PHE B 525 -4.50 -0.02 7.03
N LYS B 526 -3.73 -0.98 6.54
CA LYS B 526 -4.10 -1.72 5.34
C LYS B 526 -5.36 -2.52 5.61
N ILE B 527 -5.41 -3.15 6.78
CA ILE B 527 -6.57 -3.92 7.20
C ILE B 527 -7.83 -3.12 6.99
N ILE B 528 -7.76 -1.82 7.25
CA ILE B 528 -8.91 -0.97 6.98
C ILE B 528 -9.12 -0.76 5.49
N ASN B 529 -8.07 -0.33 4.81
CA ASN B 529 -8.19 0.11 3.43
C ASN B 529 -8.43 -0.99 2.39
N THR B 530 -8.42 -2.24 2.81
CA THR B 530 -8.71 -3.35 1.90
C THR B 530 -9.89 -4.19 2.38
N ALA B 531 -10.56 -3.74 3.43
CA ALA B 531 -11.67 -4.48 4.00
C ALA B 531 -12.86 -4.57 3.04
N SER B 532 -13.51 -5.74 3.04
CA SER B 532 -14.71 -5.96 2.25
C SER B 532 -15.58 -6.92 3.01
N ILE B 533 -16.89 -6.90 2.76
CA ILE B 533 -17.75 -7.91 3.36
C ILE B 533 -17.23 -9.31 3.00
N GLN B 534 -16.70 -9.44 1.78
CA GLN B 534 -16.20 -10.73 1.33
C GLN B 534 -15.02 -11.21 2.16
N SER B 535 -14.02 -10.35 2.33
CA SER B 535 -12.85 -10.74 3.09
C SER B 535 -13.17 -10.93 4.59
N LEU B 536 -14.16 -10.20 5.10
CA LEU B 536 -14.58 -10.38 6.47
C LEU B 536 -15.03 -11.81 6.68
N ILE B 537 -15.82 -12.33 5.76
CA ILE B 537 -16.28 -13.70 5.86
C ILE B 537 -15.15 -14.67 5.56
N CYS B 538 -14.33 -14.32 4.57
CA CYS B 538 -13.22 -15.17 4.18
C CYS B 538 -12.21 -15.43 5.29
N ASN B 539 -11.84 -14.38 6.03
CA ASN B 539 -10.82 -14.50 7.07
C ASN B 539 -11.31 -15.15 8.34
N ASN B 540 -12.64 -15.29 8.48
CA ASN B 540 -13.19 -15.67 9.76
C ASN B 540 -14.09 -16.86 9.75
N VAL B 541 -14.56 -17.22 8.56
CA VAL B 541 -15.50 -18.33 8.46
C VAL B 541 -14.87 -19.58 7.86
N LYS B 542 -15.17 -20.73 8.46
CA LYS B 542 -14.45 -21.99 8.23
C LYS B 542 -14.06 -22.35 6.79
N GLY B 543 -15.00 -22.39 5.86
CA GLY B 543 -14.62 -22.63 4.47
C GLY B 543 -13.97 -21.35 4.03
N CYS B 544 -14.09 -20.96 2.77
CA CYS B 544 -14.03 -19.52 2.53
C CYS B 544 -15.23 -19.12 1.69
N PRO B 545 -16.41 -19.25 2.30
CA PRO B 545 -17.70 -19.18 1.61
C PRO B 545 -17.80 -17.88 0.86
N PHE B 546 -18.25 -17.95 -0.38
CA PHE B 546 -18.50 -16.75 -1.14
C PHE B 546 -19.67 -15.98 -0.53
N THR B 547 -19.53 -14.66 -0.37
CA THR B 547 -20.69 -13.86 0.02
C THR B 547 -20.86 -12.60 -0.78
N SER B 548 -21.97 -11.95 -0.48
CA SER B 548 -22.35 -10.75 -1.18
C SER B 548 -23.63 -10.26 -0.54
N PHE B 549 -23.95 -8.99 -0.73
CA PHE B 549 -25.20 -8.47 -0.22
C PHE B 549 -26.24 -8.72 -1.31
N ASN B 550 -25.88 -9.64 -2.20
CA ASN B 550 -26.47 -9.77 -3.51
C ASN B 550 -26.81 -11.21 -3.87
N VAL B 551 -28.08 -11.48 -4.08
CA VAL B 551 -28.47 -12.81 -4.51
C VAL B 551 -28.12 -12.94 -6.00
N GLN B 552 -27.18 -13.83 -6.30
CA GLN B 552 -26.70 -14.02 -7.66
C GLN B 552 -27.60 -14.99 -8.41
N ALA C 1 13.54 -10.94 -55.77
CA ALA C 1 14.62 -9.97 -55.68
C ALA C 1 15.70 -10.50 -54.75
N ASN C 2 15.41 -10.53 -53.45
CA ASN C 2 16.33 -11.06 -52.46
C ASN C 2 16.88 -12.40 -52.88
N PRO C 3 18.17 -12.46 -53.23
CA PRO C 3 18.80 -13.65 -53.83
C PRO C 3 18.79 -14.84 -52.89
N CYS C 4 18.34 -14.64 -51.67
CA CYS C 4 18.31 -15.71 -50.68
C CYS C 4 16.97 -16.44 -50.63
N CYS C 5 16.01 -15.92 -51.40
CA CYS C 5 14.64 -16.40 -51.38
C CYS C 5 14.50 -17.90 -51.63
N SER C 6 15.36 -18.44 -52.50
CA SER C 6 15.26 -19.85 -52.87
C SER C 6 15.75 -20.81 -51.78
N ASN C 7 16.16 -20.26 -50.64
CA ASN C 7 16.69 -21.07 -49.55
C ASN C 7 17.74 -22.04 -50.04
N PRO C 8 18.74 -21.53 -50.78
CA PRO C 8 19.77 -22.34 -51.44
C PRO C 8 20.72 -23.04 -50.50
N CYS C 9 20.99 -22.45 -49.35
CA CYS C 9 21.97 -23.03 -48.45
C CYS C 9 21.42 -24.27 -47.75
N GLN C 10 22.22 -25.33 -47.71
CA GLN C 10 21.77 -26.60 -47.17
C GLN C 10 22.44 -26.96 -45.85
N ASN C 11 21.98 -28.04 -45.24
CA ASN C 11 22.61 -28.56 -44.04
C ASN C 11 22.87 -27.57 -42.91
N ARG C 12 22.00 -26.56 -42.80
CA ARG C 12 22.03 -25.63 -41.68
C ARG C 12 23.04 -24.50 -41.85
N GLY C 13 23.70 -24.44 -43.00
CA GLY C 13 24.49 -23.29 -43.37
C GLY C 13 23.60 -22.06 -43.51
N GLU C 14 24.19 -20.88 -43.38
CA GLU C 14 23.40 -19.64 -43.41
C GLU C 14 23.61 -18.84 -44.70
N CYS C 15 22.52 -18.38 -45.29
CA CYS C 15 22.59 -17.65 -46.54
C CYS C 15 22.65 -16.14 -46.30
N MET C 16 23.57 -15.47 -47.00
CA MET C 16 23.71 -14.03 -46.90
C MET C 16 23.82 -13.41 -48.28
N SER C 17 23.08 -12.32 -48.52
CA SER C 17 23.15 -11.64 -49.81
C SER C 17 24.44 -10.82 -49.98
N THR C 18 25.08 -10.97 -51.14
CA THR C 18 26.35 -10.28 -51.40
C THR C 18 26.26 -9.41 -52.64
N GLY C 19 25.29 -8.50 -52.65
CA GLY C 19 25.01 -7.74 -53.86
C GLY C 19 23.60 -8.09 -54.27
N PHE C 20 22.98 -7.25 -55.11
CA PHE C 20 21.55 -7.42 -55.39
C PHE C 20 21.13 -8.79 -55.92
N ASP C 21 22.03 -9.46 -56.64
CA ASP C 21 21.68 -10.66 -57.40
C ASP C 21 22.56 -11.89 -57.12
N GLN C 22 23.40 -11.82 -56.11
CA GLN C 22 24.24 -12.97 -55.74
C GLN C 22 24.17 -13.26 -54.23
N TYR C 23 24.55 -14.48 -53.85
CA TYR C 23 24.52 -14.86 -52.44
C TYR C 23 25.77 -15.63 -52.05
N LYS C 24 25.93 -15.83 -50.74
CA LYS C 24 27.02 -16.64 -50.21
C LYS C 24 26.55 -17.48 -49.02
N CYS C 25 27.11 -18.68 -48.89
CA CYS C 25 26.75 -19.57 -47.79
C CYS C 25 27.85 -19.67 -46.77
N ASP C 26 27.47 -19.53 -45.52
CA ASP C 26 28.41 -19.67 -44.42
C ASP C 26 28.33 -21.11 -43.95
N CYS C 27 29.30 -21.92 -44.36
CA CYS C 27 29.22 -23.34 -44.09
C CYS C 27 29.84 -23.71 -42.75
N THR C 28 30.13 -22.69 -41.94
CA THR C 28 30.84 -22.88 -40.70
C THR C 28 30.19 -23.94 -39.82
N ARG C 29 31.02 -24.85 -39.33
CA ARG C 29 30.63 -25.91 -38.41
C ARG C 29 29.52 -26.87 -38.87
N THR C 30 29.18 -26.85 -40.15
CA THR C 30 28.11 -27.72 -40.64
C THR C 30 28.56 -29.15 -40.94
N GLY C 31 29.84 -29.31 -41.25
CA GLY C 31 30.35 -30.61 -41.68
C GLY C 31 30.32 -30.73 -43.19
N PHE C 32 29.92 -29.66 -43.85
CA PHE C 32 29.86 -29.60 -45.31
C PHE C 32 30.66 -28.40 -45.81
N TYR C 33 30.83 -28.32 -47.13
CA TYR C 33 31.39 -27.13 -47.78
C TYR C 33 30.86 -27.03 -49.19
N GLY C 34 31.33 -26.05 -49.95
CA GLY C 34 30.84 -25.88 -51.31
C GLY C 34 29.85 -24.74 -51.43
N GLU C 35 29.44 -24.42 -52.65
CA GLU C 35 28.62 -23.23 -52.86
C GLU C 35 27.35 -23.26 -52.00
N ASN C 36 26.82 -24.46 -51.74
CA ASN C 36 25.57 -24.58 -50.99
C ASN C 36 25.69 -25.41 -49.71
N CYS C 37 26.90 -25.81 -49.36
CA CYS C 37 27.11 -26.63 -48.17
C CYS C 37 26.51 -27.99 -48.41
N THR C 38 26.57 -28.42 -49.67
CA THR C 38 26.02 -29.71 -50.08
C THR C 38 27.05 -30.84 -50.08
N THR C 39 28.33 -30.49 -50.20
CA THR C 39 29.38 -31.51 -50.28
C THR C 39 30.04 -31.77 -48.93
N PRO C 40 29.94 -33.02 -48.45
CA PRO C 40 30.33 -33.43 -47.10
C PRO C 40 31.82 -33.50 -46.89
N GLU C 41 32.25 -33.15 -45.69
CA GLU C 41 33.61 -33.42 -45.24
C GLU C 41 33.73 -34.92 -45.09
N PHE C 42 34.93 -35.39 -44.75
CA PHE C 42 35.14 -36.84 -44.71
C PHE C 42 34.35 -37.48 -43.58
N LEU C 43 34.66 -37.10 -42.35
CA LEU C 43 33.97 -37.64 -41.19
C LEU C 43 32.44 -37.58 -41.34
N THR C 44 31.97 -36.60 -42.11
CA THR C 44 30.54 -36.45 -42.36
C THR C 44 30.00 -37.62 -43.17
N ARG C 45 30.70 -37.98 -44.25
CA ARG C 45 30.31 -39.14 -45.06
C ARG C 45 30.13 -40.39 -44.21
N ILE C 46 31.01 -40.57 -43.21
CA ILE C 46 30.90 -41.71 -42.30
C ILE C 46 29.69 -41.60 -41.38
N LYS C 47 29.55 -40.46 -40.69
CA LYS C 47 28.39 -40.23 -39.83
C LYS C 47 27.09 -40.50 -40.59
N LEU C 48 27.03 -40.07 -41.85
CA LEU C 48 25.86 -40.27 -42.69
C LEU C 48 25.55 -41.74 -42.97
N LEU C 49 26.59 -42.53 -43.28
CA LEU C 49 26.42 -43.95 -43.56
C LEU C 49 26.08 -44.74 -42.30
N LEU C 50 26.14 -44.09 -41.15
CA LEU C 50 25.88 -44.77 -39.88
C LEU C 50 24.66 -44.23 -39.13
N LYS C 51 24.03 -43.20 -39.69
CA LYS C 51 22.84 -42.60 -39.06
C LYS C 51 21.60 -43.37 -39.47
N PRO C 52 21.06 -44.15 -38.54
CA PRO C 52 19.80 -44.84 -38.82
C PRO C 52 18.74 -43.78 -39.01
N THR C 53 17.77 -44.01 -39.88
CA THR C 53 16.71 -43.03 -40.07
C THR C 53 15.76 -42.97 -38.87
N PRO C 54 15.05 -41.84 -38.72
CA PRO C 54 14.06 -41.71 -37.65
C PRO C 54 13.14 -42.92 -37.60
N ASN C 55 12.66 -43.38 -38.74
CA ASN C 55 11.71 -44.51 -38.73
C ASN C 55 12.37 -45.83 -38.28
N THR C 56 13.63 -46.02 -38.64
CA THR C 56 14.37 -47.19 -38.21
C THR C 56 14.48 -47.20 -36.69
N VAL C 57 15.03 -46.12 -36.15
CA VAL C 57 15.16 -45.94 -34.72
C VAL C 57 13.81 -46.08 -34.02
N HIS C 58 12.77 -45.52 -34.62
CA HIS C 58 11.42 -45.65 -34.08
C HIS C 58 10.94 -47.10 -34.02
N TYR C 59 11.20 -47.87 -35.08
CA TYR C 59 10.85 -49.29 -35.06
C TYR C 59 11.51 -49.96 -33.85
N ILE C 60 12.85 -49.84 -33.79
CA ILE C 60 13.61 -50.48 -32.73
C ILE C 60 13.09 -50.16 -31.33
N LEU C 61 12.60 -48.93 -31.17
CA LEU C 61 12.18 -48.42 -29.88
C LEU C 61 10.78 -48.93 -29.47
N THR C 62 10.01 -49.38 -30.45
CA THR C 62 8.63 -49.82 -30.20
C THR C 62 8.42 -51.33 -30.36
N HIS C 63 9.51 -52.05 -30.62
CA HIS C 63 9.49 -53.49 -30.68
C HIS C 63 10.51 -54.05 -29.68
N PHE C 64 10.69 -55.37 -29.70
CA PHE C 64 11.67 -56.00 -28.83
C PHE C 64 11.36 -55.74 -27.36
N LYS C 65 10.07 -55.72 -27.03
CA LYS C 65 9.62 -55.40 -25.68
C LYS C 65 10.39 -56.20 -24.62
N GLY C 66 10.76 -57.43 -24.99
CA GLY C 66 11.52 -58.28 -24.08
C GLY C 66 12.90 -57.76 -23.76
N VAL C 67 13.57 -57.23 -24.79
CA VAL C 67 14.92 -56.71 -24.62
C VAL C 67 14.90 -55.43 -23.81
N TRP C 68 14.03 -54.51 -24.21
CA TRP C 68 13.90 -53.26 -23.48
C TRP C 68 13.63 -53.54 -22.01
N ASN C 69 12.75 -54.51 -21.76
CA ASN C 69 12.39 -54.85 -20.38
C ASN C 69 13.63 -55.18 -19.56
N ILE C 70 14.63 -55.75 -20.23
CA ILE C 70 15.91 -56.07 -19.60
C ILE C 70 16.77 -54.83 -19.43
N VAL C 71 16.88 -54.03 -20.50
CA VAL C 71 17.65 -52.80 -20.45
C VAL C 71 17.13 -51.86 -19.37
N ASN C 72 15.82 -51.74 -19.27
CA ASN C 72 15.20 -50.85 -18.32
C ASN C 72 15.57 -51.16 -16.86
N ASN C 73 16.16 -52.33 -16.64
CA ASN C 73 16.56 -52.75 -15.30
C ASN C 73 18.07 -52.80 -15.11
N ILE C 74 18.80 -52.26 -16.08
CA ILE C 74 20.23 -52.03 -15.97
C ILE C 74 20.51 -50.51 -15.94
N PRO C 75 20.59 -49.94 -14.75
CA PRO C 75 20.80 -48.49 -14.59
C PRO C 75 21.88 -47.93 -15.51
N PHE C 76 23.04 -48.56 -15.51
CA PHE C 76 24.17 -48.13 -16.33
C PHE C 76 23.80 -47.93 -17.79
N LEU C 77 22.75 -48.62 -18.23
CA LEU C 77 22.36 -48.63 -19.63
C LEU C 77 21.23 -47.67 -19.88
N ARG C 78 20.24 -47.70 -18.99
CA ARG C 78 19.08 -46.84 -19.11
C ARG C 78 19.59 -45.43 -19.13
N SER C 79 20.46 -45.13 -18.16
CA SER C 79 21.07 -43.82 -18.07
C SER C 79 21.80 -43.50 -19.35
N LEU C 80 22.61 -44.44 -19.81
CA LEU C 80 23.42 -44.24 -21.00
C LEU C 80 22.57 -43.89 -22.22
N ILE C 81 21.41 -44.51 -22.31
CA ILE C 81 20.49 -44.28 -23.40
C ILE C 81 19.81 -42.92 -23.28
N MET C 82 19.21 -42.67 -22.11
CA MET C 82 18.52 -41.42 -21.86
C MET C 82 19.47 -40.26 -22.14
N LYS C 83 20.70 -40.37 -21.63
CA LYS C 83 21.71 -39.35 -21.88
C LYS C 83 21.79 -39.11 -23.38
N TYR C 84 21.93 -40.18 -24.15
CA TYR C 84 22.04 -40.00 -25.59
C TYR C 84 20.82 -39.26 -26.14
N VAL C 85 19.61 -39.72 -25.80
CA VAL C 85 18.41 -39.08 -26.37
C VAL C 85 18.41 -37.57 -26.05
N LEU C 86 18.74 -37.23 -24.82
CA LEU C 86 18.81 -35.84 -24.41
C LEU C 86 19.79 -34.99 -25.23
N THR C 87 21.03 -35.44 -25.38
CA THR C 87 22.04 -34.63 -26.03
C THR C 87 21.84 -34.53 -27.54
N SER C 88 21.42 -35.65 -28.12
CA SER C 88 21.30 -35.74 -29.57
C SER C 88 20.09 -34.97 -30.06
N ARG C 89 19.06 -34.87 -29.22
CA ARG C 89 17.88 -34.08 -29.58
C ARG C 89 18.23 -32.62 -29.49
N SER C 90 18.92 -32.26 -28.40
CA SER C 90 19.18 -30.87 -28.07
C SER C 90 20.07 -30.17 -29.08
N TYR C 91 21.08 -30.86 -29.62
CA TYR C 91 21.99 -30.18 -30.54
C TYR C 91 21.22 -29.71 -31.78
N LEU C 92 19.94 -30.04 -31.84
CA LEU C 92 19.07 -29.65 -32.95
C LEU C 92 18.49 -28.25 -32.77
N ILE C 93 18.59 -27.70 -31.56
CA ILE C 93 18.02 -26.38 -31.29
C ILE C 93 19.11 -25.35 -31.15
N ASP C 94 18.88 -24.15 -31.69
CA ASP C 94 19.82 -23.05 -31.50
C ASP C 94 19.71 -22.47 -30.09
N SER C 95 20.75 -22.61 -29.27
CA SER C 95 20.71 -22.01 -27.95
C SER C 95 22.05 -21.38 -27.54
N PRO C 96 22.08 -20.05 -27.39
CA PRO C 96 21.00 -19.05 -27.41
C PRO C 96 20.32 -18.94 -28.77
N PRO C 97 19.09 -18.41 -28.75
CA PRO C 97 18.21 -18.31 -29.91
C PRO C 97 18.70 -17.30 -30.96
N THR C 98 18.06 -17.39 -32.11
CA THR C 98 18.35 -16.59 -33.28
C THR C 98 17.00 -16.42 -33.96
N TYR C 99 16.90 -15.52 -34.92
CA TYR C 99 15.69 -15.43 -35.76
C TYR C 99 14.32 -15.34 -35.07
N ASN C 100 13.50 -14.42 -35.55
CA ASN C 100 12.12 -14.36 -35.12
C ASN C 100 11.27 -13.84 -36.28
N VAL C 101 9.98 -13.63 -36.06
CA VAL C 101 9.08 -13.20 -37.11
C VAL C 101 9.69 -12.09 -37.97
N HIS C 102 10.39 -11.17 -37.32
CA HIS C 102 10.83 -9.93 -37.96
C HIS C 102 12.29 -9.94 -38.39
N TYR C 103 13.02 -10.95 -37.94
CA TYR C 103 14.45 -11.01 -38.22
C TYR C 103 14.85 -12.35 -38.82
N GLY C 104 15.23 -12.31 -40.09
CA GLY C 104 15.79 -13.48 -40.77
C GLY C 104 17.31 -13.49 -40.82
N TYR C 105 17.91 -12.44 -40.29
CA TYR C 105 19.34 -12.41 -40.07
C TYR C 105 19.52 -12.33 -38.55
N LYS C 106 20.73 -12.53 -38.05
CA LYS C 106 20.94 -12.83 -36.63
C LYS C 106 20.64 -11.76 -35.58
N SER C 107 20.99 -10.50 -35.82
CA SER C 107 20.55 -9.36 -34.95
C SER C 107 20.38 -9.44 -33.40
N TRP C 108 20.74 -8.34 -32.71
CA TRP C 108 20.59 -8.25 -31.25
C TRP C 108 19.14 -8.08 -30.76
N GLU C 109 18.32 -7.38 -31.54
CA GLU C 109 16.95 -7.14 -31.15
C GLU C 109 16.27 -8.49 -31.04
N ALA C 110 16.59 -9.35 -31.99
CA ALA C 110 16.05 -10.72 -32.00
C ALA C 110 16.45 -11.49 -30.73
N PHE C 111 17.72 -11.42 -30.38
CA PHE C 111 18.17 -12.09 -29.17
C PHE C 111 17.63 -11.49 -27.86
N SER C 112 17.57 -10.17 -27.76
CA SER C 112 17.28 -9.58 -26.45
C SER C 112 15.81 -9.53 -26.15
N ASN C 113 14.99 -9.43 -27.19
CA ASN C 113 13.56 -9.16 -27.04
C ASN C 113 12.77 -10.40 -26.66
N LEU C 114 12.41 -10.49 -25.39
CA LEU C 114 11.77 -11.70 -24.89
C LEU C 114 10.32 -11.81 -25.33
N SER C 115 9.82 -10.77 -26.01
CA SER C 115 8.42 -10.75 -26.36
C SER C 115 8.09 -11.59 -27.57
N TYR C 116 9.10 -11.87 -28.37
CA TYR C 116 8.91 -12.69 -29.56
C TYR C 116 9.00 -14.17 -29.18
N TYR C 117 8.20 -15.03 -29.83
CA TYR C 117 8.54 -16.44 -29.93
C TYR C 117 9.75 -16.48 -30.85
N THR C 118 10.71 -17.35 -30.56
CA THR C 118 11.86 -17.47 -31.45
C THR C 118 11.45 -18.37 -32.59
N ARG C 119 12.36 -18.58 -33.53
CA ARG C 119 11.99 -19.23 -34.76
C ARG C 119 13.08 -20.18 -35.26
N ALA C 120 12.73 -21.45 -35.41
CA ALA C 120 13.68 -22.51 -35.81
C ALA C 120 14.21 -22.35 -37.23
N LEU C 121 13.39 -21.85 -38.13
CA LEU C 121 13.91 -21.38 -39.41
C LEU C 121 13.46 -19.96 -39.61
N PRO C 122 14.34 -19.14 -40.19
CA PRO C 122 14.00 -17.73 -40.43
C PRO C 122 12.77 -17.62 -41.30
N PRO C 123 12.05 -16.50 -41.20
CA PRO C 123 10.90 -16.26 -42.08
C PRO C 123 11.37 -16.01 -43.52
N VAL C 124 10.42 -16.10 -44.44
CA VAL C 124 10.63 -15.84 -45.83
C VAL C 124 10.61 -14.35 -46.04
N ALA C 125 11.63 -13.82 -46.71
CA ALA C 125 11.77 -12.37 -46.85
C ALA C 125 10.50 -11.77 -47.42
N ASP C 126 10.18 -10.55 -46.99
CA ASP C 126 8.92 -9.93 -47.37
C ASP C 126 8.85 -9.67 -48.86
N ASP C 127 10.00 -9.64 -49.51
CA ASP C 127 10.06 -9.32 -50.93
C ASP C 127 10.38 -10.52 -51.82
N CYS C 128 10.12 -11.72 -51.32
CA CYS C 128 10.25 -12.92 -52.16
C CYS C 128 9.03 -12.97 -53.09
N PRO C 129 9.21 -13.53 -54.30
CA PRO C 129 8.13 -13.52 -55.30
C PRO C 129 6.94 -14.41 -54.90
N THR C 130 7.22 -15.59 -54.36
CA THR C 130 6.18 -16.47 -53.87
C THR C 130 6.25 -16.60 -52.35
N PRO C 131 5.14 -16.97 -51.72
CA PRO C 131 5.01 -17.13 -50.26
C PRO C 131 6.04 -18.09 -49.67
N MET C 132 6.41 -19.12 -50.41
CA MET C 132 7.41 -20.06 -49.94
C MET C 132 8.78 -19.74 -50.52
N GLY C 133 8.95 -18.51 -50.99
CA GLY C 133 10.19 -18.09 -51.58
C GLY C 133 10.11 -18.01 -53.09
N VAL C 134 10.38 -19.12 -53.75
CA VAL C 134 10.44 -19.13 -55.21
C VAL C 134 9.47 -20.14 -55.87
N LYS C 135 9.28 -21.29 -55.22
CA LYS C 135 8.42 -22.33 -55.74
C LYS C 135 6.93 -22.02 -55.51
N GLY C 136 6.09 -22.52 -56.40
CA GLY C 136 4.65 -22.39 -56.25
C GLY C 136 4.03 -21.18 -56.92
N ASN C 137 2.71 -21.06 -56.77
CA ASN C 137 1.97 -19.98 -57.41
C ASN C 137 2.04 -18.72 -56.57
N LYS C 138 1.66 -17.60 -57.17
CA LYS C 138 1.68 -16.31 -56.49
C LYS C 138 0.98 -16.35 -55.12
N GLU C 139 0.04 -17.27 -54.96
CA GLU C 139 -0.78 -17.36 -53.75
C GLU C 139 -0.95 -18.78 -53.25
N LEU C 140 -0.89 -18.97 -51.94
CA LEU C 140 -1.17 -20.29 -51.37
C LEU C 140 -2.66 -20.66 -51.53
N PRO C 141 -2.95 -21.97 -51.59
CA PRO C 141 -4.34 -22.46 -51.67
C PRO C 141 -5.27 -21.83 -50.62
N ASP C 142 -6.55 -21.71 -50.93
CA ASP C 142 -7.50 -21.10 -50.00
C ASP C 142 -7.55 -21.89 -48.69
N SER C 143 -7.26 -21.20 -47.59
CA SER C 143 -7.24 -21.85 -46.28
C SER C 143 -8.56 -22.58 -45.99
N LYS C 144 -9.69 -21.92 -46.22
CA LYS C 144 -11.01 -22.57 -46.07
C LYS C 144 -11.05 -23.90 -46.82
N GLU C 145 -10.51 -23.89 -48.04
CA GLU C 145 -10.45 -25.08 -48.87
C GLU C 145 -9.61 -26.20 -48.25
N VAL C 146 -8.42 -25.86 -47.78
CA VAL C 146 -7.57 -26.89 -47.19
C VAL C 146 -8.19 -27.48 -45.93
N LEU C 147 -8.66 -26.57 -45.07
CA LEU C 147 -9.40 -26.92 -43.87
C LEU C 147 -10.45 -27.98 -44.15
N GLU C 148 -11.41 -27.62 -45.02
CA GLU C 148 -12.56 -28.46 -45.35
C GLU C 148 -12.21 -29.77 -46.07
N LYS C 149 -11.29 -29.71 -47.02
CA LYS C 149 -10.97 -30.89 -47.82
C LYS C 149 -10.18 -31.95 -47.05
N VAL C 150 -9.18 -31.56 -46.25
CA VAL C 150 -8.34 -32.57 -45.59
C VAL C 150 -8.30 -32.51 -44.05
N LEU C 151 -8.78 -31.43 -43.45
CA LEU C 151 -8.62 -31.27 -42.00
C LEU C 151 -9.84 -31.65 -41.20
N LEU C 152 -10.97 -31.03 -41.52
CA LEU C 152 -12.18 -31.21 -40.73
C LEU C 152 -12.55 -32.68 -40.54
N ARG C 153 -13.28 -32.94 -39.47
CA ARG C 153 -13.65 -34.30 -39.11
C ARG C 153 -15.03 -34.68 -39.68
N ARG C 154 -15.09 -35.83 -40.36
CA ARG C 154 -16.39 -36.39 -40.71
C ARG C 154 -16.81 -37.28 -39.55
N GLU C 155 -16.20 -38.45 -39.49
CA GLU C 155 -16.43 -39.42 -38.44
C GLU C 155 -15.26 -39.37 -37.46
N PHE C 156 -15.56 -39.37 -36.17
CA PHE C 156 -14.52 -39.28 -35.13
C PHE C 156 -13.57 -40.44 -35.22
N ILE C 157 -12.28 -40.13 -35.20
CA ILE C 157 -11.24 -41.15 -35.34
C ILE C 157 -10.44 -41.27 -34.08
N PRO C 158 -10.71 -42.31 -33.29
CA PRO C 158 -9.99 -42.48 -32.03
C PRO C 158 -8.50 -42.74 -32.24
N ASP C 159 -7.69 -42.30 -31.28
CA ASP C 159 -6.26 -42.60 -31.27
C ASP C 159 -6.01 -44.07 -31.01
N PRO C 160 -5.32 -44.74 -31.93
CA PRO C 160 -4.96 -46.14 -31.70
C PRO C 160 -4.06 -46.36 -30.48
N GLN C 161 -3.49 -45.29 -29.92
CA GLN C 161 -2.56 -45.43 -28.80
C GLN C 161 -3.21 -45.38 -27.42
N GLY C 162 -4.51 -45.08 -27.42
CA GLY C 162 -5.25 -45.07 -26.17
C GLY C 162 -5.20 -43.77 -25.39
N SER C 163 -4.64 -42.72 -25.97
CA SER C 163 -4.66 -41.42 -25.32
C SER C 163 -6.08 -41.10 -24.90
N ASN C 164 -6.24 -40.74 -23.63
CA ASN C 164 -7.57 -40.40 -23.12
C ASN C 164 -7.70 -38.91 -22.93
N MET C 165 -8.71 -38.50 -22.17
CA MET C 165 -8.93 -37.08 -21.97
C MET C 165 -8.06 -36.52 -20.83
N MET C 166 -7.60 -37.39 -19.92
CA MET C 166 -6.61 -36.96 -18.95
C MET C 166 -5.41 -36.48 -19.72
N PHE C 167 -5.03 -37.23 -20.73
CA PHE C 167 -3.86 -36.86 -21.51
C PHE C 167 -4.12 -35.58 -22.26
N ALA C 168 -5.28 -35.45 -22.87
CA ALA C 168 -5.54 -34.30 -23.73
C ALA C 168 -5.60 -33.01 -22.90
N PHE C 169 -6.25 -33.07 -21.74
CA PHE C 169 -6.32 -31.86 -20.93
C PHE C 169 -4.99 -31.54 -20.23
N PHE C 170 -4.19 -32.56 -19.93
CA PHE C 170 -2.90 -32.30 -19.34
C PHE C 170 -2.03 -31.61 -20.38
N ALA C 171 -2.11 -32.08 -21.61
CA ALA C 171 -1.37 -31.43 -22.68
C ALA C 171 -1.78 -29.96 -22.79
N GLN C 172 -3.08 -29.72 -22.77
CA GLN C 172 -3.57 -28.36 -22.92
C GLN C 172 -3.19 -27.50 -21.71
N HIS C 173 -3.44 -27.99 -20.51
CA HIS C 173 -3.05 -27.29 -19.28
C HIS C 173 -1.53 -26.99 -19.24
N PHE C 174 -0.70 -28.00 -19.46
CA PHE C 174 0.75 -27.87 -19.36
C PHE C 174 1.33 -26.89 -20.38
N THR C 175 0.98 -27.06 -21.66
CA THR C 175 1.54 -26.21 -22.70
C THR C 175 1.08 -24.76 -22.60
N HIS C 176 -0.06 -24.51 -21.96
CA HIS C 176 -0.57 -23.14 -21.86
C HIS C 176 0.13 -22.23 -20.82
N GLN C 177 1.29 -22.66 -20.33
CA GLN C 177 2.09 -21.79 -19.50
C GLN C 177 3.16 -21.18 -20.36
N PHE C 178 3.46 -21.82 -21.48
CA PHE C 178 4.49 -21.27 -22.35
C PHE C 178 4.05 -20.97 -23.78
N PHE C 179 2.84 -21.38 -24.14
CA PHE C 179 2.19 -20.88 -25.36
C PHE C 179 1.12 -19.91 -24.89
N LYS C 180 1.41 -18.63 -25.01
CA LYS C 180 0.50 -17.59 -24.56
C LYS C 180 0.60 -16.42 -25.51
N THR C 181 0.02 -16.58 -26.68
CA THR C 181 0.18 -15.58 -27.72
C THR C 181 -0.43 -14.26 -27.27
N ASP C 182 0.28 -13.18 -27.60
CA ASP C 182 -0.08 -11.82 -27.24
C ASP C 182 -0.75 -11.24 -28.46
N HIS C 183 -2.08 -11.24 -28.47
CA HIS C 183 -2.77 -10.85 -29.69
C HIS C 183 -2.76 -9.35 -29.95
N LYS C 184 -2.49 -8.57 -28.91
CA LYS C 184 -2.31 -7.14 -29.04
C LYS C 184 -1.14 -6.88 -29.99
N ARG C 185 -0.17 -7.80 -29.99
CA ARG C 185 1.06 -7.65 -30.78
C ARG C 185 0.98 -8.33 -32.15
N GLY C 186 0.51 -9.56 -32.15
CA GLY C 186 0.50 -10.37 -33.35
C GLY C 186 0.87 -11.79 -33.03
N PRO C 187 0.59 -12.72 -33.95
CA PRO C 187 1.11 -14.05 -33.69
C PRO C 187 2.62 -13.92 -33.79
N GLY C 188 3.37 -14.78 -33.12
CA GLY C 188 4.79 -14.58 -33.11
C GLY C 188 5.26 -13.80 -31.90
N PHE C 189 4.32 -13.22 -31.14
CA PHE C 189 4.64 -12.56 -29.86
C PHE C 189 4.02 -13.33 -28.70
N THR C 190 4.80 -13.52 -27.64
CA THR C 190 4.34 -14.28 -26.48
C THR C 190 4.17 -13.38 -25.25
N ARG C 191 3.33 -13.85 -24.33
CA ARG C 191 3.10 -13.16 -23.07
C ARG C 191 3.80 -13.90 -21.92
N GLY C 192 4.27 -15.11 -22.20
CA GLY C 192 5.02 -15.90 -21.24
C GLY C 192 6.52 -15.68 -21.34
N LEU C 193 7.00 -14.64 -20.65
CA LEU C 193 8.39 -14.24 -20.76
C LEU C 193 9.35 -15.17 -20.02
N GLY C 194 8.81 -16.17 -19.35
CA GLY C 194 9.64 -17.18 -18.73
C GLY C 194 10.17 -18.15 -19.78
N HIS C 195 9.52 -18.17 -20.94
CA HIS C 195 9.92 -19.08 -22.02
C HIS C 195 10.27 -20.47 -21.53
N GLY C 196 9.31 -21.13 -20.88
CA GLY C 196 9.51 -22.49 -20.40
C GLY C 196 8.65 -22.83 -19.21
N VAL C 197 9.03 -23.88 -18.51
CA VAL C 197 8.22 -24.44 -17.45
C VAL C 197 8.46 -23.73 -16.14
N ASP C 198 7.82 -22.59 -15.94
CA ASP C 198 7.97 -21.84 -14.69
C ASP C 198 6.69 -21.85 -13.86
N LEU C 199 5.74 -22.68 -14.26
CA LEU C 199 4.43 -22.75 -13.59
C LEU C 199 3.73 -21.39 -13.43
N ASN C 200 3.89 -20.50 -14.40
CA ASN C 200 3.14 -19.25 -14.34
C ASN C 200 1.63 -19.45 -14.44
N HIS C 201 1.22 -20.62 -14.95
CA HIS C 201 -0.20 -20.88 -15.12
C HIS C 201 -0.88 -21.19 -13.78
N ILE C 202 -0.08 -21.57 -12.79
CA ILE C 202 -0.58 -21.76 -11.46
C ILE C 202 -0.36 -20.46 -10.69
N TYR C 203 0.85 -19.91 -10.78
CA TYR C 203 1.25 -18.84 -9.88
C TYR C 203 1.07 -17.42 -10.43
N GLY C 204 0.94 -17.30 -11.74
CA GLY C 204 0.75 -15.99 -12.35
C GLY C 204 2.03 -15.49 -12.97
N GLU C 205 1.89 -14.73 -14.05
CA GLU C 205 3.05 -14.27 -14.80
C GLU C 205 3.78 -13.12 -14.05
N THR C 206 3.01 -12.26 -13.41
CA THR C 206 3.57 -11.10 -12.73
C THR C 206 3.60 -11.29 -11.23
N LEU C 207 4.39 -10.46 -10.55
CA LEU C 207 4.47 -10.50 -9.09
C LEU C 207 3.14 -10.02 -8.53
N ASP C 208 2.61 -8.96 -9.12
CA ASP C 208 1.38 -8.36 -8.66
C ASP C 208 0.24 -9.40 -8.63
N ARG C 209 0.20 -10.26 -9.65
CA ARG C 209 -0.87 -11.23 -9.77
C ARG C 209 -0.67 -12.36 -8.77
N GLN C 210 0.58 -12.83 -8.65
CA GLN C 210 0.87 -13.90 -7.72
C GLN C 210 0.42 -13.53 -6.33
N HIS C 211 0.74 -12.31 -5.91
CA HIS C 211 0.38 -11.85 -4.56
C HIS C 211 -1.14 -11.92 -4.34
N LYS C 212 -1.91 -11.66 -5.38
CA LYS C 212 -3.37 -11.70 -5.27
C LYS C 212 -3.88 -13.13 -5.08
N LEU C 213 -3.17 -14.11 -5.63
CA LEU C 213 -3.56 -15.52 -5.50
C LEU C 213 -3.02 -16.15 -4.24
N ARG C 214 -2.17 -15.42 -3.53
CA ARG C 214 -1.48 -15.97 -2.38
C ARG C 214 -2.24 -15.72 -1.08
N LEU C 215 -2.01 -16.59 -0.10
CA LEU C 215 -2.68 -16.53 1.20
C LEU C 215 -1.79 -15.83 2.24
N PHE C 216 -0.49 -15.89 2.01
CA PHE C 216 0.49 -15.32 2.93
C PHE C 216 0.40 -15.95 4.30
N LYS C 217 0.20 -17.25 4.30
CA LYS C 217 0.18 -18.03 5.51
C LYS C 217 0.67 -19.40 5.09
N ASP C 218 1.76 -19.86 5.67
CA ASP C 218 2.25 -21.22 5.43
C ASP C 218 2.63 -21.44 3.98
N GLY C 219 2.77 -20.35 3.23
CA GLY C 219 3.22 -20.44 1.85
C GLY C 219 2.13 -20.79 0.86
N LYS C 220 0.88 -20.79 1.32
CA LYS C 220 -0.21 -21.38 0.56
C LYS C 220 -0.89 -20.47 -0.46
N LEU C 221 -1.54 -21.09 -1.45
CA LEU C 221 -2.39 -20.37 -2.39
C LEU C 221 -3.76 -20.21 -1.77
N LYS C 222 -4.41 -19.08 -2.03
CA LYS C 222 -5.78 -18.85 -1.58
C LYS C 222 -6.66 -19.92 -2.18
N TYR C 223 -7.70 -20.31 -1.46
CA TYR C 223 -8.65 -21.31 -1.95
C TYR C 223 -9.98 -21.16 -1.22
N GLN C 224 -11.03 -21.77 -1.77
CA GLN C 224 -12.32 -21.86 -1.07
C GLN C 224 -12.79 -23.31 -0.86
N VAL C 225 -13.72 -23.50 0.07
CA VAL C 225 -14.33 -24.83 0.22
C VAL C 225 -15.80 -24.85 -0.22
N ILE C 226 -16.10 -25.74 -1.15
CA ILE C 226 -17.45 -25.93 -1.66
C ILE C 226 -17.78 -27.42 -1.56
N GLY C 227 -18.91 -27.76 -0.96
CA GLY C 227 -19.09 -29.12 -0.50
C GLY C 227 -18.08 -29.26 0.62
N GLY C 228 -17.28 -30.32 0.58
CA GLY C 228 -16.17 -30.43 1.50
C GLY C 228 -14.86 -30.36 0.74
N GLU C 229 -14.91 -29.71 -0.42
CA GLU C 229 -13.83 -29.82 -1.40
C GLU C 229 -13.13 -28.49 -1.65
N VAL C 230 -11.85 -28.58 -2.03
CA VAL C 230 -11.04 -27.40 -2.28
C VAL C 230 -11.04 -27.05 -3.76
N TYR C 231 -11.45 -25.83 -4.05
CA TYR C 231 -11.39 -25.26 -5.38
C TYR C 231 -10.69 -23.90 -5.27
N PRO C 232 -10.25 -23.36 -6.42
CA PRO C 232 -9.59 -22.05 -6.39
C PRO C 232 -10.56 -20.97 -5.89
N PRO C 233 -10.03 -19.83 -5.44
CA PRO C 233 -10.86 -18.73 -4.94
C PRO C 233 -11.57 -17.98 -6.08
N THR C 234 -12.46 -17.07 -5.73
CA THR C 234 -13.21 -16.31 -6.73
C THR C 234 -12.48 -15.09 -7.23
N VAL C 235 -12.80 -14.67 -8.44
CA VAL C 235 -12.32 -13.41 -8.96
C VAL C 235 -12.75 -12.32 -8.00
N LYS C 236 -13.95 -12.45 -7.44
CA LYS C 236 -14.45 -11.45 -6.49
C LYS C 236 -13.57 -11.34 -5.26
N ASP C 237 -13.10 -12.47 -4.74
CA ASP C 237 -12.29 -12.48 -3.52
C ASP C 237 -10.88 -11.94 -3.75
N THR C 238 -10.35 -12.15 -4.95
CA THR C 238 -8.94 -11.91 -5.20
C THR C 238 -8.68 -10.72 -6.10
N GLN C 239 -9.69 -10.37 -6.90
CA GLN C 239 -9.56 -9.31 -7.90
C GLN C 239 -8.55 -9.63 -8.99
N VAL C 240 -8.25 -10.91 -9.20
CA VAL C 240 -7.34 -11.23 -10.28
C VAL C 240 -8.13 -11.29 -11.59
N GLU C 241 -7.61 -10.64 -12.61
CA GLU C 241 -8.29 -10.57 -13.89
C GLU C 241 -8.39 -11.97 -14.52
N MET C 242 -9.60 -12.37 -14.87
CA MET C 242 -9.83 -13.65 -15.52
C MET C 242 -10.74 -13.39 -16.68
N ILE C 243 -10.68 -14.26 -17.68
CA ILE C 243 -11.54 -14.14 -18.84
C ILE C 243 -12.76 -15.04 -18.70
N TYR C 244 -13.93 -14.41 -18.56
CA TYR C 244 -15.19 -15.10 -18.45
C TYR C 244 -16.24 -14.34 -19.24
N PRO C 245 -17.16 -15.06 -19.90
CA PRO C 245 -18.30 -14.41 -20.55
C PRO C 245 -19.11 -13.65 -19.50
N PRO C 246 -19.76 -12.56 -19.90
CA PRO C 246 -20.43 -11.68 -18.93
C PRO C 246 -21.58 -12.38 -18.19
N HIS C 247 -22.06 -13.50 -18.71
CA HIS C 247 -23.19 -14.16 -18.09
C HIS C 247 -22.82 -15.10 -16.93
N ILE C 248 -21.53 -15.19 -16.59
CA ILE C 248 -21.11 -16.16 -15.58
C ILE C 248 -21.30 -15.68 -14.15
N PRO C 249 -22.04 -16.45 -13.35
CA PRO C 249 -22.34 -16.03 -11.98
C PRO C 249 -21.07 -15.81 -11.18
N GLU C 250 -21.09 -14.78 -10.32
CA GLU C 250 -19.90 -14.36 -9.59
C GLU C 250 -19.19 -15.47 -8.80
N ASN C 251 -19.93 -16.39 -8.20
CA ASN C 251 -19.30 -17.46 -7.42
C ASN C 251 -18.70 -18.58 -8.25
N LEU C 252 -18.79 -18.46 -9.57
CA LEU C 252 -18.24 -19.49 -10.45
C LEU C 252 -17.05 -18.95 -11.25
N GLN C 253 -16.73 -17.67 -11.05
CA GLN C 253 -15.54 -17.08 -11.64
C GLN C 253 -14.31 -17.44 -10.83
N PHE C 254 -13.64 -18.52 -11.21
CA PHE C 254 -12.45 -19.01 -10.53
C PHE C 254 -11.18 -18.26 -10.98
N ALA C 255 -10.18 -18.19 -10.09
CA ALA C 255 -8.97 -17.40 -10.29
C ALA C 255 -7.70 -18.11 -10.87
N VAL C 256 -7.14 -19.06 -10.14
CA VAL C 256 -6.07 -19.92 -10.69
C VAL C 256 -4.79 -19.30 -11.32
N GLY C 257 -4.89 -18.23 -12.09
CA GLY C 257 -3.67 -17.56 -12.48
C GLY C 257 -3.11 -17.73 -13.88
N GLN C 258 -3.75 -18.53 -14.70
CA GLN C 258 -3.66 -18.38 -16.14
C GLN C 258 -5.04 -17.89 -16.55
N GLU C 259 -5.14 -16.66 -17.01
CA GLU C 259 -6.44 -16.00 -17.19
C GLU C 259 -7.43 -16.75 -18.08
N VAL C 260 -6.92 -17.66 -18.90
CA VAL C 260 -7.75 -18.30 -19.90
C VAL C 260 -8.37 -19.62 -19.40
N PHE C 261 -7.94 -20.09 -18.24
CA PHE C 261 -8.29 -21.43 -17.76
C PHE C 261 -9.72 -21.61 -17.27
N GLY C 262 -10.49 -20.53 -17.25
CA GLY C 262 -11.88 -20.63 -16.84
C GLY C 262 -12.78 -21.15 -17.96
N LEU C 263 -12.23 -21.23 -19.16
CA LEU C 263 -13.06 -21.50 -20.33
C LEU C 263 -13.20 -22.98 -20.65
N VAL C 264 -12.71 -23.85 -19.76
CA VAL C 264 -12.83 -25.29 -19.98
C VAL C 264 -12.70 -26.02 -18.67
N PRO C 265 -13.73 -26.77 -18.28
CA PRO C 265 -13.68 -27.51 -17.02
C PRO C 265 -12.46 -28.44 -16.91
N GLY C 266 -12.03 -29.05 -18.02
CA GLY C 266 -10.86 -29.90 -18.02
C GLY C 266 -9.59 -29.17 -17.60
N LEU C 267 -9.49 -27.90 -17.99
CA LEU C 267 -8.41 -27.02 -17.56
C LEU C 267 -8.58 -26.72 -16.08
N MET C 268 -9.75 -26.20 -15.74
CA MET C 268 -10.06 -25.88 -14.36
C MET C 268 -9.87 -27.08 -13.44
N MET C 269 -9.97 -28.28 -13.99
CA MET C 269 -9.71 -29.48 -13.21
C MET C 269 -8.26 -29.53 -12.75
N TYR C 270 -7.35 -29.54 -13.70
CA TYR C 270 -5.93 -29.57 -13.39
C TYR C 270 -5.49 -28.36 -12.53
N ALA C 271 -5.97 -27.17 -12.89
CA ALA C 271 -5.70 -25.99 -12.08
C ALA C 271 -5.97 -26.30 -10.62
N THR C 272 -7.07 -27.02 -10.36
CA THR C 272 -7.47 -27.32 -9.00
C THR C 272 -6.53 -28.35 -8.38
N ILE C 273 -6.37 -29.47 -9.06
CA ILE C 273 -5.39 -30.46 -8.66
C ILE C 273 -4.04 -29.80 -8.25
N TRP C 274 -3.48 -28.97 -9.14
CA TRP C 274 -2.18 -28.39 -8.86
C TRP C 274 -2.20 -27.42 -7.67
N LEU C 275 -3.25 -26.63 -7.59
CA LEU C 275 -3.42 -25.76 -6.44
C LEU C 275 -3.44 -26.60 -5.16
N ARG C 276 -4.21 -27.67 -5.17
CA ARG C 276 -4.22 -28.59 -4.03
C ARG C 276 -2.82 -29.13 -3.72
N GLU C 277 -2.08 -29.44 -4.77
CA GLU C 277 -0.76 -30.05 -4.62
C GLU C 277 0.22 -29.07 -3.97
N HIS C 278 0.09 -27.81 -4.34
CA HIS C 278 0.95 -26.78 -3.78
C HIS C 278 0.73 -26.69 -2.28
N ASN C 279 -0.50 -26.48 -1.87
CA ASN C 279 -0.82 -26.38 -0.46
C ASN C 279 -0.44 -27.65 0.28
N ARG C 280 -0.50 -28.79 -0.41
CA ARG C 280 -0.08 -30.05 0.18
C ARG C 280 1.42 -30.06 0.48
N VAL C 281 2.21 -29.62 -0.51
CA VAL C 281 3.65 -29.56 -0.33
C VAL C 281 3.98 -28.57 0.79
N CYS C 282 3.23 -27.47 0.89
CA CYS C 282 3.42 -26.49 1.95
C CYS C 282 3.26 -27.09 3.33
N ASP C 283 2.20 -27.87 3.53
CA ASP C 283 1.99 -28.53 4.81
C ASP C 283 3.16 -29.45 5.16
N ILE C 284 3.77 -30.02 4.13
CA ILE C 284 4.92 -30.90 4.31
C ILE C 284 6.15 -30.10 4.73
N LEU C 285 6.47 -29.08 3.94
CA LEU C 285 7.59 -28.22 4.22
C LEU C 285 7.47 -27.55 5.59
N LYS C 286 6.27 -27.13 5.96
CA LYS C 286 6.05 -26.52 7.27
C LYS C 286 6.37 -27.50 8.40
N GLN C 287 6.16 -28.79 8.14
CA GLN C 287 6.46 -29.78 9.18
C GLN C 287 7.97 -29.98 9.35
N GLU C 288 8.70 -30.07 8.24
CA GLU C 288 10.15 -30.21 8.28
C GLU C 288 10.86 -28.89 8.65
N HIS C 289 10.11 -27.78 8.63
CA HIS C 289 10.70 -26.47 8.84
C HIS C 289 9.76 -25.55 9.59
N PRO C 290 9.57 -25.83 10.88
CA PRO C 290 8.75 -24.95 11.70
C PRO C 290 9.33 -23.52 11.76
N GLU C 291 10.64 -23.36 11.54
CA GLU C 291 11.25 -22.03 11.58
C GLU C 291 11.06 -21.20 10.33
N TRP C 292 10.58 -21.83 9.26
CA TRP C 292 10.40 -21.14 8.00
C TRP C 292 9.16 -20.25 8.01
N GLY C 293 9.30 -19.07 7.40
CA GLY C 293 8.18 -18.17 7.29
C GLY C 293 7.40 -18.39 5.99
N ASP C 294 6.41 -17.53 5.78
CA ASP C 294 5.54 -17.67 4.64
C ASP C 294 6.26 -17.66 3.29
N GLU C 295 7.13 -16.67 3.05
CA GLU C 295 7.77 -16.56 1.73
C GLU C 295 8.56 -17.79 1.32
N GLN C 296 9.39 -18.28 2.21
CA GLN C 296 10.26 -19.38 1.82
C GLN C 296 9.45 -20.67 1.62
N LEU C 297 8.41 -20.86 2.42
CA LEU C 297 7.52 -21.99 2.20
C LEU C 297 6.95 -21.92 0.79
N PHE C 298 6.34 -20.79 0.45
CA PHE C 298 5.82 -20.60 -0.89
C PHE C 298 6.89 -20.81 -1.96
N GLN C 299 8.03 -20.11 -1.85
CA GLN C 299 9.06 -20.21 -2.89
C GLN C 299 9.59 -21.62 -3.06
N THR C 300 9.89 -22.29 -1.96
CA THR C 300 10.35 -23.66 -2.02
C THR C 300 9.29 -24.58 -2.66
N SER C 301 8.03 -24.45 -2.26
CA SER C 301 6.98 -25.26 -2.88
C SER C 301 6.91 -25.09 -4.41
N ARG C 302 6.94 -23.85 -4.88
CA ARG C 302 6.92 -23.61 -6.31
C ARG C 302 8.10 -24.29 -6.98
N LEU C 303 9.25 -24.31 -6.33
CA LEU C 303 10.40 -25.01 -6.91
C LEU C 303 10.15 -26.52 -6.97
N ILE C 304 9.51 -27.06 -5.94
CA ILE C 304 9.16 -28.47 -5.94
C ILE C 304 8.13 -28.81 -7.02
N LEU C 305 7.00 -28.10 -7.04
CA LEU C 305 6.04 -28.29 -8.13
C LEU C 305 6.65 -28.20 -9.54
N ILE C 306 7.60 -27.31 -9.77
CA ILE C 306 8.29 -27.26 -11.06
C ILE C 306 9.00 -28.60 -11.30
N GLY C 307 9.65 -29.12 -10.27
CA GLY C 307 10.28 -30.41 -10.36
C GLY C 307 9.27 -31.47 -10.73
N GLU C 308 8.22 -31.57 -9.91
CA GLU C 308 7.16 -32.53 -10.17
C GLU C 308 6.68 -32.44 -11.61
N THR C 309 6.50 -31.23 -12.10
CA THR C 309 5.95 -31.09 -13.42
C THR C 309 6.87 -31.73 -14.44
N ILE C 310 8.15 -31.42 -14.37
CA ILE C 310 9.10 -31.94 -15.33
C ILE C 310 9.25 -33.46 -15.20
N LYS C 311 9.31 -33.94 -13.97
CA LYS C 311 9.34 -35.38 -13.72
C LYS C 311 8.18 -36.09 -14.43
N ILE C 312 6.97 -35.60 -14.18
CA ILE C 312 5.76 -36.16 -14.77
C ILE C 312 5.70 -35.99 -16.29
N VAL C 313 6.07 -34.82 -16.77
CA VAL C 313 6.02 -34.57 -18.20
C VAL C 313 6.93 -35.51 -18.97
N ILE C 314 8.08 -35.86 -18.40
CA ILE C 314 8.99 -36.78 -19.09
C ILE C 314 8.62 -38.24 -18.90
N GLU C 315 8.43 -38.66 -17.65
CA GLU C 315 8.28 -40.09 -17.36
C GLU C 315 6.87 -40.66 -17.55
N ASP C 316 5.85 -39.82 -17.71
CA ASP C 316 4.49 -40.29 -17.95
C ASP C 316 3.90 -39.78 -19.24
N TYR C 317 3.90 -38.46 -19.41
CA TYR C 317 3.28 -37.82 -20.57
C TYR C 317 4.07 -38.17 -21.82
N VAL C 318 5.30 -37.71 -21.90
CA VAL C 318 6.14 -38.03 -23.06
C VAL C 318 6.23 -39.56 -23.19
N GLN C 319 6.46 -40.24 -22.08
CA GLN C 319 6.57 -41.70 -22.10
C GLN C 319 5.43 -42.28 -22.91
N HIS C 320 4.21 -41.90 -22.54
CA HIS C 320 3.03 -42.38 -23.24
C HIS C 320 2.95 -41.99 -24.71
N LEU C 321 3.16 -40.72 -25.02
CA LEU C 321 2.93 -40.29 -26.38
C LEU C 321 4.01 -40.82 -27.31
N SER C 322 5.11 -41.28 -26.74
CA SER C 322 6.23 -41.76 -27.54
C SER C 322 5.97 -43.15 -28.07
N GLY C 323 5.37 -43.97 -27.21
CA GLY C 323 5.10 -45.36 -27.52
C GLY C 323 6.29 -46.30 -27.28
N TYR C 324 7.38 -45.73 -26.79
CA TYR C 324 8.61 -46.49 -26.59
C TYR C 324 8.43 -47.51 -25.48
N HIS C 325 9.13 -48.63 -25.61
CA HIS C 325 9.20 -49.64 -24.55
C HIS C 325 10.32 -49.29 -23.60
N PHE C 326 11.25 -48.46 -24.08
CA PHE C 326 12.32 -47.94 -23.25
C PHE C 326 11.74 -46.99 -22.19
N LYS C 327 12.17 -47.14 -20.94
CA LYS C 327 11.67 -46.29 -19.86
C LYS C 327 12.48 -44.99 -19.71
N LEU C 328 11.95 -43.91 -20.29
CA LEU C 328 12.57 -42.58 -20.22
C LEU C 328 12.89 -42.18 -18.79
N LYS C 329 13.86 -41.28 -18.62
CA LYS C 329 14.28 -40.88 -17.28
C LYS C 329 14.42 -39.37 -17.11
N PHE C 330 13.90 -38.84 -16.01
CA PHE C 330 14.18 -37.46 -15.64
C PHE C 330 15.33 -37.46 -14.63
N ASP C 331 16.52 -37.12 -15.10
CA ASP C 331 17.69 -37.12 -14.22
C ASP C 331 18.69 -36.07 -14.68
N PRO C 332 18.61 -34.86 -14.09
CA PRO C 332 19.48 -33.76 -14.50
C PRO C 332 20.98 -34.13 -14.51
N GLU C 333 21.38 -35.12 -13.71
CA GLU C 333 22.79 -35.50 -13.60
C GLU C 333 23.33 -36.10 -14.89
N LEU C 334 22.43 -36.59 -15.73
CA LEU C 334 22.82 -37.19 -17.01
C LEU C 334 23.50 -36.15 -17.88
N LEU C 335 23.27 -34.89 -17.56
CA LEU C 335 23.77 -33.81 -18.39
C LEU C 335 25.02 -33.11 -17.81
N PHE C 336 25.35 -33.42 -16.55
CA PHE C 336 26.39 -32.70 -15.81
C PHE C 336 27.78 -32.83 -16.40
N ASN C 337 27.99 -33.85 -17.23
CA ASN C 337 29.29 -34.05 -17.89
C ASN C 337 29.21 -33.81 -19.40
N GLN C 338 28.14 -33.15 -19.84
CA GLN C 338 27.91 -32.89 -21.26
C GLN C 338 27.85 -31.40 -21.55
N GLN C 339 28.05 -31.01 -22.80
CA GLN C 339 27.76 -29.63 -23.21
C GLN C 339 26.26 -29.45 -23.39
N PHE C 340 25.68 -28.56 -22.60
CA PHE C 340 24.24 -28.30 -22.65
C PHE C 340 23.94 -26.92 -22.10
N GLN C 341 23.05 -26.17 -22.73
CA GLN C 341 22.73 -24.84 -22.26
C GLN C 341 21.50 -24.78 -21.35
N TYR C 342 21.69 -24.44 -20.08
CA TYR C 342 20.56 -24.30 -19.18
C TYR C 342 19.78 -23.00 -19.41
N GLN C 343 19.33 -22.82 -20.64
CA GLN C 343 18.41 -21.75 -20.98
C GLN C 343 17.46 -22.25 -22.07
N ASN C 344 16.42 -21.48 -22.37
CA ASN C 344 15.48 -21.86 -23.42
C ASN C 344 14.60 -20.71 -23.90
N ARG C 345 14.11 -20.83 -25.13
CA ARG C 345 13.25 -19.82 -25.74
C ARG C 345 12.21 -20.53 -26.60
N ILE C 346 10.92 -20.36 -26.29
CA ILE C 346 9.93 -21.14 -27.03
C ILE C 346 9.74 -20.63 -28.46
N ALA C 347 9.84 -21.58 -29.39
CA ALA C 347 9.82 -21.29 -30.81
C ALA C 347 8.40 -21.23 -31.32
N SER C 348 8.13 -20.30 -32.22
CA SER C 348 6.84 -20.23 -32.90
C SER C 348 6.43 -21.61 -33.43
N GLU C 349 7.35 -22.29 -34.09
CA GLU C 349 7.03 -23.58 -34.73
C GLU C 349 6.62 -24.62 -33.70
N PHE C 350 7.14 -24.52 -32.47
CA PHE C 350 6.74 -25.46 -31.42
C PHE C 350 5.27 -25.23 -31.11
N ASN C 351 4.92 -23.95 -30.96
CA ASN C 351 3.54 -23.56 -30.74
C ASN C 351 2.68 -24.16 -31.88
N THR C 352 3.03 -23.83 -33.11
CA THR C 352 2.27 -24.31 -34.26
C THR C 352 2.07 -25.84 -34.26
N LEU C 353 3.14 -26.60 -34.14
CA LEU C 353 3.00 -28.05 -34.16
C LEU C 353 2.14 -28.62 -33.02
N TYR C 354 2.07 -27.90 -31.91
CA TYR C 354 1.39 -28.38 -30.71
C TYR C 354 -0.12 -28.11 -30.73
N HIS C 355 -0.65 -27.62 -31.83
CA HIS C 355 -2.11 -27.46 -31.93
C HIS C 355 -2.84 -28.79 -32.19
N TRP C 356 -2.98 -29.56 -31.12
CA TRP C 356 -3.48 -30.92 -31.18
C TRP C 356 -4.99 -31.06 -30.99
N HIS C 357 -5.75 -30.21 -31.66
CA HIS C 357 -7.21 -30.20 -31.50
C HIS C 357 -7.89 -31.52 -31.91
N PRO C 358 -7.29 -32.25 -32.87
CA PRO C 358 -7.84 -33.57 -33.17
C PRO C 358 -8.06 -34.43 -31.92
N LEU C 359 -7.35 -34.13 -30.83
CA LEU C 359 -7.51 -34.91 -29.62
C LEU C 359 -8.93 -34.82 -29.07
N LEU C 360 -9.58 -33.68 -29.29
CA LEU C 360 -10.91 -33.45 -28.73
C LEU C 360 -11.99 -34.37 -29.30
N PRO C 361 -12.91 -34.82 -28.44
CA PRO C 361 -14.05 -35.66 -28.83
C PRO C 361 -15.20 -34.82 -29.36
N ASP C 362 -16.29 -35.47 -29.74
CA ASP C 362 -17.45 -34.76 -30.24
C ASP C 362 -18.33 -34.30 -29.11
N THR C 363 -18.29 -35.08 -28.02
CA THR C 363 -18.98 -34.72 -26.79
C THR C 363 -18.09 -35.09 -25.60
N PHE C 364 -18.24 -34.37 -24.50
CA PHE C 364 -17.44 -34.68 -23.32
C PHE C 364 -18.20 -35.54 -22.33
N ASN C 365 -17.73 -36.77 -22.15
CA ASN C 365 -18.49 -37.74 -21.36
C ASN C 365 -18.02 -37.78 -19.93
N ILE C 366 -18.70 -37.03 -19.08
CA ILE C 366 -18.37 -37.03 -17.66
C ILE C 366 -19.26 -38.04 -16.96
N GLU C 367 -18.84 -39.29 -17.14
CA GLU C 367 -19.62 -40.51 -16.88
C GLU C 367 -21.00 -40.24 -16.30
N ASP C 368 -22.00 -40.61 -17.09
CA ASP C 368 -23.42 -40.36 -16.82
C ASP C 368 -23.94 -39.52 -17.97
N GLN C 369 -23.38 -38.33 -18.11
CA GLN C 369 -23.85 -37.36 -19.08
C GLN C 369 -22.89 -37.18 -20.25
N GLU C 370 -23.38 -36.50 -21.29
CA GLU C 370 -22.59 -36.26 -22.50
C GLU C 370 -22.83 -34.82 -22.88
N TYR C 371 -21.77 -34.03 -22.84
CA TYR C 371 -21.89 -32.60 -23.09
C TYR C 371 -21.31 -32.21 -24.45
N SER C 372 -21.98 -31.28 -25.10
CA SER C 372 -21.47 -30.68 -26.30
C SER C 372 -20.50 -29.56 -25.94
N PHE C 373 -19.77 -29.07 -26.94
CA PHE C 373 -18.91 -27.93 -26.73
C PHE C 373 -19.64 -26.77 -26.08
N LYS C 374 -20.82 -26.43 -26.60
CA LYS C 374 -21.56 -25.28 -26.10
C LYS C 374 -21.87 -25.45 -24.63
N GLN C 375 -22.19 -26.69 -24.22
CA GLN C 375 -22.47 -26.99 -22.82
C GLN C 375 -21.21 -26.94 -21.97
N PHE C 376 -20.11 -27.45 -22.50
CA PHE C 376 -18.86 -27.56 -21.75
C PHE C 376 -18.14 -26.24 -21.54
N LEU C 377 -18.06 -25.42 -22.57
CA LEU C 377 -17.27 -24.19 -22.51
C LEU C 377 -17.67 -23.25 -21.36
N TYR C 378 -16.65 -22.64 -20.76
CA TYR C 378 -16.84 -21.72 -19.63
C TYR C 378 -17.93 -22.14 -18.64
N ASN C 379 -18.08 -23.44 -18.44
CA ASN C 379 -19.12 -23.94 -17.56
C ASN C 379 -18.58 -24.73 -16.37
N ASN C 380 -18.07 -24.02 -15.38
CA ASN C 380 -17.47 -24.64 -14.22
C ASN C 380 -18.48 -25.37 -13.33
N SER C 381 -19.75 -25.01 -13.43
CA SER C 381 -20.77 -25.64 -12.60
C SER C 381 -20.75 -27.16 -12.84
N ILE C 382 -20.38 -27.56 -14.05
CA ILE C 382 -20.18 -28.97 -14.36
C ILE C 382 -19.14 -29.56 -13.42
N LEU C 383 -18.01 -28.88 -13.28
CA LEU C 383 -16.95 -29.33 -12.40
C LEU C 383 -17.50 -29.49 -10.98
N LEU C 384 -18.23 -28.48 -10.49
CA LEU C 384 -18.83 -28.52 -9.16
C LEU C 384 -19.86 -29.63 -8.97
N GLU C 385 -20.70 -29.85 -9.98
CA GLU C 385 -21.75 -30.87 -9.89
C GLU C 385 -21.16 -32.26 -9.69
N HIS C 386 -20.21 -32.62 -10.54
CA HIS C 386 -19.62 -33.96 -10.51
C HIS C 386 -18.48 -34.15 -9.49
N GLY C 387 -17.69 -33.11 -9.23
CA GLY C 387 -16.58 -33.24 -8.32
C GLY C 387 -15.35 -33.73 -9.08
N LEU C 388 -14.19 -33.67 -8.43
CA LEU C 388 -12.96 -34.02 -9.13
C LEU C 388 -12.88 -35.52 -9.38
N THR C 389 -13.35 -36.30 -8.41
CA THR C 389 -13.22 -37.75 -8.52
C THR C 389 -13.90 -38.28 -9.78
N GLN C 390 -15.22 -38.19 -9.87
CA GLN C 390 -15.89 -38.34 -11.16
C GLN C 390 -15.30 -37.19 -11.95
N PHE C 391 -14.74 -37.47 -13.12
CA PHE C 391 -13.95 -36.46 -13.86
C PHE C 391 -12.64 -37.10 -14.14
N VAL C 392 -11.87 -37.31 -13.08
CA VAL C 392 -10.71 -38.16 -13.22
C VAL C 392 -11.20 -39.51 -13.75
N GLU C 393 -12.15 -40.11 -13.03
CA GLU C 393 -12.63 -41.42 -13.42
C GLU C 393 -13.15 -41.38 -14.86
N SER C 394 -14.00 -40.41 -15.14
CA SER C 394 -14.61 -40.29 -16.47
C SER C 394 -13.59 -40.01 -17.56
N PHE C 395 -12.65 -39.09 -17.31
CA PHE C 395 -11.70 -38.66 -18.33
C PHE C 395 -10.62 -39.71 -18.59
N THR C 396 -10.37 -40.55 -17.61
CA THR C 396 -9.40 -41.62 -17.79
C THR C 396 -10.02 -42.66 -18.69
N ARG C 397 -11.35 -42.72 -18.68
CA ARG C 397 -12.10 -43.73 -19.42
C ARG C 397 -12.29 -43.37 -20.89
N GLN C 398 -12.33 -42.06 -21.20
CA GLN C 398 -12.66 -41.60 -22.55
C GLN C 398 -11.47 -41.42 -23.50
N ILE C 399 -11.50 -42.10 -24.65
CA ILE C 399 -10.44 -41.96 -25.66
C ILE C 399 -10.49 -40.60 -26.33
N ALA C 400 -9.31 -40.06 -26.58
CA ALA C 400 -9.14 -38.85 -27.36
C ALA C 400 -8.92 -39.24 -28.81
N GLY C 401 -8.99 -38.25 -29.70
CA GLY C 401 -8.88 -38.49 -31.13
C GLY C 401 -7.47 -38.59 -31.65
N ARG C 402 -7.28 -39.34 -32.74
CA ARG C 402 -5.99 -39.44 -33.39
C ARG C 402 -5.61 -38.11 -34.02
N VAL C 403 -4.34 -37.72 -33.97
CA VAL C 403 -3.94 -36.38 -34.39
C VAL C 403 -3.49 -36.29 -35.84
N ALA C 404 -2.53 -37.12 -36.18
CA ALA C 404 -2.11 -37.30 -37.57
C ALA C 404 -3.14 -38.17 -38.33
N GLY C 405 -2.97 -38.33 -39.63
CA GLY C 405 -3.85 -39.21 -40.39
C GLY C 405 -4.98 -38.49 -41.11
N GLY C 406 -5.12 -37.20 -40.84
CA GLY C 406 -6.02 -36.36 -41.60
C GLY C 406 -7.45 -36.39 -41.13
N ARG C 407 -8.19 -35.34 -41.47
CA ARG C 407 -9.63 -35.29 -41.26
C ARG C 407 -10.08 -35.70 -39.87
N ASN C 408 -9.58 -35.02 -38.84
CA ASN C 408 -10.06 -35.28 -37.50
C ASN C 408 -10.24 -34.04 -36.65
N VAL C 409 -10.19 -32.87 -37.28
CA VAL C 409 -10.39 -31.63 -36.56
C VAL C 409 -11.87 -31.38 -36.31
N PRO C 410 -12.25 -31.35 -35.03
CA PRO C 410 -13.64 -31.09 -34.67
C PRO C 410 -14.17 -29.80 -35.31
N ILE C 411 -15.37 -29.85 -35.87
CA ILE C 411 -16.00 -28.70 -36.51
C ILE C 411 -16.16 -27.56 -35.50
N ALA C 412 -16.31 -27.91 -34.23
CA ALA C 412 -16.49 -26.90 -33.19
C ALA C 412 -15.33 -25.90 -33.13
N VAL C 413 -14.12 -26.33 -33.49
CA VAL C 413 -12.95 -25.45 -33.42
C VAL C 413 -12.34 -25.19 -34.78
N GLN C 414 -13.18 -25.17 -35.82
CA GLN C 414 -12.67 -25.00 -37.16
C GLN C 414 -12.05 -23.62 -37.34
N ALA C 415 -12.60 -22.62 -36.65
CA ALA C 415 -12.04 -21.27 -36.73
C ALA C 415 -10.57 -21.26 -36.30
N VAL C 416 -10.29 -22.01 -35.25
CA VAL C 416 -8.95 -22.12 -34.73
C VAL C 416 -8.00 -22.73 -35.77
N ALA C 417 -8.35 -23.91 -36.28
CA ALA C 417 -7.52 -24.59 -37.26
C ALA C 417 -7.27 -23.72 -38.51
N LYS C 418 -8.27 -22.97 -38.94
CA LYS C 418 -8.06 -22.05 -40.07
C LYS C 418 -7.07 -20.95 -39.67
N ALA C 419 -7.35 -20.29 -38.56
CA ALA C 419 -6.40 -19.37 -37.94
C ALA C 419 -4.97 -19.91 -37.98
N SER C 420 -4.80 -21.18 -37.63
CA SER C 420 -3.45 -21.77 -37.64
C SER C 420 -2.83 -21.71 -39.02
N ILE C 421 -3.61 -22.02 -40.04
CA ILE C 421 -3.11 -21.93 -41.41
C ILE C 421 -2.79 -20.47 -41.71
N ASP C 422 -3.78 -19.61 -41.52
CA ASP C 422 -3.63 -18.18 -41.81
C ASP C 422 -2.45 -17.50 -41.09
N GLN C 423 -2.29 -17.76 -39.80
CA GLN C 423 -1.23 -17.14 -39.04
C GLN C 423 0.11 -17.74 -39.41
N SER C 424 0.14 -19.03 -39.72
CA SER C 424 1.36 -19.63 -40.23
C SER C 424 1.88 -18.78 -41.40
N ARG C 425 0.97 -18.38 -42.28
CA ARG C 425 1.34 -17.67 -43.49
C ARG C 425 1.64 -16.21 -43.19
N GLU C 426 0.85 -15.66 -42.28
CA GLU C 426 1.05 -14.31 -41.86
C GLU C 426 2.48 -14.20 -41.35
N MET C 427 2.92 -15.18 -40.57
CA MET C 427 4.28 -15.18 -40.00
C MET C 427 5.36 -15.65 -40.98
N LYS C 428 4.97 -15.90 -42.22
CA LYS C 428 5.91 -16.29 -43.27
C LYS C 428 6.72 -17.57 -43.02
N TYR C 429 6.08 -18.62 -42.51
CA TYR C 429 6.74 -19.92 -42.36
C TYR C 429 7.26 -20.43 -43.69
N GLN C 430 8.35 -21.19 -43.64
CA GLN C 430 8.86 -21.87 -44.83
C GLN C 430 8.07 -23.16 -45.04
N SER C 431 8.40 -23.89 -46.11
CA SER C 431 7.65 -25.09 -46.49
C SER C 431 7.87 -26.29 -45.58
N LEU C 432 6.96 -27.26 -45.63
CA LEU C 432 7.08 -28.48 -44.82
C LEU C 432 8.43 -29.13 -45.07
N ASN C 433 8.80 -29.21 -46.34
CA ASN C 433 10.06 -29.83 -46.72
C ASN C 433 11.29 -29.08 -46.21
N GLU C 434 11.19 -27.78 -46.12
CA GLU C 434 12.31 -27.02 -45.59
C GLU C 434 12.50 -27.34 -44.10
N TYR C 435 11.40 -27.50 -43.37
CA TYR C 435 11.48 -27.82 -41.96
C TYR C 435 11.96 -29.24 -41.76
N ARG C 436 11.56 -30.13 -42.67
CA ARG C 436 12.01 -31.49 -42.56
C ARG C 436 13.52 -31.51 -42.73
N LYS C 437 14.01 -30.81 -43.75
CA LYS C 437 15.44 -30.76 -43.99
C LYS C 437 16.15 -30.21 -42.76
N ARG C 438 15.59 -29.13 -42.21
CA ARG C 438 16.11 -28.49 -41.02
C ARG C 438 16.25 -29.45 -39.83
N PHE C 439 15.40 -30.46 -39.75
CA PHE C 439 15.50 -31.41 -38.64
C PHE C 439 16.02 -32.79 -39.04
N SER C 440 16.78 -32.84 -40.13
CA SER C 440 17.49 -34.04 -40.51
C SER C 440 16.54 -35.13 -41.01
N LEU C 441 15.38 -34.71 -41.51
CA LEU C 441 14.47 -35.63 -42.19
C LEU C 441 14.71 -35.54 -43.69
N LYS C 442 14.40 -36.62 -44.39
CA LYS C 442 14.42 -36.58 -45.85
C LYS C 442 13.12 -35.96 -46.37
N PRO C 443 13.21 -34.99 -47.29
CA PRO C 443 11.98 -34.33 -47.75
C PRO C 443 11.04 -35.27 -48.48
N TYR C 444 9.75 -34.96 -48.41
CA TYR C 444 8.73 -35.73 -49.10
C TYR C 444 8.79 -35.46 -50.61
N THR C 445 8.62 -36.51 -51.41
CA THR C 445 8.69 -36.41 -52.88
C THR C 445 7.30 -36.41 -53.58
N SER C 446 6.24 -36.58 -52.80
CA SER C 446 4.88 -36.61 -53.32
C SER C 446 3.85 -36.52 -52.20
N PHE C 447 2.69 -35.94 -52.47
CA PHE C 447 1.66 -35.82 -51.44
C PHE C 447 1.22 -37.18 -50.98
N GLU C 448 1.47 -38.14 -51.85
CA GLU C 448 1.09 -39.50 -51.60
C GLU C 448 2.07 -40.16 -50.60
N GLU C 449 3.34 -39.79 -50.65
CA GLU C 449 4.31 -40.30 -49.67
C GLU C 449 4.06 -39.66 -48.30
N LEU C 450 3.55 -38.44 -48.32
CA LEU C 450 3.22 -37.71 -47.10
C LEU C 450 2.07 -38.34 -46.34
N THR C 451 0.95 -38.59 -47.04
CA THR C 451 -0.24 -39.11 -46.38
C THR C 451 -0.26 -40.63 -46.25
N GLY C 452 0.40 -41.33 -47.16
CA GLY C 452 0.39 -42.79 -47.17
C GLY C 452 -0.92 -43.39 -47.69
N GLU C 453 -1.71 -42.56 -48.36
CA GLU C 453 -2.98 -42.98 -48.92
C GLU C 453 -3.21 -42.23 -50.21
N LYS C 454 -4.34 -42.46 -50.86
CA LYS C 454 -4.53 -41.94 -52.21
C LYS C 454 -5.47 -40.73 -52.30
N GLU C 455 -6.51 -40.71 -51.48
CA GLU C 455 -7.58 -39.70 -51.65
C GLU C 455 -7.20 -38.29 -51.20
N MET C 456 -6.73 -38.15 -49.97
CA MET C 456 -6.33 -36.84 -49.46
C MET C 456 -5.14 -36.31 -50.24
N ALA C 457 -4.26 -37.21 -50.65
CA ALA C 457 -3.09 -36.84 -51.43
C ALA C 457 -3.47 -36.18 -52.75
N ALA C 458 -4.43 -36.76 -53.45
CA ALA C 458 -4.86 -36.21 -54.72
C ALA C 458 -5.54 -34.85 -54.49
N GLU C 459 -6.28 -34.75 -53.39
CA GLU C 459 -6.96 -33.51 -53.06
C GLU C 459 -5.95 -32.38 -52.82
N LEU C 460 -4.87 -32.69 -52.09
CA LEU C 460 -3.82 -31.73 -51.77
C LEU C 460 -3.06 -31.32 -53.03
N LYS C 461 -2.76 -32.30 -53.88
CA LYS C 461 -1.96 -32.06 -55.07
C LYS C 461 -2.68 -31.11 -56.02
N ALA C 462 -3.99 -31.04 -55.86
CA ALA C 462 -4.80 -30.18 -56.71
C ALA C 462 -4.77 -28.74 -56.21
N LEU C 463 -4.48 -28.58 -54.91
CA LEU C 463 -4.44 -27.26 -54.32
C LEU C 463 -3.02 -26.66 -54.30
N TYR C 464 -2.05 -27.45 -53.87
CA TYR C 464 -0.69 -26.94 -53.70
C TYR C 464 0.12 -27.14 -54.97
N SER C 465 -0.17 -28.24 -55.67
CA SER C 465 0.39 -28.49 -57.00
C SER C 465 1.81 -29.08 -56.92
N ASP C 466 2.61 -28.61 -55.95
CA ASP C 466 3.98 -29.08 -55.82
C ASP C 466 4.30 -29.41 -54.37
N ILE C 467 4.62 -30.66 -54.08
CA ILE C 467 4.98 -31.09 -52.73
C ILE C 467 5.90 -30.12 -52.00
N ASP C 468 6.85 -29.51 -52.71
CA ASP C 468 7.82 -28.60 -52.12
C ASP C 468 7.18 -27.30 -51.64
N VAL C 469 5.86 -27.19 -51.77
CA VAL C 469 5.19 -25.98 -51.36
C VAL C 469 4.14 -26.31 -50.32
N MET C 470 4.11 -27.58 -49.93
CA MET C 470 3.21 -28.04 -48.87
C MET C 470 3.56 -27.30 -47.57
N GLU C 471 2.55 -26.71 -46.91
CA GLU C 471 2.72 -26.00 -45.66
C GLU C 471 2.94 -26.94 -44.44
N LEU C 472 3.65 -26.45 -43.42
CA LEU C 472 4.00 -27.26 -42.27
C LEU C 472 2.79 -27.67 -41.42
N TYR C 473 1.95 -26.70 -41.06
CA TYR C 473 0.83 -27.02 -40.19
C TYR C 473 -0.09 -28.14 -40.75
N PRO C 474 -0.69 -27.91 -41.92
CA PRO C 474 -1.58 -28.96 -42.44
C PRO C 474 -0.88 -30.32 -42.51
N ALA C 475 0.32 -30.36 -43.09
CA ALA C 475 1.03 -31.62 -43.25
C ALA C 475 1.10 -32.42 -41.95
N LEU C 476 1.27 -31.72 -40.83
CA LEU C 476 1.40 -32.39 -39.54
C LEU C 476 0.14 -33.18 -39.21
N LEU C 477 -1.03 -32.56 -39.41
CA LEU C 477 -2.31 -33.20 -39.09
C LEU C 477 -2.73 -34.25 -40.12
N VAL C 478 -2.10 -34.22 -41.29
CA VAL C 478 -2.55 -35.01 -42.44
C VAL C 478 -1.56 -36.13 -42.72
N GLU C 479 -0.38 -36.00 -42.14
CA GLU C 479 0.72 -36.94 -42.34
C GLU C 479 0.37 -38.36 -41.95
N LYS C 480 0.90 -39.32 -42.70
CA LYS C 480 0.74 -40.72 -42.37
C LYS C 480 1.27 -40.97 -40.97
N PRO C 481 0.42 -41.52 -40.11
CA PRO C 481 0.82 -41.90 -38.75
C PRO C 481 1.84 -43.00 -38.76
N ARG C 482 2.77 -42.99 -37.81
CA ARG C 482 3.56 -44.16 -37.53
C ARG C 482 2.56 -45.25 -37.19
N PRO C 483 2.93 -46.53 -37.38
CA PRO C 483 2.02 -47.68 -37.32
C PRO C 483 0.74 -47.45 -36.52
N ASP C 484 0.72 -47.85 -35.24
CA ASP C 484 -0.54 -47.69 -34.52
C ASP C 484 -0.46 -46.46 -33.66
N ALA C 485 0.08 -45.39 -34.26
CA ALA C 485 0.48 -44.23 -33.50
C ALA C 485 -0.45 -43.06 -33.72
N ILE C 486 -0.27 -42.05 -32.87
CA ILE C 486 -1.11 -40.86 -32.87
C ILE C 486 -0.52 -39.73 -33.74
N PHE C 487 0.80 -39.77 -33.93
CA PHE C 487 1.52 -38.76 -34.70
C PHE C 487 2.33 -39.43 -35.81
N GLY C 488 2.66 -38.66 -36.84
CA GLY C 488 3.64 -39.07 -37.83
C GLY C 488 5.06 -38.65 -37.49
N GLU C 489 5.99 -38.96 -38.39
CA GLU C 489 7.41 -38.63 -38.21
C GLU C 489 7.66 -37.13 -37.95
N THR C 490 7.14 -36.27 -38.81
CA THR C 490 7.42 -34.85 -38.67
C THR C 490 7.08 -34.34 -37.27
N MET C 491 5.88 -34.64 -36.79
CA MET C 491 5.45 -34.19 -35.46
C MET C 491 6.47 -34.55 -34.41
N VAL C 492 6.93 -35.79 -34.41
CA VAL C 492 7.83 -36.25 -33.36
C VAL C 492 9.25 -35.75 -33.53
N GLU C 493 9.66 -35.50 -34.76
CA GLU C 493 11.06 -35.14 -35.02
C GLU C 493 11.32 -33.64 -34.90
N LEU C 494 10.25 -32.84 -34.96
CA LEU C 494 10.34 -31.41 -34.63
C LEU C 494 10.06 -31.23 -33.14
N GLY C 495 9.08 -31.98 -32.66
CA GLY C 495 8.60 -31.81 -31.31
C GLY C 495 9.60 -32.14 -30.22
N ALA C 496 10.18 -33.33 -30.27
CA ALA C 496 11.06 -33.78 -29.20
C ALA C 496 12.17 -32.77 -28.89
N PRO C 497 12.86 -32.27 -29.92
CA PRO C 497 13.96 -31.35 -29.60
C PRO C 497 13.42 -30.13 -28.87
N PHE C 498 12.40 -29.48 -29.42
CA PHE C 498 11.79 -28.34 -28.73
C PHE C 498 11.36 -28.71 -27.31
N SER C 499 10.72 -29.87 -27.18
CA SER C 499 10.17 -30.28 -25.91
C SER C 499 11.25 -30.56 -24.84
N LEU C 500 12.33 -31.21 -25.23
CA LEU C 500 13.34 -31.60 -24.26
C LEU C 500 14.23 -30.44 -23.83
N LYS C 501 14.47 -29.51 -24.75
CA LYS C 501 15.18 -28.28 -24.36
C LYS C 501 14.38 -27.50 -23.31
N GLY C 502 13.08 -27.36 -23.54
CA GLY C 502 12.24 -26.61 -22.62
C GLY C 502 12.16 -27.27 -21.26
N LEU C 503 12.43 -28.57 -21.23
CA LEU C 503 12.28 -29.36 -20.03
C LEU C 503 13.57 -29.37 -19.24
N MET C 504 14.66 -29.65 -19.93
CA MET C 504 15.93 -29.85 -19.25
C MET C 504 16.67 -28.54 -19.11
N GLY C 505 16.31 -27.56 -19.94
CA GLY C 505 16.98 -26.27 -19.93
C GLY C 505 16.46 -25.34 -18.85
N ASN C 506 15.86 -25.93 -17.82
CA ASN C 506 15.30 -25.20 -16.70
C ASN C 506 16.33 -25.08 -15.60
N PRO C 507 16.49 -23.88 -15.06
CA PRO C 507 17.49 -23.65 -14.02
C PRO C 507 17.54 -24.75 -12.95
N ILE C 508 16.42 -25.33 -12.58
CA ILE C 508 16.48 -26.29 -11.48
C ILE C 508 17.21 -27.56 -11.89
N CYS C 509 17.46 -27.70 -13.19
CA CYS C 509 18.14 -28.89 -13.69
C CYS C 509 19.64 -28.68 -13.78
N SER C 510 20.05 -27.45 -13.50
CA SER C 510 21.45 -27.09 -13.52
C SER C 510 22.12 -27.51 -12.19
N PRO C 511 23.41 -27.83 -12.26
CA PRO C 511 24.14 -28.37 -11.11
C PRO C 511 23.92 -27.56 -9.85
N GLN C 512 23.89 -26.23 -9.92
CA GLN C 512 23.79 -25.38 -8.72
C GLN C 512 22.48 -25.56 -7.98
N TYR C 513 21.45 -25.89 -8.75
CA TYR C 513 20.11 -25.99 -8.23
C TYR C 513 19.78 -27.42 -7.88
N TRP C 514 20.27 -28.36 -8.67
CA TRP C 514 19.89 -29.76 -8.47
C TRP C 514 20.56 -30.42 -7.27
N LYS C 515 20.04 -30.08 -6.09
CA LYS C 515 20.54 -30.64 -4.86
C LYS C 515 19.46 -30.46 -3.79
N PRO C 516 19.48 -31.33 -2.78
CA PRO C 516 18.38 -31.38 -1.81
C PRO C 516 18.07 -30.03 -1.16
N SER C 517 19.10 -29.22 -0.90
CA SER C 517 18.86 -28.04 -0.08
C SER C 517 17.93 -27.12 -0.85
N THR C 518 18.07 -27.14 -2.18
CA THR C 518 17.29 -26.26 -3.04
C THR C 518 15.80 -26.43 -2.77
N PHE C 519 15.42 -27.64 -2.40
CA PHE C 519 14.02 -27.99 -2.26
C PHE C 519 13.59 -28.21 -0.81
N GLY C 520 14.39 -27.67 0.11
CA GLY C 520 14.09 -27.74 1.52
C GLY C 520 14.51 -29.06 2.15
N GLY C 521 15.38 -29.80 1.46
CA GLY C 521 15.92 -31.02 2.03
C GLY C 521 15.52 -32.30 1.34
N GLU C 522 15.99 -33.42 1.89
CA GLU C 522 15.89 -34.70 1.23
C GLU C 522 14.42 -35.07 1.02
N VAL C 523 13.58 -34.54 1.91
CA VAL C 523 12.17 -34.88 1.95
C VAL C 523 11.42 -34.18 0.80
N GLY C 524 11.78 -32.95 0.53
CA GLY C 524 11.22 -32.24 -0.61
C GLY C 524 11.79 -32.75 -1.92
N PHE C 525 13.08 -33.07 -1.94
CA PHE C 525 13.73 -33.59 -3.12
C PHE C 525 13.02 -34.88 -3.55
N LYS C 526 12.60 -35.68 -2.56
CA LYS C 526 11.93 -36.94 -2.86
C LYS C 526 10.61 -36.70 -3.60
N ILE C 527 9.85 -35.71 -3.11
CA ILE C 527 8.59 -35.32 -3.74
C ILE C 527 8.75 -35.18 -5.25
N ILE C 528 9.87 -34.62 -5.69
CA ILE C 528 10.14 -34.53 -7.11
C ILE C 528 10.47 -35.89 -7.69
N ASN C 529 11.40 -36.60 -7.07
CA ASN C 529 11.96 -37.81 -7.67
C ASN C 529 11.04 -39.04 -7.67
N THR C 530 9.88 -38.92 -7.02
CA THR C 530 8.91 -40.01 -7.05
C THR C 530 7.56 -39.58 -7.62
N ALA C 531 7.51 -38.38 -8.17
CA ALA C 531 6.26 -37.85 -8.72
C ALA C 531 5.79 -38.61 -9.96
N SER C 532 4.48 -38.80 -10.05
CA SER C 532 3.87 -39.45 -11.20
C SER C 532 2.51 -38.82 -11.39
N ILE C 533 1.97 -38.91 -12.61
CA ILE C 533 0.62 -38.44 -12.82
C ILE C 533 -0.32 -39.16 -11.86
N GLN C 534 -0.05 -40.43 -11.61
CA GLN C 534 -0.88 -41.23 -10.71
C GLN C 534 -0.91 -40.68 -9.28
N SER C 535 0.26 -40.46 -8.70
CA SER C 535 0.33 -39.96 -7.33
C SER C 535 -0.17 -38.51 -7.22
N LEU C 536 -0.04 -37.74 -8.29
CA LEU C 536 -0.59 -36.40 -8.29
C LEU C 536 -2.07 -36.45 -8.03
N ILE C 537 -2.76 -37.38 -8.71
CA ILE C 537 -4.19 -37.52 -8.55
C ILE C 537 -4.50 -38.20 -7.23
N CYS C 538 -3.67 -39.18 -6.88
CA CYS C 538 -3.83 -39.89 -5.62
C CYS C 538 -3.78 -39.01 -4.36
N ASN C 539 -2.79 -38.11 -4.30
CA ASN C 539 -2.60 -37.25 -3.12
C ASN C 539 -3.61 -36.12 -3.00
N ASN C 540 -4.30 -35.82 -4.09
CA ASN C 540 -5.08 -34.60 -4.16
C ASN C 540 -6.55 -34.76 -4.47
N VAL C 541 -6.92 -35.92 -4.99
CA VAL C 541 -8.30 -36.15 -5.40
C VAL C 541 -9.01 -37.09 -4.43
N LYS C 542 -10.28 -36.77 -4.12
CA LYS C 542 -11.02 -37.36 -2.99
C LYS C 542 -10.95 -38.87 -2.79
N GLY C 543 -11.29 -39.66 -3.81
CA GLY C 543 -11.11 -41.10 -3.69
C GLY C 543 -9.61 -41.31 -3.74
N CYS C 544 -9.14 -42.39 -4.32
CA CYS C 544 -7.80 -42.31 -4.87
C CYS C 544 -7.89 -42.88 -6.28
N PRO C 545 -8.67 -42.19 -7.11
CA PRO C 545 -9.05 -42.67 -8.45
C PRO C 545 -7.81 -43.05 -9.23
N PHE C 546 -7.88 -44.21 -9.86
CA PHE C 546 -6.82 -44.65 -10.75
C PHE C 546 -6.77 -43.74 -11.98
N THR C 547 -5.59 -43.30 -12.37
CA THR C 547 -5.47 -42.58 -13.66
C THR C 547 -4.31 -43.04 -14.49
N SER C 548 -4.26 -42.47 -15.68
CA SER C 548 -3.29 -42.83 -16.69
C SER C 548 -3.51 -41.91 -17.86
N PHE C 549 -2.51 -41.74 -18.70
CA PHE C 549 -2.72 -41.00 -19.93
C PHE C 549 -3.25 -41.96 -20.99
N ASN C 550 -3.79 -43.07 -20.48
CA ASN C 550 -3.98 -44.28 -21.26
C ASN C 550 -5.35 -44.90 -21.02
N VAL C 551 -6.15 -45.00 -22.07
CA VAL C 551 -7.44 -45.67 -21.95
C VAL C 551 -7.20 -47.18 -21.93
N GLN C 552 -7.47 -47.77 -20.78
CA GLN C 552 -7.21 -49.20 -20.58
C GLN C 552 -8.39 -50.02 -21.13
N ALA D 1 19.25 -15.91 16.10
CA ALA D 1 18.15 -16.86 16.02
C ALA D 1 18.39 -17.86 14.88
N ASN D 2 18.25 -17.39 13.64
CA ASN D 2 18.53 -18.19 12.46
C ASN D 2 19.86 -18.92 12.59
N PRO D 3 19.79 -20.25 12.79
CA PRO D 3 20.96 -21.09 13.08
C PRO D 3 22.01 -21.07 11.98
N CYS D 4 21.71 -20.41 10.88
CA CYS D 4 22.61 -20.34 9.74
C CYS D 4 23.46 -19.09 9.76
N CYS D 5 23.18 -18.20 10.72
CA CYS D 5 23.85 -16.91 10.82
C CYS D 5 25.37 -16.99 10.84
N SER D 6 25.91 -18.01 11.50
CA SER D 6 27.37 -18.11 11.65
C SER D 6 28.10 -18.53 10.36
N ASN D 7 27.36 -18.69 9.26
CA ASN D 7 27.92 -19.15 8.00
C ASN D 7 28.80 -20.38 8.17
N PRO D 8 28.29 -21.41 8.86
CA PRO D 8 29.06 -22.60 9.26
C PRO D 8 29.50 -23.47 8.09
N CYS D 9 28.71 -23.49 7.01
CA CYS D 9 29.01 -24.36 5.89
C CYS D 9 30.21 -23.86 5.07
N GLN D 10 31.14 -24.74 4.79
CA GLN D 10 32.36 -24.34 4.12
C GLN D 10 32.45 -24.84 2.68
N ASN D 11 33.47 -24.40 1.98
CA ASN D 11 33.75 -24.91 0.64
C ASN D 11 32.59 -24.88 -0.35
N ARG D 12 31.70 -23.92 -0.16
CA ARG D 12 30.61 -23.69 -1.11
C ARG D 12 29.40 -24.58 -0.89
N GLY D 13 29.43 -25.38 0.16
CA GLY D 13 28.24 -26.10 0.57
C GLY D 13 27.17 -25.12 1.00
N GLU D 14 25.90 -25.52 0.96
CA GLU D 14 24.81 -24.61 1.30
C GLU D 14 24.19 -24.93 2.65
N CYS D 15 23.92 -23.89 3.44
CA CYS D 15 23.37 -24.09 4.78
C CYS D 15 21.85 -23.94 4.79
N MET D 16 21.19 -24.90 5.44
CA MET D 16 19.74 -24.89 5.57
C MET D 16 19.30 -25.16 7.01
N SER D 17 18.34 -24.38 7.50
CA SER D 17 17.84 -24.53 8.86
C SER D 17 16.91 -25.71 8.99
N THR D 18 17.14 -26.54 10.01
CA THR D 18 16.34 -27.74 10.20
C THR D 18 15.66 -27.74 11.56
N GLY D 19 14.90 -26.68 11.84
CA GLY D 19 14.32 -26.51 13.16
C GLY D 19 14.93 -25.25 13.70
N PHE D 20 14.31 -24.67 14.73
CA PHE D 20 14.70 -23.34 15.20
C PHE D 20 16.19 -23.17 15.58
N ASP D 21 16.81 -24.23 16.06
CA ASP D 21 18.14 -24.12 16.63
C ASP D 21 19.19 -25.07 16.06
N GLN D 22 18.89 -25.73 14.95
CA GLN D 22 19.87 -26.62 14.33
C GLN D 22 19.95 -26.34 12.84
N TYR D 23 21.04 -26.78 12.20
CA TYR D 23 21.22 -26.60 10.75
C TYR D 23 21.74 -27.85 10.06
N LYS D 24 21.75 -27.82 8.74
CA LYS D 24 22.33 -28.90 7.95
C LYS D 24 23.05 -28.36 6.72
N CYS D 25 24.13 -29.04 6.33
CA CYS D 25 24.90 -28.61 5.17
C CYS D 25 24.71 -29.53 3.99
N ASP D 26 24.46 -28.95 2.83
CA ASP D 26 24.30 -29.73 1.62
C ASP D 26 25.66 -29.74 0.93
N CYS D 27 26.37 -30.85 1.08
CA CYS D 27 27.75 -30.91 0.61
C CYS D 27 27.85 -31.34 -0.83
N THR D 28 26.70 -31.40 -1.48
CA THR D 28 26.64 -31.89 -2.85
C THR D 28 27.65 -31.21 -3.79
N ARG D 29 28.40 -32.07 -4.49
CA ARG D 29 29.33 -31.66 -5.54
C ARG D 29 30.45 -30.72 -5.09
N THR D 30 30.66 -30.60 -3.79
CA THR D 30 31.73 -29.72 -3.32
C THR D 30 33.11 -30.37 -3.29
N GLY D 31 33.15 -31.70 -3.20
CA GLY D 31 34.41 -32.40 -3.03
C GLY D 31 34.76 -32.60 -1.56
N PHE D 32 33.84 -32.18 -0.69
CA PHE D 32 33.98 -32.35 0.74
C PHE D 32 32.77 -33.06 1.33
N TYR D 33 32.83 -33.39 2.61
CA TYR D 33 31.69 -33.95 3.34
C TYR D 33 31.89 -33.66 4.80
N GLY D 34 30.96 -34.11 5.64
CA GLY D 34 31.06 -33.83 7.05
C GLY D 34 30.09 -32.77 7.48
N GLU D 35 29.97 -32.52 8.77
CA GLU D 35 28.94 -31.61 9.28
C GLU D 35 29.01 -30.25 8.62
N ASN D 36 30.21 -29.80 8.26
CA ASN D 36 30.39 -28.48 7.67
C ASN D 36 30.98 -28.49 6.26
N CYS D 37 31.19 -29.66 5.69
CA CYS D 37 31.83 -29.77 4.39
C CYS D 37 33.28 -29.36 4.51
N THR D 38 33.88 -29.67 5.65
CA THR D 38 35.26 -29.33 5.91
C THR D 38 36.23 -30.47 5.59
N THR D 39 35.74 -31.70 5.60
CA THR D 39 36.63 -32.84 5.38
C THR D 39 36.61 -33.33 3.94
N PRO D 40 37.78 -33.31 3.28
CA PRO D 40 37.95 -33.52 1.84
C PRO D 40 37.80 -34.96 1.40
N GLU D 41 37.20 -35.17 0.24
CA GLU D 41 37.23 -36.48 -0.41
C GLU D 41 38.68 -36.74 -0.79
N PHE D 42 38.96 -37.91 -1.37
CA PHE D 42 40.35 -38.24 -1.68
C PHE D 42 40.92 -37.37 -2.78
N LEU D 43 40.33 -37.43 -3.97
CA LEU D 43 40.80 -36.64 -5.10
C LEU D 43 40.94 -35.16 -4.73
N THR D 44 40.15 -34.71 -3.76
CA THR D 44 40.22 -33.33 -3.30
C THR D 44 41.55 -33.04 -2.62
N ARG D 45 41.96 -33.92 -1.70
CA ARG D 45 43.27 -33.79 -1.04
C ARG D 45 44.40 -33.61 -2.07
N ILE D 46 44.33 -34.35 -3.16
CA ILE D 46 45.34 -34.23 -4.23
C ILE D 46 45.25 -32.88 -4.93
N LYS D 47 44.06 -32.52 -5.41
CA LYS D 47 43.87 -31.23 -6.07
C LYS D 47 44.41 -30.10 -5.19
N LEU D 48 44.18 -30.21 -3.89
CA LEU D 48 44.65 -29.21 -2.95
C LEU D 48 46.17 -29.10 -2.86
N LEU D 49 46.85 -30.25 -2.85
CA LEU D 49 48.31 -30.26 -2.75
C LEU D 49 48.94 -29.81 -4.05
N LEU D 50 48.14 -29.62 -5.08
CA LEU D 50 48.66 -29.27 -6.39
C LEU D 50 48.19 -27.90 -6.85
N LYS D 51 47.34 -27.25 -6.06
CA LYS D 51 46.82 -25.95 -6.44
C LYS D 51 47.79 -24.86 -5.99
N PRO D 52 48.49 -24.25 -6.96
CA PRO D 52 49.38 -23.14 -6.62
C PRO D 52 48.51 -22.00 -6.12
N THR D 53 48.99 -21.20 -5.17
CA THR D 53 48.17 -20.09 -4.67
C THR D 53 48.08 -18.99 -5.71
N PRO D 54 47.06 -18.13 -5.59
CA PRO D 54 46.91 -16.97 -6.50
C PRO D 54 48.21 -16.18 -6.63
N ASN D 55 48.85 -15.89 -5.51
CA ASN D 55 50.08 -15.13 -5.55
C ASN D 55 51.23 -15.85 -6.28
N THR D 56 51.33 -17.16 -6.12
CA THR D 56 52.31 -17.95 -6.83
C THR D 56 52.10 -17.82 -8.34
N VAL D 57 50.89 -18.15 -8.76
CA VAL D 57 50.50 -18.06 -10.17
C VAL D 57 50.72 -16.65 -10.68
N HIS D 58 50.45 -15.66 -9.83
CA HIS D 58 50.62 -14.28 -10.24
C HIS D 58 52.09 -13.93 -10.46
N TYR D 59 52.96 -14.44 -9.61
CA TYR D 59 54.40 -14.25 -9.80
C TYR D 59 54.81 -14.80 -11.16
N ILE D 60 54.56 -16.08 -11.37
CA ILE D 60 54.94 -16.74 -12.61
C ILE D 60 54.47 -15.95 -13.84
N LEU D 61 53.29 -15.34 -13.75
CA LEU D 61 52.66 -14.68 -14.89
C LEU D 61 53.28 -13.30 -15.18
N THR D 62 53.95 -12.73 -14.18
CA THR D 62 54.53 -11.39 -14.32
C THR D 62 56.06 -11.38 -14.36
N HIS D 63 56.65 -12.57 -14.36
CA HIS D 63 58.09 -12.70 -14.51
C HIS D 63 58.39 -13.60 -15.71
N PHE D 64 59.66 -13.92 -15.94
CA PHE D 64 60.02 -14.81 -17.02
C PHE D 64 59.62 -14.26 -18.38
N LYS D 65 59.69 -12.93 -18.52
CA LYS D 65 59.26 -12.25 -19.74
C LYS D 65 59.81 -12.93 -20.99
N GLY D 66 61.01 -13.49 -20.87
CA GLY D 66 61.63 -14.18 -21.98
C GLY D 66 60.89 -15.45 -22.39
N VAL D 67 60.42 -16.21 -21.40
CA VAL D 67 59.71 -17.43 -21.68
C VAL D 67 58.33 -17.16 -22.26
N TRP D 68 57.61 -16.23 -21.65
CA TRP D 68 56.30 -15.88 -22.15
C TRP D 68 56.40 -15.42 -23.57
N ASN D 69 57.42 -14.61 -23.85
CA ASN D 69 57.61 -14.12 -25.20
C ASN D 69 57.68 -15.26 -26.22
N ILE D 70 58.19 -16.41 -25.80
CA ILE D 70 58.26 -17.59 -26.65
C ILE D 70 56.91 -18.27 -26.74
N VAL D 71 56.26 -18.46 -25.60
CA VAL D 71 54.94 -19.07 -25.54
C VAL D 71 53.92 -18.29 -26.38
N ASN D 72 53.95 -16.97 -26.26
CA ASN D 72 53.04 -16.12 -27.00
C ASN D 72 53.11 -16.30 -28.52
N ASN D 73 54.17 -16.96 -28.99
CA ASN D 73 54.33 -17.20 -30.41
C ASN D 73 54.16 -18.67 -30.82
N ILE D 74 53.67 -19.46 -29.87
CA ILE D 74 53.23 -20.83 -30.14
C ILE D 74 51.69 -20.92 -29.98
N PRO D 75 50.95 -20.74 -31.08
CA PRO D 75 49.47 -20.78 -31.03
C PRO D 75 48.92 -21.92 -30.18
N PHE D 76 49.40 -23.13 -30.43
CA PHE D 76 48.93 -24.32 -29.72
C PHE D 76 48.99 -24.15 -28.22
N LEU D 77 49.87 -23.28 -27.75
CA LEU D 77 50.11 -23.10 -26.32
C LEU D 77 49.37 -21.90 -25.76
N ARG D 78 49.43 -20.80 -26.49
CA ARG D 78 48.73 -19.59 -26.11
C ARG D 78 47.26 -19.93 -25.96
N SER D 79 46.71 -20.59 -26.97
CA SER D 79 45.33 -21.07 -26.92
C SER D 79 45.11 -21.99 -25.74
N LEU D 80 45.99 -22.97 -25.56
CA LEU D 80 45.86 -23.91 -24.45
C LEU D 80 45.79 -23.23 -23.10
N ILE D 81 46.58 -22.17 -22.94
CA ILE D 81 46.60 -21.38 -21.71
C ILE D 81 45.32 -20.55 -21.54
N MET D 82 44.99 -19.78 -22.57
CA MET D 82 43.81 -18.92 -22.52
C MET D 82 42.58 -19.74 -22.20
N LYS D 83 42.47 -20.89 -22.86
CA LYS D 83 41.38 -21.81 -22.59
C LYS D 83 41.33 -22.11 -21.10
N TYR D 84 42.47 -22.45 -20.51
CA TYR D 84 42.49 -22.78 -19.10
C TYR D 84 42.02 -21.59 -18.26
N VAL D 85 42.60 -20.40 -18.50
CA VAL D 85 42.18 -19.23 -17.70
C VAL D 85 40.66 -19.01 -17.77
N LEU D 86 40.11 -19.12 -18.98
CA LEU D 86 38.67 -18.99 -19.18
C LEU D 86 37.84 -19.99 -18.39
N THR D 87 38.16 -21.27 -18.48
CA THR D 87 37.30 -22.27 -17.85
C THR D 87 37.44 -22.28 -16.34
N SER D 88 38.67 -22.07 -15.87
CA SER D 88 38.97 -22.18 -14.45
C SER D 88 38.44 -20.99 -13.66
N ARG D 89 38.34 -19.84 -14.32
CA ARG D 89 37.78 -18.66 -13.69
C ARG D 89 36.28 -18.82 -13.62
N SER D 90 35.70 -19.29 -14.71
CA SER D 90 34.26 -19.36 -14.86
C SER D 90 33.58 -20.30 -13.89
N TYR D 91 34.19 -21.45 -13.61
CA TYR D 91 33.54 -22.42 -12.72
C TYR D 91 33.34 -21.81 -11.32
N LEU D 92 33.83 -20.59 -11.15
CA LEU D 92 33.73 -19.87 -9.89
C LEU D 92 32.42 -19.11 -9.77
N ILE D 93 31.69 -18.97 -10.88
CA ILE D 93 30.44 -18.25 -10.89
C ILE D 93 29.26 -19.19 -11.00
N ASP D 94 28.20 -18.92 -10.25
CA ASP D 94 26.96 -19.69 -10.39
C ASP D 94 26.23 -19.26 -11.65
N SER D 95 26.06 -20.17 -12.60
CA SER D 95 25.32 -19.85 -13.81
C SER D 95 24.50 -21.06 -14.27
N PRO D 96 23.16 -20.92 -14.22
CA PRO D 96 22.34 -19.75 -13.92
C PRO D 96 22.51 -19.26 -12.49
N PRO D 97 22.17 -17.99 -12.25
CA PRO D 97 22.31 -17.30 -10.97
C PRO D 97 21.39 -17.83 -9.88
N THR D 98 21.71 -17.39 -8.67
CA THR D 98 21.07 -17.80 -7.43
C THR D 98 21.13 -16.55 -6.58
N TYR D 99 20.43 -16.52 -5.46
CA TYR D 99 20.62 -15.43 -4.46
C TYR D 99 20.61 -13.98 -4.97
N ASN D 100 19.90 -13.12 -4.24
CA ASN D 100 19.96 -11.68 -4.46
C ASN D 100 19.69 -11.00 -3.14
N VAL D 101 19.58 -9.68 -3.15
CA VAL D 101 19.45 -8.93 -1.90
C VAL D 101 18.42 -9.53 -0.96
N HIS D 102 17.32 -10.00 -1.54
CA HIS D 102 16.16 -10.39 -0.77
C HIS D 102 16.06 -11.90 -0.54
N TYR D 103 16.85 -12.66 -1.28
CA TYR D 103 16.77 -14.11 -1.21
C TYR D 103 18.11 -14.76 -0.89
N GLY D 104 18.19 -15.34 0.31
CA GLY D 104 19.38 -16.09 0.75
C GLY D 104 19.21 -17.60 0.57
N TYR D 105 18.01 -17.99 0.15
CA TYR D 105 17.75 -19.34 -0.26
C TYR D 105 17.43 -19.27 -1.75
N LYS D 106 17.38 -20.41 -2.44
CA LYS D 106 17.49 -20.45 -3.90
C LYS D 106 16.32 -19.86 -4.72
N SER D 107 15.06 -20.11 -4.32
CA SER D 107 13.90 -19.43 -4.95
C SER D 107 13.79 -19.04 -6.46
N TRP D 108 12.58 -19.17 -7.02
CA TRP D 108 12.33 -18.77 -8.42
C TRP D 108 12.30 -17.25 -8.66
N GLU D 109 11.75 -16.50 -7.71
CA GLU D 109 11.69 -15.05 -7.87
C GLU D 109 13.10 -14.51 -8.09
N ALA D 110 14.05 -15.07 -7.35
CA ALA D 110 15.43 -14.71 -7.46
C ALA D 110 15.91 -14.96 -8.87
N PHE D 111 15.65 -16.15 -9.37
CA PHE D 111 16.08 -16.50 -10.71
C PHE D 111 15.40 -15.69 -11.81
N SER D 112 14.09 -15.51 -11.73
CA SER D 112 13.37 -14.94 -12.86
C SER D 112 13.50 -13.43 -12.95
N ASN D 113 13.58 -12.77 -11.81
CA ASN D 113 13.51 -11.32 -11.73
C ASN D 113 14.80 -10.61 -12.17
N LEU D 114 14.79 -10.07 -13.38
CA LEU D 114 15.99 -9.52 -13.97
C LEU D 114 16.30 -8.14 -13.41
N SER D 115 15.42 -7.62 -12.55
CA SER D 115 15.67 -6.30 -11.96
C SER D 115 16.71 -6.28 -10.82
N TYR D 116 17.00 -7.44 -10.25
CA TYR D 116 17.97 -7.52 -9.17
C TYR D 116 19.35 -7.73 -9.79
N TYR D 117 20.39 -7.16 -9.18
CA TYR D 117 21.74 -7.64 -9.40
C TYR D 117 21.74 -8.97 -8.69
N THR D 118 22.45 -9.97 -9.22
CA THR D 118 22.54 -11.23 -8.50
C THR D 118 23.60 -11.11 -7.43
N ARG D 119 23.83 -12.18 -6.69
CA ARG D 119 24.69 -12.06 -5.53
C ARG D 119 25.55 -13.31 -5.35
N ALA D 120 26.87 -13.13 -5.35
CA ALA D 120 27.82 -14.24 -5.26
C ALA D 120 27.78 -14.97 -3.92
N LEU D 121 27.52 -14.24 -2.84
CA LEU D 121 27.20 -14.88 -1.57
C LEU D 121 25.88 -14.33 -1.11
N PRO D 122 25.06 -15.18 -0.49
CA PRO D 122 23.75 -14.75 0.00
C PRO D 122 23.92 -13.64 1.02
N PRO D 123 22.88 -12.81 1.20
CA PRO D 123 22.93 -11.81 2.25
C PRO D 123 22.84 -12.44 3.63
N VAL D 124 23.16 -11.64 4.64
CA VAL D 124 23.07 -12.05 6.02
C VAL D 124 21.63 -11.90 6.46
N ALA D 125 21.07 -12.96 7.05
CA ALA D 125 19.65 -12.96 7.38
C ALA D 125 19.30 -11.73 8.23
N ASP D 126 18.11 -11.20 8.02
CA ASP D 126 17.72 -9.97 8.69
C ASP D 126 17.67 -10.12 10.21
N ASP D 127 17.60 -11.37 10.66
CA ASP D 127 17.45 -11.61 12.09
C ASP D 127 18.72 -12.19 12.75
N CYS D 128 19.86 -12.02 12.10
CA CYS D 128 21.11 -12.38 12.73
C CYS D 128 21.44 -11.31 13.79
N PRO D 129 22.15 -11.72 14.88
CA PRO D 129 22.45 -10.81 15.99
C PRO D 129 23.39 -9.66 15.61
N THR D 130 24.44 -9.98 14.85
CA THR D 130 25.39 -8.98 14.39
C THR D 130 25.31 -8.85 12.89
N PRO D 131 25.70 -7.69 12.34
CA PRO D 131 25.68 -7.37 10.91
C PRO D 131 26.40 -8.38 10.05
N MET D 132 27.46 -8.99 10.57
CA MET D 132 28.18 -10.00 9.82
C MET D 132 27.76 -11.40 10.23
N GLY D 133 26.60 -11.49 10.87
CA GLY D 133 26.10 -12.76 11.37
C GLY D 133 26.24 -12.90 12.87
N VAL D 134 27.40 -13.38 13.31
CA VAL D 134 27.61 -13.68 14.72
C VAL D 134 28.82 -12.96 15.33
N LYS D 135 29.89 -12.80 14.55
CA LYS D 135 31.09 -12.11 15.01
C LYS D 135 30.94 -10.59 15.04
N GLY D 136 31.70 -9.95 15.92
CA GLY D 136 31.74 -8.50 15.98
C GLY D 136 30.72 -7.85 16.90
N ASN D 137 30.75 -6.52 16.95
CA ASN D 137 29.87 -5.80 17.86
C ASN D 137 28.51 -5.60 17.24
N LYS D 138 27.54 -5.17 18.05
CA LYS D 138 26.18 -4.96 17.60
C LYS D 138 26.13 -4.08 16.34
N GLU D 139 27.13 -3.22 16.18
CA GLU D 139 27.15 -2.24 15.09
C GLU D 139 28.52 -2.16 14.41
N LEU D 140 28.52 -2.01 13.09
CA LEU D 140 29.77 -1.83 12.37
C LEU D 140 30.32 -0.44 12.64
N PRO D 141 31.64 -0.28 12.52
CA PRO D 141 32.31 1.01 12.72
C PRO D 141 31.67 2.16 11.93
N ASP D 142 31.75 3.37 12.44
CA ASP D 142 31.15 4.51 11.76
C ASP D 142 31.74 4.65 10.36
N SER D 143 30.88 4.65 9.34
CA SER D 143 31.36 4.76 7.97
C SER D 143 32.21 6.03 7.76
N LYS D 144 31.75 7.18 8.26
CA LYS D 144 32.53 8.42 8.19
C LYS D 144 33.95 8.19 8.70
N GLU D 145 34.05 7.54 9.85
CA GLU D 145 35.33 7.18 10.45
C GLU D 145 36.22 6.32 9.53
N VAL D 146 35.67 5.26 8.96
CA VAL D 146 36.48 4.39 8.10
C VAL D 146 36.97 5.15 6.87
N LEU D 147 36.03 5.85 6.25
CA LEU D 147 36.29 6.71 5.09
C LEU D 147 37.50 7.58 5.38
N GLU D 148 37.37 8.43 6.40
CA GLU D 148 38.40 9.42 6.74
C GLU D 148 39.74 8.82 7.19
N LYS D 149 39.69 7.79 8.03
CA LYS D 149 40.91 7.22 8.55
C LYS D 149 41.73 6.45 7.51
N VAL D 150 41.11 5.61 6.69
CA VAL D 150 41.90 4.78 5.75
C VAL D 150 41.64 4.97 4.26
N LEU D 151 40.55 5.64 3.89
CA LEU D 151 40.21 5.73 2.48
C LEU D 151 40.65 7.03 1.81
N LEU D 152 40.19 8.16 2.35
CA LEU D 152 40.44 9.47 1.74
C LEU D 152 41.91 9.69 1.38
N ARG D 153 42.12 10.57 0.42
CA ARG D 153 43.44 10.81 -0.12
C ARG D 153 44.07 12.04 0.53
N ARG D 154 45.28 11.87 1.05
CA ARG D 154 46.06 13.02 1.48
C ARG D 154 46.82 13.50 0.25
N GLU D 155 47.88 12.76 -0.07
CA GLU D 155 48.72 13.05 -1.21
C GLU D 155 48.36 12.07 -2.32
N PHE D 156 48.20 12.59 -3.55
CA PHE D 156 47.86 11.73 -4.68
C PHE D 156 48.89 10.64 -4.88
N ILE D 157 48.42 9.41 -5.06
CA ILE D 157 49.31 8.27 -5.21
C ILE D 157 49.17 7.64 -6.57
N PRO D 158 50.13 7.90 -7.46
CA PRO D 158 50.02 7.40 -8.83
C PRO D 158 50.11 5.89 -8.89
N ASP D 159 49.44 5.29 -9.87
CA ASP D 159 49.52 3.87 -10.10
C ASP D 159 50.90 3.50 -10.65
N PRO D 160 51.59 2.58 -9.97
CA PRO D 160 52.89 2.12 -10.44
C PRO D 160 52.82 1.39 -11.79
N GLN D 161 51.63 1.05 -12.25
CA GLN D 161 51.48 0.29 -13.49
C GLN D 161 51.34 1.16 -14.73
N GLY D 162 51.19 2.45 -14.51
CA GLY D 162 51.12 3.38 -15.62
C GLY D 162 49.73 3.62 -16.17
N SER D 163 48.71 3.09 -15.51
CA SER D 163 47.36 3.33 -15.95
C SER D 163 47.19 4.82 -16.13
N ASN D 164 46.67 5.22 -17.29
CA ASN D 164 46.42 6.63 -17.56
C ASN D 164 44.94 6.96 -17.52
N MET D 165 44.56 8.12 -18.04
CA MET D 165 43.17 8.53 -17.99
C MET D 165 42.36 7.92 -19.13
N MET D 166 43.04 7.50 -20.20
CA MET D 166 42.35 6.72 -21.23
C MET D 166 41.82 5.46 -20.56
N PHE D 167 42.66 4.82 -19.77
CA PHE D 167 42.26 3.61 -19.07
C PHE D 167 41.14 3.89 -18.09
N ALA D 168 41.28 4.92 -17.27
CA ALA D 168 40.25 5.19 -16.28
C ALA D 168 38.88 5.51 -16.90
N PHE D 169 38.84 6.32 -17.95
CA PHE D 169 37.56 6.66 -18.54
C PHE D 169 36.96 5.52 -19.36
N PHE D 170 37.81 4.68 -19.93
CA PHE D 170 37.31 3.51 -20.65
C PHE D 170 36.64 2.59 -19.62
N ALA D 171 37.31 2.38 -18.50
CA ALA D 171 36.74 1.58 -17.43
C ALA D 171 35.35 2.13 -17.05
N GLN D 172 35.27 3.43 -16.83
CA GLN D 172 34.02 4.05 -16.43
C GLN D 172 32.97 3.95 -17.53
N HIS D 173 33.34 4.27 -18.76
CA HIS D 173 32.42 4.19 -19.88
C HIS D 173 31.92 2.75 -20.07
N PHE D 174 32.86 1.81 -20.16
CA PHE D 174 32.52 0.40 -20.41
C PHE D 174 31.63 -0.20 -19.32
N THR D 175 32.03 -0.09 -18.07
CA THR D 175 31.24 -0.70 -16.99
C THR D 175 29.86 -0.06 -16.81
N HIS D 176 29.68 1.17 -17.25
CA HIS D 176 28.39 1.84 -17.04
C HIS D 176 27.26 1.41 -18.01
N GLN D 177 27.46 0.30 -18.73
CA GLN D 177 26.39 -0.27 -19.52
C GLN D 177 25.77 -1.42 -18.75
N PHE D 178 26.52 -1.96 -17.80
CA PHE D 178 25.95 -3.01 -16.97
C PHE D 178 25.92 -2.74 -15.46
N PHE D 179 26.55 -1.66 -15.01
CA PHE D 179 26.29 -1.16 -13.66
C PHE D 179 25.40 0.05 -13.80
N LYS D 180 24.11 -0.13 -13.57
CA LYS D 180 23.15 0.96 -13.70
C LYS D 180 22.13 0.85 -12.60
N THR D 181 22.54 1.17 -11.39
CA THR D 181 21.67 0.98 -10.23
C THR D 181 20.39 1.81 -10.35
N ASP D 182 19.29 1.18 -9.96
CA ASP D 182 17.95 1.74 -10.08
C ASP D 182 17.61 2.30 -8.73
N HIS D 183 17.77 3.60 -8.53
CA HIS D 183 17.68 4.11 -7.17
C HIS D 183 16.23 4.26 -6.69
N LYS D 184 15.31 4.25 -7.64
CA LYS D 184 13.89 4.19 -7.30
C LYS D 184 13.62 2.92 -6.49
N ARG D 185 14.38 1.86 -6.77
CA ARG D 185 14.20 0.55 -6.12
C ARG D 185 15.05 0.32 -4.87
N GLY D 186 16.32 0.69 -4.95
CA GLY D 186 17.28 0.40 -3.90
C GLY D 186 18.58 -0.04 -4.52
N PRO D 187 19.68 -0.02 -3.74
CA PRO D 187 20.90 -0.64 -4.29
C PRO D 187 20.57 -2.11 -4.39
N GLY D 188 21.23 -2.84 -5.26
CA GLY D 188 20.83 -4.23 -5.42
C GLY D 188 19.81 -4.43 -6.53
N PHE D 189 19.25 -3.34 -7.04
CA PHE D 189 18.43 -3.38 -8.26
C PHE D 189 19.10 -2.68 -9.44
N THR D 190 19.04 -3.30 -10.61
CA THR D 190 19.68 -2.74 -11.80
C THR D 190 18.67 -2.28 -12.84
N ARG D 191 19.09 -1.39 -13.72
CA ARG D 191 18.24 -0.89 -14.80
C ARG D 191 18.71 -1.47 -16.13
N GLY D 192 19.87 -2.12 -16.11
CA GLY D 192 20.42 -2.77 -17.29
C GLY D 192 20.05 -4.23 -17.36
N LEU D 193 18.89 -4.50 -17.94
CA LEU D 193 18.34 -5.83 -17.94
C LEU D 193 19.03 -6.75 -18.93
N GLY D 194 19.99 -6.21 -19.67
CA GLY D 194 20.79 -7.04 -20.56
C GLY D 194 21.82 -7.85 -19.77
N HIS D 195 22.07 -7.41 -18.53
CA HIS D 195 23.06 -8.06 -17.67
C HIS D 195 24.31 -8.46 -18.44
N GLY D 196 24.96 -7.48 -19.04
CA GLY D 196 26.20 -7.75 -19.75
C GLY D 196 26.49 -6.76 -20.85
N VAL D 197 27.40 -7.16 -21.74
CA VAL D 197 27.88 -6.27 -22.76
C VAL D 197 26.96 -6.24 -23.98
N ASP D 198 25.91 -5.43 -23.91
CA ASP D 198 25.00 -5.32 -25.03
C ASP D 198 25.05 -3.95 -25.69
N LEU D 199 26.01 -3.13 -25.28
CA LEU D 199 26.18 -1.76 -25.77
C LEU D 199 24.96 -0.87 -25.60
N ASN D 200 24.19 -1.09 -24.54
CA ASN D 200 23.04 -0.22 -24.31
C ASN D 200 23.45 1.21 -24.03
N HIS D 201 24.71 1.41 -23.69
CA HIS D 201 25.18 2.76 -23.35
C HIS D 201 25.40 3.59 -24.60
N ILE D 202 25.49 2.91 -25.72
CA ILE D 202 25.58 3.59 -27.01
C ILE D 202 24.19 3.64 -27.62
N TYR D 203 23.51 2.49 -27.63
CA TYR D 203 22.25 2.34 -28.37
C TYR D 203 20.95 2.60 -27.58
N GLY D 204 21.02 2.54 -26.25
CA GLY D 204 19.86 2.78 -25.43
C GLY D 204 19.33 1.46 -24.90
N GLU D 205 18.75 1.50 -23.71
CA GLU D 205 18.22 0.30 -23.07
C GLU D 205 16.89 -0.14 -23.68
N THR D 206 16.06 0.82 -24.08
CA THR D 206 14.75 0.50 -24.64
C THR D 206 14.70 0.72 -26.15
N LEU D 207 13.71 0.08 -26.80
CA LEU D 207 13.53 0.23 -28.23
C LEU D 207 13.14 1.66 -28.55
N ASP D 208 12.27 2.20 -27.72
CA ASP D 208 11.79 3.56 -27.92
C ASP D 208 12.96 4.56 -27.94
N ARG D 209 13.96 4.33 -27.11
CA ARG D 209 15.06 5.26 -26.99
C ARG D 209 15.99 5.10 -28.16
N GLN D 210 16.27 3.86 -28.51
CA GLN D 210 17.17 3.60 -29.62
C GLN D 210 16.65 4.31 -30.87
N HIS D 211 15.35 4.18 -31.12
CA HIS D 211 14.78 4.80 -32.31
C HIS D 211 15.04 6.31 -32.33
N LYS D 212 15.07 6.93 -31.17
CA LYS D 212 15.23 8.38 -31.10
C LYS D 212 16.67 8.77 -31.43
N LEU D 213 17.61 7.88 -31.16
CA LEU D 213 19.03 8.12 -31.45
C LEU D 213 19.40 7.72 -32.87
N ARG D 214 18.48 7.05 -33.56
CA ARG D 214 18.75 6.49 -34.89
C ARG D 214 18.42 7.44 -36.00
N LEU D 215 19.12 7.28 -37.11
CA LEU D 215 18.98 8.15 -38.27
C LEU D 215 18.01 7.53 -39.29
N PHE D 216 17.97 6.20 -39.30
CA PHE D 216 17.13 5.45 -40.22
C PHE D 216 17.55 5.66 -41.66
N LYS D 217 18.87 5.71 -41.85
CA LYS D 217 19.47 5.85 -43.15
C LYS D 217 20.82 5.17 -43.01
N ASP D 218 21.05 4.13 -43.81
CA ASP D 218 22.35 3.47 -43.84
C ASP D 218 22.72 2.85 -42.50
N GLY D 219 21.73 2.68 -41.62
CA GLY D 219 21.93 2.05 -40.33
C GLY D 219 22.54 2.93 -39.26
N LYS D 220 22.65 4.22 -39.56
CA LYS D 220 23.48 5.12 -38.76
C LYS D 220 22.82 5.74 -37.53
N LEU D 221 23.64 6.14 -36.57
CA LEU D 221 23.17 6.90 -35.42
C LEU D 221 23.12 8.37 -35.82
N LYS D 222 22.13 9.08 -35.30
CA LYS D 222 22.04 10.53 -35.50
C LYS D 222 23.30 11.20 -34.95
N TYR D 223 23.71 12.29 -35.60
CA TYR D 223 24.88 13.04 -35.13
C TYR D 223 24.81 14.49 -35.64
N GLN D 224 25.64 15.36 -35.08
CA GLN D 224 25.77 16.72 -35.60
C GLN D 224 27.21 17.02 -35.98
N VAL D 225 27.41 18.07 -36.77
CA VAL D 225 28.76 18.54 -37.04
C VAL D 225 29.02 19.94 -36.42
N ILE D 226 30.10 20.01 -35.65
CA ILE D 226 30.50 21.23 -34.96
C ILE D 226 31.97 21.39 -35.26
N GLY D 227 32.35 22.56 -35.77
CA GLY D 227 33.66 22.66 -36.38
C GLY D 227 33.52 21.81 -37.63
N GLY D 228 34.48 20.93 -37.88
CA GLY D 228 34.29 19.97 -38.95
C GLY D 228 34.16 18.58 -38.36
N GLU D 229 33.71 18.52 -37.11
CA GLU D 229 33.82 17.31 -36.30
C GLU D 229 32.47 16.70 -35.96
N VAL D 230 32.45 15.37 -35.78
CA VAL D 230 31.21 14.67 -35.46
C VAL D 230 31.06 14.46 -33.95
N TYR D 231 29.92 14.93 -33.43
CA TYR D 231 29.57 14.76 -32.03
C TYR D 231 28.14 14.27 -31.98
N PRO D 232 27.71 13.72 -30.83
CA PRO D 232 26.35 13.22 -30.75
C PRO D 232 25.34 14.34 -30.96
N PRO D 233 24.08 14.01 -31.27
CA PRO D 233 23.06 15.03 -31.49
C PRO D 233 22.58 15.63 -30.19
N THR D 234 21.73 16.66 -30.26
CA THR D 234 21.24 17.32 -29.06
C THR D 234 20.01 16.63 -28.48
N VAL D 235 19.83 16.83 -27.17
CA VAL D 235 18.58 16.45 -26.54
C VAL D 235 17.42 17.13 -27.23
N LYS D 236 17.61 18.38 -27.63
CA LYS D 236 16.57 19.12 -28.33
C LYS D 236 16.19 18.48 -29.67
N ASP D 237 17.17 17.96 -30.41
CA ASP D 237 16.89 17.37 -31.71
C ASP D 237 16.21 16.00 -31.59
N THR D 238 16.51 15.28 -30.52
CA THR D 238 16.14 13.88 -30.44
C THR D 238 15.08 13.62 -29.40
N GLN D 239 14.99 14.51 -28.43
CA GLN D 239 14.06 14.35 -27.31
C GLN D 239 14.40 13.15 -26.44
N VAL D 240 15.65 12.69 -26.48
CA VAL D 240 15.98 11.58 -25.61
C VAL D 240 16.34 12.13 -24.24
N GLU D 241 15.75 11.52 -23.20
CA GLU D 241 15.95 11.99 -21.85
C GLU D 241 17.42 11.85 -21.42
N MET D 242 18.00 12.95 -20.96
CA MET D 242 19.37 12.96 -20.49
C MET D 242 19.42 13.70 -19.19
N ILE D 243 20.39 13.38 -18.35
CA ILE D 243 20.56 14.06 -17.07
C ILE D 243 21.58 15.20 -17.16
N TYR D 244 21.09 16.42 -17.06
CA TYR D 244 21.94 17.60 -17.11
C TYR D 244 21.43 18.60 -16.08
N PRO D 245 22.34 19.32 -15.42
CA PRO D 245 21.93 20.37 -14.51
C PRO D 245 21.14 21.40 -15.32
N PRO D 246 20.23 22.14 -14.68
CA PRO D 246 19.32 23.03 -15.41
C PRO D 246 20.04 24.19 -16.09
N HIS D 247 21.27 24.48 -15.68
CA HIS D 247 21.99 25.60 -16.25
C HIS D 247 22.70 25.31 -17.58
N ILE D 248 22.58 24.10 -18.10
CA ILE D 248 23.34 23.73 -19.30
C ILE D 248 22.67 24.21 -20.59
N PRO D 249 23.42 25.01 -21.38
CA PRO D 249 22.86 25.53 -22.64
C PRO D 249 22.37 24.42 -23.55
N GLU D 250 21.27 24.69 -24.24
CA GLU D 250 20.60 23.68 -25.05
C GLU D 250 21.49 22.96 -26.09
N ASN D 251 22.42 23.68 -26.69
CA ASN D 251 23.26 23.07 -27.72
C ASN D 251 24.42 22.25 -27.16
N LEU D 252 24.47 22.14 -25.83
CA LEU D 252 25.52 21.35 -25.18
C LEU D 252 24.96 20.11 -24.47
N GLN D 253 23.64 19.96 -24.54
CA GLN D 253 22.99 18.76 -24.03
C GLN D 253 23.07 17.63 -25.07
N PHE D 254 24.09 16.78 -24.93
CA PHE D 254 24.32 15.68 -25.86
C PHE D 254 23.51 14.45 -25.50
N ALA D 255 23.16 13.63 -26.49
CA ALA D 255 22.24 12.51 -26.32
C ALA D 255 22.86 11.10 -26.03
N VAL D 256 23.62 10.55 -26.96
CA VAL D 256 24.40 9.31 -26.70
C VAL D 256 23.73 8.02 -26.18
N GLY D 257 22.77 8.11 -25.25
CA GLY D 257 22.01 6.92 -24.96
C GLY D 257 22.28 6.15 -23.68
N GLN D 258 23.25 6.60 -22.90
CA GLN D 258 23.30 6.25 -21.50
C GLN D 258 23.07 7.60 -20.83
N GLU D 259 21.93 7.76 -20.18
CA GLU D 259 21.49 9.08 -19.71
C GLU D 259 22.47 9.84 -18.81
N VAL D 260 23.38 9.11 -18.18
CA VAL D 260 24.29 9.71 -17.22
C VAL D 260 25.59 10.28 -17.85
N PHE D 261 25.85 9.96 -19.11
CA PHE D 261 27.15 10.25 -19.73
C PHE D 261 27.43 11.71 -20.04
N GLY D 262 26.47 12.58 -19.76
CA GLY D 262 26.69 13.99 -19.99
C GLY D 262 27.50 14.64 -18.88
N LEU D 263 27.68 13.91 -17.79
CA LEU D 263 28.20 14.51 -16.58
C LEU D 263 29.70 14.43 -16.46
N VAL D 264 30.36 13.95 -17.51
CA VAL D 264 31.83 13.90 -17.54
C VAL D 264 32.36 13.91 -18.98
N PRO D 265 33.20 14.89 -19.31
CA PRO D 265 33.71 14.97 -20.68
C PRO D 265 34.46 13.72 -21.10
N GLY D 266 35.08 13.03 -20.15
CA GLY D 266 35.80 11.80 -20.45
C GLY D 266 34.88 10.69 -20.90
N LEU D 267 33.68 10.67 -20.33
CA LEU D 267 32.64 9.75 -20.78
C LEU D 267 32.15 10.20 -22.14
N MET D 268 31.74 11.46 -22.24
CA MET D 268 31.26 12.00 -23.51
C MET D 268 32.28 11.81 -24.64
N MET D 269 33.56 11.70 -24.29
CA MET D 269 34.61 11.46 -25.29
C MET D 269 34.42 10.08 -25.93
N TYR D 270 34.52 9.04 -25.13
CA TYR D 270 34.24 7.68 -25.61
C TYR D 270 32.89 7.54 -26.30
N ALA D 271 31.84 8.11 -25.71
CA ALA D 271 30.53 8.09 -26.34
C ALA D 271 30.64 8.55 -27.79
N THR D 272 31.43 9.59 -28.02
CA THR D 272 31.59 10.15 -29.37
C THR D 272 32.40 9.21 -30.24
N ILE D 273 33.55 8.79 -29.73
CA ILE D 273 34.33 7.80 -30.43
C ILE D 273 33.45 6.63 -30.91
N TRP D 274 32.72 5.99 -30.00
CA TRP D 274 31.96 4.82 -30.37
C TRP D 274 30.85 5.16 -31.35
N LEU D 275 30.21 6.30 -31.16
CA LEU D 275 29.23 6.76 -32.13
C LEU D 275 29.86 6.89 -33.53
N ARG D 276 31.01 7.54 -33.60
CA ARG D 276 31.75 7.59 -34.85
C ARG D 276 32.06 6.22 -35.44
N GLU D 277 32.39 5.26 -34.56
CA GLU D 277 32.80 3.92 -34.97
C GLU D 277 31.64 3.16 -35.58
N HIS D 278 30.46 3.36 -35.02
CA HIS D 278 29.28 2.70 -35.52
C HIS D 278 28.98 3.16 -36.92
N ASN D 279 28.86 4.46 -37.12
CA ASN D 279 28.63 5.00 -38.45
C ASN D 279 29.74 4.62 -39.44
N ARG D 280 30.95 4.46 -38.92
CA ARG D 280 32.07 4.02 -39.74
C ARG D 280 31.85 2.58 -40.21
N VAL D 281 31.42 1.73 -39.30
CA VAL D 281 31.12 0.34 -39.64
C VAL D 281 29.97 0.26 -40.66
N CYS D 282 28.97 1.12 -40.50
CA CYS D 282 27.85 1.25 -41.42
C CYS D 282 28.28 1.55 -42.84
N ASP D 283 29.15 2.53 -43.02
CA ASP D 283 29.65 2.84 -44.35
C ASP D 283 30.35 1.65 -44.97
N ILE D 284 30.96 0.81 -44.14
CA ILE D 284 31.67 -0.37 -44.62
C ILE D 284 30.69 -1.44 -45.05
N LEU D 285 29.74 -1.72 -44.18
CA LEU D 285 28.70 -2.69 -44.46
C LEU D 285 27.87 -2.32 -45.70
N LYS D 286 27.58 -1.03 -45.86
CA LYS D 286 26.81 -0.55 -47.02
C LYS D 286 27.57 -0.79 -48.30
N GLN D 287 28.89 -0.78 -48.24
CA GLN D 287 29.67 -1.00 -49.44
C GLN D 287 29.68 -2.48 -49.81
N GLU D 288 29.83 -3.36 -48.83
CA GLU D 288 29.76 -4.80 -49.06
C GLU D 288 28.32 -5.30 -49.31
N HIS D 289 27.34 -4.45 -49.01
CA HIS D 289 25.95 -4.86 -49.12
C HIS D 289 25.04 -3.74 -49.61
N PRO D 290 25.18 -3.36 -50.88
CA PRO D 290 24.30 -2.34 -51.45
C PRO D 290 22.84 -2.74 -51.34
N GLU D 291 22.53 -4.05 -51.31
CA GLU D 291 21.13 -4.50 -51.20
C GLU D 291 20.52 -4.39 -49.81
N TRP D 292 21.35 -4.18 -48.79
CA TRP D 292 20.85 -4.12 -47.43
C TRP D 292 20.13 -2.82 -47.14
N GLY D 293 19.06 -2.93 -46.36
CA GLY D 293 18.31 -1.75 -45.95
C GLY D 293 18.85 -1.18 -44.65
N ASP D 294 18.15 -0.17 -44.15
CA ASP D 294 18.57 0.51 -42.94
C ASP D 294 18.63 -0.41 -41.71
N GLU D 295 17.56 -1.17 -41.45
CA GLU D 295 17.56 -1.99 -40.25
C GLU D 295 18.72 -2.98 -40.13
N GLN D 296 18.98 -3.73 -41.18
CA GLN D 296 19.99 -4.77 -41.09
C GLN D 296 21.40 -4.15 -40.99
N LEU D 297 21.62 -3.02 -41.65
CA LEU D 297 22.88 -2.30 -41.50
C LEU D 297 23.07 -1.94 -40.03
N PHE D 298 22.07 -1.28 -39.46
CA PHE D 298 22.14 -0.95 -38.05
C PHE D 298 22.38 -2.20 -37.20
N GLN D 299 21.52 -3.21 -37.34
CA GLN D 299 21.62 -4.39 -36.48
C GLN D 299 22.98 -5.09 -36.60
N THR D 300 23.44 -5.27 -37.83
CA THR D 300 24.74 -5.90 -38.04
C THR D 300 25.87 -5.05 -37.42
N SER D 301 25.82 -3.73 -37.59
CA SER D 301 26.83 -2.87 -36.97
C SER D 301 26.89 -3.04 -35.44
N ARG D 302 25.74 -2.99 -34.79
CA ARG D 302 25.71 -3.19 -33.34
C ARG D 302 26.35 -4.52 -32.96
N LEU D 303 26.08 -5.56 -33.73
CA LEU D 303 26.72 -6.85 -33.45
C LEU D 303 28.23 -6.76 -33.58
N ILE D 304 28.69 -6.01 -34.58
CA ILE D 304 30.11 -5.83 -34.78
C ILE D 304 30.73 -5.03 -33.63
N LEU D 305 30.18 -3.87 -33.31
CA LEU D 305 30.70 -3.11 -32.17
C LEU D 305 30.72 -3.89 -30.85
N ILE D 306 29.76 -4.80 -30.66
CA ILE D 306 29.78 -5.68 -29.49
C ILE D 306 31.03 -6.54 -29.52
N GLY D 307 31.31 -7.14 -30.67
CA GLY D 307 32.54 -7.87 -30.86
C GLY D 307 33.78 -7.02 -30.57
N GLU D 308 33.89 -5.89 -31.22
CA GLU D 308 35.00 -4.98 -31.00
C GLU D 308 35.20 -4.71 -29.52
N THR D 309 34.10 -4.46 -28.81
CA THR D 309 34.20 -4.12 -27.41
C THR D 309 34.83 -5.26 -26.62
N ILE D 310 34.31 -6.46 -26.79
CA ILE D 310 34.86 -7.61 -26.09
C ILE D 310 36.30 -7.89 -26.50
N LYS D 311 36.60 -7.82 -27.79
CA LYS D 311 37.98 -7.98 -28.27
C LYS D 311 38.92 -7.02 -27.56
N ILE D 312 38.54 -5.74 -27.54
CA ILE D 312 39.35 -4.72 -26.89
C ILE D 312 39.42 -4.88 -25.38
N VAL D 313 38.27 -5.19 -24.77
CA VAL D 313 38.22 -5.34 -23.33
C VAL D 313 39.16 -6.45 -22.82
N ILE D 314 39.33 -7.50 -23.60
CA ILE D 314 40.17 -8.62 -23.16
C ILE D 314 41.62 -8.39 -23.54
N GLU D 315 41.86 -8.02 -24.79
CA GLU D 315 43.24 -7.99 -25.28
C GLU D 315 44.02 -6.71 -25.00
N ASP D 316 43.34 -5.64 -24.59
CA ASP D 316 44.02 -4.38 -24.24
C ASP D 316 43.78 -3.90 -22.81
N TYR D 317 42.50 -3.78 -22.44
CA TYR D 317 42.11 -3.33 -21.11
C TYR D 317 42.54 -4.35 -20.06
N VAL D 318 41.93 -5.53 -20.07
CA VAL D 318 42.31 -6.58 -19.13
C VAL D 318 43.82 -6.87 -19.24
N GLN D 319 44.30 -7.02 -20.46
CA GLN D 319 45.72 -7.25 -20.66
C GLN D 319 46.53 -6.28 -19.81
N HIS D 320 46.26 -4.98 -19.97
CA HIS D 320 46.96 -3.98 -19.19
C HIS D 320 46.82 -4.14 -17.67
N LEU D 321 45.60 -4.24 -17.20
CA LEU D 321 45.41 -4.18 -15.76
C LEU D 321 45.92 -5.45 -15.10
N SER D 322 46.14 -6.49 -15.89
CA SER D 322 46.57 -7.76 -15.33
C SER D 322 48.04 -7.69 -14.97
N GLY D 323 48.80 -7.07 -15.86
CA GLY D 323 50.25 -7.03 -15.73
C GLY D 323 50.95 -8.25 -16.30
N TYR D 324 50.19 -9.18 -16.85
CA TYR D 324 50.74 -10.45 -17.31
C TYR D 324 51.63 -10.21 -18.50
N HIS D 325 52.67 -11.03 -18.62
CA HIS D 325 53.49 -11.07 -19.83
C HIS D 325 52.88 -11.99 -20.90
N PHE D 326 52.01 -12.90 -20.45
CA PHE D 326 51.24 -13.74 -21.34
C PHE D 326 50.23 -12.90 -22.12
N LYS D 327 50.15 -13.13 -23.42
CA LYS D 327 49.23 -12.37 -24.28
C LYS D 327 47.84 -13.01 -24.31
N LEU D 328 46.93 -12.47 -23.50
CA LEU D 328 45.53 -12.92 -23.47
C LEU D 328 44.88 -12.96 -24.87
N LYS D 329 43.85 -13.80 -25.02
CA LYS D 329 43.23 -13.98 -26.33
C LYS D 329 41.70 -13.91 -26.27
N PHE D 330 41.10 -13.19 -27.20
CA PHE D 330 39.65 -13.25 -27.39
C PHE D 330 39.37 -14.20 -28.53
N ASP D 331 38.96 -15.42 -28.18
CA ASP D 331 38.68 -16.44 -29.17
C ASP D 331 37.57 -17.39 -28.71
N PRO D 332 36.32 -17.08 -29.08
CA PRO D 332 35.17 -17.87 -28.64
C PRO D 332 35.34 -19.38 -28.87
N GLU D 333 36.15 -19.77 -29.87
CA GLU D 333 36.33 -21.18 -30.22
C GLU D 333 37.04 -21.98 -29.13
N LEU D 334 37.76 -21.28 -28.27
CA LEU D 334 38.46 -21.93 -27.17
C LEU D 334 37.47 -22.62 -26.24
N LEU D 335 36.22 -22.20 -26.30
CA LEU D 335 35.20 -22.72 -25.41
C LEU D 335 34.26 -23.74 -26.06
N PHE D 336 34.33 -23.89 -27.37
CA PHE D 336 33.41 -24.74 -28.12
C PHE D 336 33.46 -26.22 -27.76
N ASN D 337 34.55 -26.67 -27.13
CA ASN D 337 34.67 -28.05 -26.71
C ASN D 337 34.67 -28.18 -25.18
N GLN D 338 34.20 -27.12 -24.51
CA GLN D 338 34.16 -27.08 -23.05
C GLN D 338 32.73 -26.90 -22.52
N GLN D 339 32.52 -27.24 -21.26
CA GLN D 339 31.27 -26.90 -20.59
C GLN D 339 31.30 -25.42 -20.18
N PHE D 340 30.38 -24.64 -20.74
CA PHE D 340 30.32 -23.22 -20.46
C PHE D 340 28.92 -22.69 -20.76
N GLN D 341 28.40 -21.82 -19.91
CA GLN D 341 27.05 -21.28 -20.11
C GLN D 341 27.05 -19.93 -20.84
N TYR D 342 26.53 -19.90 -22.04
CA TYR D 342 26.39 -18.63 -22.76
C TYR D 342 25.25 -17.76 -22.20
N GLN D 343 25.30 -17.52 -20.89
CA GLN D 343 24.44 -16.54 -20.25
C GLN D 343 25.19 -15.81 -19.13
N ASN D 344 24.61 -14.76 -18.57
CA ASN D 344 25.26 -14.03 -17.49
C ASN D 344 24.31 -13.13 -16.73
N ARG D 345 24.62 -12.87 -15.46
CA ARG D 345 23.84 -11.97 -14.62
C ARG D 345 24.80 -11.17 -13.76
N ILE D 346 24.74 -9.84 -13.82
CA ILE D 346 25.75 -9.07 -13.10
C ILE D 346 25.52 -9.03 -11.59
N ALA D 347 26.55 -9.39 -10.86
CA ALA D 347 26.45 -9.55 -9.42
C ALA D 347 26.63 -8.21 -8.73
N SER D 348 25.90 -8.02 -7.64
CA SER D 348 26.08 -6.84 -6.80
C SER D 348 27.57 -6.66 -6.43
N GLU D 349 28.23 -7.75 -6.02
CA GLU D 349 29.61 -7.67 -5.57
C GLU D 349 30.56 -7.22 -6.67
N PHE D 350 30.25 -7.54 -7.92
CA PHE D 350 31.07 -7.07 -9.04
C PHE D 350 30.97 -5.56 -9.10
N ASN D 351 29.75 -5.06 -8.99
CA ASN D 351 29.49 -3.64 -8.96
C ASN D 351 30.33 -3.03 -7.86
N THR D 352 30.13 -3.52 -6.65
CA THR D 352 30.87 -3.01 -5.50
C THR D 352 32.40 -2.96 -5.70
N LEU D 353 33.02 -4.06 -6.09
CA LEU D 353 34.47 -4.09 -6.26
C LEU D 353 34.98 -3.15 -7.35
N TYR D 354 34.13 -2.82 -8.30
CA TYR D 354 34.54 -2.03 -9.46
C TYR D 354 34.42 -0.54 -9.22
N HIS D 355 34.21 -0.13 -7.97
CA HIS D 355 34.24 1.30 -7.64
C HIS D 355 35.67 1.84 -7.52
N TRP D 356 36.29 2.03 -8.68
CA TRP D 356 37.68 2.38 -8.76
C TRP D 356 37.97 3.89 -8.77
N HIS D 357 37.37 4.63 -7.85
CA HIS D 357 37.53 6.09 -7.80
C HIS D 357 38.95 6.56 -7.51
N PRO D 358 39.73 5.77 -6.76
CA PRO D 358 41.14 6.11 -6.60
C PRO D 358 41.85 6.41 -7.94
N LEU D 359 41.32 5.90 -9.05
CA LEU D 359 41.93 6.17 -10.34
C LEU D 359 41.95 7.67 -10.68
N LEU D 360 40.94 8.40 -10.21
CA LEU D 360 40.79 9.81 -10.53
C LEU D 360 41.91 10.66 -9.96
N PRO D 361 42.37 11.67 -10.73
CA PRO D 361 43.40 12.63 -10.33
C PRO D 361 42.81 13.77 -9.51
N ASP D 362 43.64 14.71 -9.10
CA ASP D 362 43.14 15.86 -8.35
C ASP D 362 42.64 16.95 -9.29
N THR D 363 43.24 17.00 -10.47
CA THR D 363 42.82 17.89 -11.54
C THR D 363 42.90 17.14 -12.86
N PHE D 364 42.07 17.54 -13.81
CA PHE D 364 42.11 16.91 -15.11
C PHE D 364 42.94 17.75 -16.10
N ASN D 365 44.08 17.21 -16.51
CA ASN D 365 44.99 17.97 -17.36
C ASN D 365 44.76 17.70 -18.84
N ILE D 366 43.98 18.56 -19.47
CA ILE D 366 43.74 18.46 -20.91
C ILE D 366 44.76 19.34 -21.61
N GLU D 367 45.97 18.76 -21.69
CA GLU D 367 47.23 19.43 -22.02
C GLU D 367 47.05 20.89 -22.38
N ASP D 368 47.66 21.71 -21.53
CA ASP D 368 47.56 23.18 -21.56
C ASP D 368 46.98 23.62 -20.24
N GLN D 369 45.75 23.17 -19.98
CA GLN D 369 44.98 23.58 -18.82
C GLN D 369 44.84 22.48 -17.75
N GLU D 370 44.41 22.87 -16.56
CA GLU D 370 44.23 21.95 -15.46
C GLU D 370 42.90 22.25 -14.82
N TYR D 371 41.96 21.31 -14.90
CA TYR D 371 40.60 21.56 -14.43
C TYR D 371 40.33 20.82 -13.13
N SER D 372 39.58 21.48 -12.26
CA SER D 372 39.10 20.86 -11.03
C SER D 372 37.85 20.06 -11.35
N PHE D 373 37.41 19.25 -10.40
CA PHE D 373 36.15 18.56 -10.56
C PHE D 373 35.01 19.51 -10.90
N LYS D 374 34.90 20.61 -10.17
CA LYS D 374 33.79 21.54 -10.36
C LYS D 374 33.81 22.05 -11.79
N GLN D 375 35.00 22.29 -12.32
CA GLN D 375 35.15 22.78 -13.69
C GLN D 375 34.82 21.69 -14.70
N PHE D 376 35.23 20.46 -14.41
CA PHE D 376 35.08 19.34 -15.34
C PHE D 376 33.66 18.81 -15.46
N LEU D 377 33.01 18.61 -14.32
CA LEU D 377 31.67 18.02 -14.31
C LEU D 377 30.65 18.67 -15.25
N TYR D 378 29.84 17.84 -15.87
CA TYR D 378 28.80 18.26 -16.80
C TYR D 378 29.21 19.45 -17.67
N ASN D 379 30.48 19.47 -18.06
CA ASN D 379 30.99 20.59 -18.84
C ASN D 379 31.53 20.16 -20.22
N ASN D 380 30.61 19.92 -21.14
CA ASN D 380 30.99 19.45 -22.46
C ASN D 380 31.71 20.49 -23.29
N SER D 381 31.53 21.77 -22.96
CA SER D 381 32.17 22.82 -23.74
C SER D 381 33.68 22.60 -23.75
N ILE D 382 34.21 22.01 -22.68
CA ILE D 382 35.60 21.60 -22.63
C ILE D 382 35.94 20.65 -23.79
N LEU D 383 35.09 19.66 -23.97
CA LEU D 383 35.28 18.71 -25.05
C LEU D 383 35.28 19.44 -26.39
N LEU D 384 34.37 20.40 -26.55
CA LEU D 384 34.29 21.15 -27.80
C LEU D 384 35.49 22.06 -28.02
N GLU D 385 35.94 22.72 -26.97
CA GLU D 385 37.06 23.65 -27.08
C GLU D 385 38.30 22.93 -27.58
N HIS D 386 38.65 21.83 -26.92
CA HIS D 386 39.89 21.11 -27.23
C HIS D 386 39.81 20.14 -28.42
N GLY D 387 38.67 19.48 -28.60
CA GLY D 387 38.51 18.52 -29.66
C GLY D 387 38.92 17.15 -29.19
N LEU D 388 38.62 16.12 -29.95
CA LEU D 388 38.91 14.76 -29.49
C LEU D 388 40.41 14.48 -29.48
N THR D 389 41.10 14.96 -30.52
CA THR D 389 42.53 14.71 -30.65
C THR D 389 43.34 15.12 -29.40
N GLN D 390 43.40 16.43 -29.11
CA GLN D 390 43.82 16.88 -27.79
C GLN D 390 42.72 16.31 -26.91
N PHE D 391 43.07 15.56 -25.87
CA PHE D 391 42.08 14.77 -25.11
C PHE D 391 42.54 13.34 -25.11
N VAL D 392 42.50 12.70 -26.28
CA VAL D 392 43.23 11.46 -26.44
C VAL D 392 44.71 11.69 -26.11
N GLU D 393 45.33 12.67 -26.77
CA GLU D 393 46.73 12.96 -26.51
C GLU D 393 46.91 13.23 -25.04
N SER D 394 46.13 14.16 -24.51
CA SER D 394 46.26 14.56 -23.11
C SER D 394 46.01 13.42 -22.12
N PHE D 395 44.97 12.63 -22.38
CA PHE D 395 44.56 11.60 -21.44
C PHE D 395 45.47 10.39 -21.49
N THR D 396 46.14 10.20 -22.60
CA THR D 396 47.14 9.14 -22.72
C THR D 396 48.36 9.48 -21.89
N ARG D 397 48.59 10.78 -21.73
CA ARG D 397 49.77 11.31 -21.06
C ARG D 397 49.63 11.33 -19.54
N GLN D 398 48.41 11.46 -19.03
CA GLN D 398 48.19 11.62 -17.59
C GLN D 398 48.00 10.30 -16.82
N ILE D 399 48.82 10.08 -15.80
CA ILE D 399 48.68 8.91 -14.91
C ILE D 399 47.46 9.02 -14.02
N ALA D 400 46.76 7.89 -13.90
CA ALA D 400 45.69 7.71 -12.94
C ALA D 400 46.26 7.21 -11.60
N GLY D 401 45.43 7.22 -10.57
CA GLY D 401 45.88 6.88 -9.25
C GLY D 401 45.86 5.40 -8.96
N ARG D 402 46.74 4.96 -8.07
CA ARG D 402 46.70 3.58 -7.58
C ARG D 402 45.39 3.28 -6.80
N VAL D 403 44.84 2.09 -6.99
CA VAL D 403 43.54 1.79 -6.40
C VAL D 403 43.63 1.14 -5.03
N ALA D 404 44.37 0.04 -4.94
CA ALA D 404 44.66 -0.58 -3.65
C ALA D 404 45.76 0.21 -2.95
N GLY D 405 46.08 -0.18 -1.71
CA GLY D 405 47.15 0.47 -0.99
C GLY D 405 46.69 1.52 0.00
N GLY D 406 45.40 1.84 -0.03
CA GLY D 406 44.80 2.70 0.96
C GLY D 406 44.94 4.17 0.65
N ARG D 407 44.09 4.96 1.30
CA ARG D 407 44.18 6.42 1.28
C ARG D 407 44.44 7.02 -0.08
N ASN D 408 43.59 6.74 -1.06
CA ASN D 408 43.73 7.42 -2.32
C ASN D 408 42.41 7.85 -2.94
N VAL D 409 41.35 7.86 -2.15
CA VAL D 409 40.04 8.28 -2.65
C VAL D 409 39.92 9.79 -2.65
N PRO D 410 39.75 10.38 -3.84
CA PRO D 410 39.68 11.82 -3.96
C PRO D 410 38.58 12.39 -3.08
N ILE D 411 38.88 13.46 -2.34
CA ILE D 411 37.90 14.10 -1.49
C ILE D 411 36.67 14.52 -2.28
N ALA D 412 36.85 14.84 -3.54
CA ALA D 412 35.75 15.32 -4.36
C ALA D 412 34.60 14.31 -4.42
N VAL D 413 34.92 13.03 -4.30
CA VAL D 413 33.89 11.98 -4.41
C VAL D 413 33.76 11.19 -3.11
N GLN D 414 34.00 11.84 -1.97
CA GLN D 414 33.93 11.15 -0.70
C GLN D 414 32.52 10.68 -0.39
N ALA D 415 31.52 11.45 -0.83
CA ALA D 415 30.13 11.04 -0.63
C ALA D 415 29.88 9.67 -1.23
N VAL D 416 30.44 9.46 -2.42
CA VAL D 416 30.30 8.21 -3.14
C VAL D 416 30.91 7.05 -2.36
N ALA D 417 32.16 7.21 -1.97
CA ALA D 417 32.84 6.15 -1.23
C ALA D 417 32.13 5.80 0.07
N LYS D 418 31.56 6.81 0.74
CA LYS D 418 30.80 6.51 1.96
C LYS D 418 29.55 5.72 1.60
N ALA D 419 28.80 6.24 0.63
CA ALA D 419 27.68 5.49 0.06
C ALA D 419 28.02 4.01 -0.16
N SER D 420 29.18 3.76 -0.76
CA SER D 420 29.58 2.38 -1.02
C SER D 420 29.62 1.58 0.26
N ILE D 421 30.17 2.17 1.32
CA ILE D 421 30.24 1.46 2.59
C ILE D 421 28.83 1.24 3.09
N ASP D 422 28.07 2.33 3.14
CA ASP D 422 26.70 2.30 3.64
C ASP D 422 25.78 1.31 2.91
N GLN D 423 25.84 1.33 1.59
CA GLN D 423 24.97 0.49 0.79
C GLN D 423 25.42 -0.97 0.87
N SER D 424 26.72 -1.19 0.99
CA SER D 424 27.21 -2.54 1.23
C SER D 424 26.49 -3.16 2.42
N ARG D 425 26.34 -2.37 3.48
CA ARG D 425 25.76 -2.83 4.73
C ARG D 425 24.26 -2.89 4.64
N GLU D 426 23.68 -1.91 3.94
CA GLU D 426 22.25 -1.89 3.68
C GLU D 426 21.88 -3.20 2.95
N MET D 427 22.68 -3.59 1.98
CA MET D 427 22.45 -4.84 1.27
C MET D 427 22.90 -6.09 2.03
N LYS D 428 23.33 -5.92 3.28
CA LYS D 428 23.78 -7.05 4.12
C LYS D 428 24.87 -7.95 3.53
N TYR D 429 25.94 -7.35 2.99
CA TYR D 429 27.10 -8.13 2.54
C TYR D 429 27.71 -8.93 3.68
N GLN D 430 28.27 -10.09 3.35
CA GLN D 430 29.07 -10.83 4.32
C GLN D 430 30.47 -10.22 4.43
N SER D 431 31.27 -10.76 5.34
CA SER D 431 32.61 -10.23 5.64
C SER D 431 33.62 -10.46 4.51
N LEU D 432 34.71 -9.67 4.50
CA LEU D 432 35.78 -9.80 3.51
C LEU D 432 36.30 -11.22 3.48
N ASN D 433 36.50 -11.79 4.67
CA ASN D 433 37.01 -13.15 4.76
C ASN D 433 36.04 -14.21 4.21
N GLU D 434 34.74 -13.95 4.33
CA GLU D 434 33.77 -14.89 3.79
C GLU D 434 33.84 -14.88 2.26
N TYR D 435 34.05 -13.70 1.68
CA TYR D 435 34.19 -13.60 0.23
C TYR D 435 35.50 -14.16 -0.25
N ARG D 436 36.53 -14.04 0.56
CA ARG D 436 37.81 -14.62 0.18
C ARG D 436 37.67 -16.13 0.16
N LYS D 437 37.08 -16.70 1.21
CA LYS D 437 36.86 -18.14 1.24
C LYS D 437 36.04 -18.59 0.01
N ARG D 438 34.99 -17.83 -0.28
CA ARG D 438 34.12 -18.09 -1.40
C ARG D 438 34.88 -18.15 -2.72
N PHE D 439 35.96 -17.40 -2.84
CA PHE D 439 36.73 -17.41 -4.09
C PHE D 439 38.08 -18.13 -3.99
N SER D 440 38.17 -19.07 -3.05
CA SER D 440 39.31 -19.96 -2.94
C SER D 440 40.57 -19.23 -2.49
N LEU D 441 40.40 -18.11 -1.80
CA LEU D 441 41.52 -17.44 -1.17
C LEU D 441 41.59 -17.89 0.28
N LYS D 442 42.78 -17.80 0.86
CA LYS D 442 42.94 -18.05 2.30
C LYS D 442 42.57 -16.78 3.07
N PRO D 443 41.73 -16.91 4.10
CA PRO D 443 41.32 -15.70 4.82
C PRO D 443 42.47 -15.00 5.54
N TYR D 444 42.33 -13.68 5.68
CA TYR D 444 43.29 -12.88 6.39
C TYR D 444 43.22 -13.13 7.89
N THR D 445 44.39 -13.21 8.54
CA THR D 445 44.47 -13.47 9.98
C THR D 445 44.74 -12.22 10.82
N SER D 446 44.92 -11.07 10.19
CA SER D 446 45.20 -9.83 10.90
C SER D 446 45.11 -8.64 9.95
N PHE D 447 44.74 -7.47 10.46
CA PHE D 447 44.63 -6.29 9.61
C PHE D 447 45.97 -5.95 9.01
N GLU D 448 47.00 -6.45 9.66
CA GLU D 448 48.36 -6.16 9.27
C GLU D 448 48.73 -7.03 8.05
N GLU D 449 48.17 -8.24 7.99
CA GLU D 449 48.42 -9.11 6.84
C GLU D 449 47.67 -8.59 5.63
N LEU D 450 46.51 -7.97 5.89
CA LEU D 450 45.69 -7.39 4.84
C LEU D 450 46.36 -6.19 4.16
N THR D 451 46.85 -5.23 4.96
CA THR D 451 47.41 -4.00 4.41
C THR D 451 48.89 -4.11 4.04
N GLY D 452 49.63 -4.97 4.76
CA GLY D 452 51.06 -5.15 4.52
C GLY D 452 51.89 -4.01 5.11
N GLU D 453 51.26 -3.27 6.02
CA GLU D 453 51.91 -2.14 6.68
C GLU D 453 51.37 -2.03 8.09
N LYS D 454 51.83 -1.05 8.85
CA LYS D 454 51.55 -1.02 10.28
C LYS D 454 50.51 0.01 10.69
N GLU D 455 50.53 1.19 10.07
CA GLU D 455 49.69 2.31 10.51
C GLU D 455 48.18 2.16 10.22
N MET D 456 47.81 1.91 8.97
CA MET D 456 46.41 1.74 8.60
C MET D 456 45.84 0.50 9.27
N ALA D 457 46.66 -0.54 9.38
CA ALA D 457 46.26 -1.76 10.06
C ALA D 457 45.83 -1.52 11.52
N ALA D 458 46.64 -0.78 12.27
CA ALA D 458 46.31 -0.47 13.65
C ALA D 458 45.04 0.38 13.73
N GLU D 459 44.90 1.30 12.78
CA GLU D 459 43.71 2.17 12.72
C GLU D 459 42.44 1.33 12.52
N LEU D 460 42.52 0.35 11.62
CA LEU D 460 41.39 -0.53 11.31
C LEU D 460 41.05 -1.43 12.50
N LYS D 461 42.09 -2.01 13.10
CA LYS D 461 41.90 -2.92 14.23
C LYS D 461 41.20 -2.25 15.40
N ALA D 462 41.27 -0.93 15.45
CA ALA D 462 40.66 -0.16 16.53
C ALA D 462 39.19 0.06 16.28
N LEU D 463 38.80 -0.01 15.01
CA LEU D 463 37.41 0.19 14.59
C LEU D 463 36.66 -1.14 14.48
N TYR D 464 37.24 -2.12 13.79
CA TYR D 464 36.56 -3.37 13.53
C TYR D 464 36.81 -4.38 14.64
N SER D 465 38.03 -4.34 15.17
CA SER D 465 38.37 -5.11 16.35
C SER D 465 38.73 -6.56 16.02
N ASP D 466 38.04 -7.14 15.03
CA ASP D 466 38.31 -8.52 14.63
C ASP D 466 38.40 -8.63 13.12
N ILE D 467 39.54 -9.07 12.61
CA ILE D 467 39.73 -9.24 11.16
C ILE D 467 38.55 -9.91 10.47
N ASP D 468 37.94 -10.89 11.13
CA ASP D 468 36.83 -11.67 10.56
C ASP D 468 35.58 -10.83 10.37
N VAL D 469 35.65 -9.55 10.71
CA VAL D 469 34.51 -8.66 10.59
C VAL D 469 34.84 -7.47 9.68
N MET D 470 36.04 -7.50 9.11
CA MET D 470 36.45 -6.53 8.11
C MET D 470 35.52 -6.61 6.89
N GLU D 471 34.99 -5.46 6.48
CA GLU D 471 34.08 -5.35 5.33
C GLU D 471 34.78 -5.48 3.97
N LEU D 472 34.06 -5.97 2.96
CA LEU D 472 34.66 -6.23 1.65
C LEU D 472 35.09 -4.98 0.90
N TYR D 473 34.21 -3.98 0.83
CA TYR D 473 34.55 -2.78 0.08
C TYR D 473 35.83 -2.08 0.56
N PRO D 474 35.87 -1.65 1.84
CA PRO D 474 37.08 -0.98 2.31
C PRO D 474 38.33 -1.83 2.09
N ALA D 475 38.30 -3.09 2.49
CA ALA D 475 39.46 -3.97 2.34
C ALA D 475 40.05 -3.90 0.94
N LEU D 476 39.19 -3.82 -0.07
CA LEU D 476 39.64 -3.82 -1.44
C LEU D 476 40.52 -2.61 -1.73
N LEU D 477 40.07 -1.44 -1.29
CA LEU D 477 40.85 -0.21 -1.52
C LEU D 477 42.08 -0.06 -0.63
N VAL D 478 42.15 -0.85 0.43
CA VAL D 478 43.15 -0.68 1.48
C VAL D 478 44.17 -1.81 1.46
N GLU D 479 43.82 -2.86 0.72
CA GLU D 479 44.58 -4.09 0.66
C GLU D 479 45.98 -3.86 0.09
N LYS D 480 46.94 -4.63 0.59
CA LYS D 480 48.30 -4.54 0.10
C LYS D 480 48.31 -4.87 -1.36
N PRO D 481 48.85 -3.95 -2.17
CA PRO D 481 48.98 -4.16 -3.62
C PRO D 481 49.90 -5.32 -3.92
N ARG D 482 49.65 -6.03 -5.01
CA ARG D 482 50.65 -6.93 -5.56
C ARG D 482 51.82 -6.01 -5.91
N PRO D 483 53.05 -6.55 -5.98
CA PRO D 483 54.28 -5.76 -6.09
C PRO D 483 54.11 -4.36 -6.68
N ASP D 484 54.33 -4.18 -7.96
CA ASP D 484 54.23 -2.82 -8.51
C ASP D 484 52.87 -2.64 -9.17
N ALA D 485 51.86 -3.12 -8.47
CA ALA D 485 50.55 -3.30 -9.06
C ALA D 485 49.55 -2.29 -8.54
N ILE D 486 48.42 -2.23 -9.22
CA ILE D 486 47.38 -1.26 -8.94
C ILE D 486 46.32 -1.85 -8.01
N PHE D 487 46.20 -3.18 -8.02
CA PHE D 487 45.22 -3.90 -7.20
C PHE D 487 45.91 -4.95 -6.35
N GLY D 488 45.24 -5.34 -5.27
CA GLY D 488 45.69 -6.48 -4.47
C GLY D 488 45.03 -7.78 -4.92
N GLU D 489 45.34 -8.86 -4.21
CA GLU D 489 44.81 -10.19 -4.51
C GLU D 489 43.30 -10.25 -4.60
N THR D 490 42.62 -9.77 -3.56
CA THR D 490 41.17 -9.86 -3.51
C THR D 490 40.51 -9.23 -4.75
N MET D 491 40.87 -8.00 -5.08
CA MET D 491 40.32 -7.36 -6.27
C MET D 491 40.40 -8.26 -7.50
N VAL D 492 41.58 -8.81 -7.78
CA VAL D 492 41.77 -9.60 -8.98
C VAL D 492 41.12 -11.00 -8.91
N GLU D 493 40.99 -11.56 -7.73
CA GLU D 493 40.47 -12.93 -7.63
C GLU D 493 38.97 -12.98 -7.55
N LEU D 494 38.33 -11.87 -7.21
CA LEU D 494 36.88 -11.75 -7.33
C LEU D 494 36.53 -11.23 -8.73
N GLY D 495 37.33 -10.30 -9.20
CA GLY D 495 37.03 -9.56 -10.41
C GLY D 495 37.05 -10.41 -11.64
N ALA D 496 38.15 -11.11 -11.86
CA ALA D 496 38.32 -11.87 -13.10
C ALA D 496 37.14 -12.82 -13.41
N PRO D 497 36.73 -13.63 -12.43
CA PRO D 497 35.64 -14.54 -12.74
C PRO D 497 34.41 -13.76 -13.21
N PHE D 498 33.99 -12.76 -12.43
CA PHE D 498 32.84 -11.93 -12.83
C PHE D 498 33.06 -11.34 -14.21
N SER D 499 34.27 -10.87 -14.45
CA SER D 499 34.57 -10.13 -15.67
C SER D 499 34.56 -11.03 -16.89
N LEU D 500 35.12 -12.22 -16.77
CA LEU D 500 35.22 -13.12 -17.90
C LEU D 500 33.89 -13.78 -18.27
N LYS D 501 33.07 -14.07 -17.27
CA LYS D 501 31.73 -14.57 -17.52
C LYS D 501 30.90 -13.55 -18.31
N GLY D 502 30.98 -12.29 -17.91
CA GLY D 502 30.22 -11.24 -18.57
C GLY D 502 30.70 -11.02 -20.00
N LEU D 503 31.94 -11.43 -20.25
CA LEU D 503 32.58 -11.18 -21.53
C LEU D 503 32.33 -12.33 -22.50
N MET D 504 32.52 -13.56 -22.01
CA MET D 504 32.47 -14.72 -22.87
C MET D 504 31.06 -15.29 -22.93
N GLY D 505 30.24 -14.98 -21.92
CA GLY D 505 28.88 -15.51 -21.87
C GLY D 505 27.92 -14.69 -22.70
N ASN D 506 28.45 -13.99 -23.68
CA ASN D 506 27.64 -13.18 -24.56
C ASN D 506 27.23 -14.00 -25.77
N PRO D 507 25.94 -13.95 -26.13
CA PRO D 507 25.44 -14.74 -27.26
C PRO D 507 26.36 -14.75 -28.49
N ILE D 508 27.05 -13.65 -28.79
CA ILE D 508 27.82 -13.64 -30.02
C ILE D 508 29.02 -14.56 -29.92
N CYS D 509 29.32 -15.00 -28.70
CA CYS D 509 30.46 -15.90 -28.48
C CYS D 509 30.07 -17.35 -28.58
N SER D 510 28.78 -17.59 -28.77
CA SER D 510 28.24 -18.93 -28.83
C SER D 510 28.36 -19.42 -30.27
N PRO D 511 28.55 -20.74 -30.45
CA PRO D 511 28.80 -21.34 -31.75
C PRO D 511 27.86 -20.85 -32.85
N GLN D 512 26.57 -20.72 -32.56
CA GLN D 512 25.59 -20.32 -33.57
C GLN D 512 25.84 -18.93 -34.13
N TYR D 513 26.37 -18.07 -33.29
CA TYR D 513 26.58 -16.69 -33.64
C TYR D 513 27.98 -16.46 -34.17
N TRP D 514 28.96 -17.18 -33.62
CA TRP D 514 30.37 -16.92 -33.97
C TRP D 514 30.75 -17.48 -35.35
N LYS D 515 30.35 -16.75 -36.37
CA LYS D 515 30.64 -17.11 -37.75
C LYS D 515 30.44 -15.87 -38.61
N PRO D 516 31.16 -15.80 -39.73
CA PRO D 516 31.22 -14.58 -40.56
C PRO D 516 29.86 -14.02 -40.95
N SER D 517 28.89 -14.89 -41.23
CA SER D 517 27.64 -14.41 -41.78
C SER D 517 26.95 -13.52 -40.75
N THR D 518 27.13 -13.86 -39.48
CA THR D 518 26.51 -13.13 -38.39
C THR D 518 26.85 -11.66 -38.47
N PHE D 519 28.04 -11.36 -38.98
CA PHE D 519 28.56 -10.00 -38.97
C PHE D 519 28.64 -9.40 -40.37
N GLY D 520 27.87 -9.94 -41.29
CA GLY D 520 27.81 -9.39 -42.62
C GLY D 520 28.93 -9.88 -43.50
N GLY D 521 29.63 -10.92 -43.05
CA GLY D 521 30.67 -11.49 -43.88
C GLY D 521 32.08 -11.38 -43.37
N GLU D 522 33.02 -11.91 -44.14
CA GLU D 522 34.39 -12.04 -43.69
C GLU D 522 34.99 -10.69 -43.36
N VAL D 523 34.49 -9.67 -44.04
CA VAL D 523 34.99 -8.30 -43.91
C VAL D 523 34.55 -7.65 -42.58
N GLY D 524 33.32 -7.92 -42.17
CA GLY D 524 32.82 -7.48 -40.87
C GLY D 524 33.45 -8.28 -39.73
N PHE D 525 33.56 -9.59 -39.93
CA PHE D 525 34.19 -10.45 -38.95
C PHE D 525 35.60 -9.95 -38.64
N LYS D 526 36.31 -9.48 -39.65
CA LYS D 526 37.68 -9.04 -39.46
C LYS D 526 37.72 -7.81 -38.54
N ILE D 527 36.78 -6.90 -38.76
CA ILE D 527 36.63 -5.72 -37.94
C ILE D 527 36.67 -6.09 -36.48
N ILE D 528 36.06 -7.23 -36.14
CA ILE D 528 36.12 -7.70 -34.77
C ILE D 528 37.50 -8.25 -34.41
N ASN D 529 38.01 -9.14 -35.25
CA ASN D 529 39.20 -9.90 -34.92
C ASN D 529 40.52 -9.12 -34.98
N THR D 530 40.45 -7.87 -35.44
CA THR D 530 41.64 -7.03 -35.47
C THR D 530 41.48 -5.75 -34.63
N ALA D 531 40.39 -5.66 -33.90
CA ALA D 531 40.10 -4.45 -33.15
C ALA D 531 41.10 -4.26 -32.01
N SER D 532 41.49 -3.00 -31.79
CA SER D 532 42.35 -2.64 -30.67
C SER D 532 41.93 -1.27 -30.20
N ILE D 533 42.27 -0.92 -28.96
CA ILE D 533 41.99 0.42 -28.48
C ILE D 533 42.69 1.39 -29.40
N GLN D 534 43.86 0.99 -29.89
CA GLN D 534 44.64 1.87 -30.76
C GLN D 534 43.91 2.17 -32.06
N SER D 535 43.45 1.13 -32.74
CA SER D 535 42.77 1.33 -34.00
C SER D 535 41.41 2.00 -33.84
N LEU D 536 40.75 1.79 -32.69
CA LEU D 536 39.50 2.48 -32.41
C LEU D 536 39.73 3.99 -32.45
N ILE D 537 40.81 4.45 -31.83
CA ILE D 537 41.13 5.87 -31.84
C ILE D 537 41.62 6.31 -33.21
N CYS D 538 42.41 5.44 -33.83
CA CYS D 538 42.99 5.75 -35.13
C CYS D 538 41.95 5.95 -36.25
N ASN D 539 40.93 5.11 -36.28
CA ASN D 539 39.90 5.18 -37.33
C ASN D 539 38.89 6.28 -37.12
N ASN D 540 38.85 6.87 -35.92
CA ASN D 540 37.75 7.76 -35.58
C ASN D 540 38.17 9.13 -35.09
N VAL D 541 39.44 9.26 -34.71
CA VAL D 541 39.88 10.52 -34.16
C VAL D 541 40.76 11.28 -35.16
N LYS D 542 40.53 12.60 -35.27
CA LYS D 542 41.09 13.45 -36.33
C LYS D 542 42.54 13.26 -36.74
N GLY D 543 43.50 13.34 -35.80
CA GLY D 543 44.88 13.03 -36.18
C GLY D 543 44.90 11.54 -36.38
N CYS D 544 45.99 10.87 -36.08
CA CYS D 544 45.80 9.49 -35.68
C CYS D 544 46.58 9.28 -34.39
N PRO D 545 46.10 9.96 -33.35
CA PRO D 545 46.80 10.09 -32.06
C PRO D 545 47.14 8.74 -31.50
N PHE D 546 48.37 8.61 -31.03
CA PHE D 546 48.79 7.38 -30.40
C PHE D 546 48.07 7.25 -29.08
N THR D 547 47.51 6.07 -28.78
CA THR D 547 46.97 5.84 -27.44
C THR D 547 47.39 4.54 -26.84
N SER D 548 46.97 4.34 -25.60
CA SER D 548 47.34 3.17 -24.82
C SER D 548 46.63 3.32 -23.51
N PHE D 549 46.48 2.22 -22.79
CA PHE D 549 45.93 2.29 -21.44
C PHE D 549 47.10 2.54 -20.50
N ASN D 550 48.17 3.03 -21.09
CA ASN D 550 49.51 2.97 -20.50
C ASN D 550 50.27 4.29 -20.64
N VAL D 551 50.60 4.90 -19.52
CA VAL D 551 51.41 6.10 -19.55
C VAL D 551 52.85 5.70 -19.82
N GLN D 552 53.34 6.10 -20.98
CA GLN D 552 54.69 5.75 -21.43
C GLN D 552 55.73 6.71 -20.87
#